data_1P4U
# 
_entry.id   1P4U 
# 
_audit_conform.dict_name       mmcif_pdbx.dic 
_audit_conform.dict_version    5.386 
_audit_conform.dict_location   http://mmcif.pdb.org/dictionaries/ascii/mmcif_pdbx.dic 
# 
loop_
_database_2.database_id 
_database_2.database_code 
_database_2.pdbx_database_accession 
_database_2.pdbx_DOI 
PDB   1P4U         pdb_00001p4u 10.2210/pdb1p4u/pdb 
RCSB  RCSB019008   ?            ?                   
WWPDB D_1000019008 ?            ?                   
# 
loop_
_pdbx_audit_revision_history.ordinal 
_pdbx_audit_revision_history.data_content_type 
_pdbx_audit_revision_history.major_revision 
_pdbx_audit_revision_history.minor_revision 
_pdbx_audit_revision_history.revision_date 
1 'Structure model' 1 0 2003-07-29 
2 'Structure model' 1 1 2008-04-29 
3 'Structure model' 1 2 2011-07-13 
4 'Structure model' 1 3 2021-10-27 
5 'Structure model' 1 4 2024-02-14 
# 
_pdbx_audit_revision_details.ordinal             1 
_pdbx_audit_revision_details.revision_ordinal    1 
_pdbx_audit_revision_details.data_content_type   'Structure model' 
_pdbx_audit_revision_details.provider            repository 
_pdbx_audit_revision_details.type                'Initial release' 
_pdbx_audit_revision_details.description         ? 
_pdbx_audit_revision_details.details             ? 
# 
loop_
_pdbx_audit_revision_group.ordinal 
_pdbx_audit_revision_group.revision_ordinal 
_pdbx_audit_revision_group.data_content_type 
_pdbx_audit_revision_group.group 
1 2 'Structure model' 'Version format compliance' 
2 3 'Structure model' 'Version format compliance' 
3 4 'Structure model' 'Database references'       
4 5 'Structure model' 'Data collection'           
# 
loop_
_pdbx_audit_revision_category.ordinal 
_pdbx_audit_revision_category.revision_ordinal 
_pdbx_audit_revision_category.data_content_type 
_pdbx_audit_revision_category.category 
1 4 'Structure model' database_2         
2 4 'Structure model' struct_ref_seq_dif 
3 5 'Structure model' chem_comp_atom     
4 5 'Structure model' chem_comp_bond     
# 
loop_
_pdbx_audit_revision_item.ordinal 
_pdbx_audit_revision_item.revision_ordinal 
_pdbx_audit_revision_item.data_content_type 
_pdbx_audit_revision_item.item 
1 4 'Structure model' '_database_2.pdbx_DOI'                
2 4 'Structure model' '_database_2.pdbx_database_accession' 
3 4 'Structure model' '_struct_ref_seq_dif.details'         
# 
_pdbx_database_status.status_code                     REL 
_pdbx_database_status.entry_id                        1P4U 
_pdbx_database_status.recvd_initial_deposition_date   2003-04-24 
_pdbx_database_status.deposit_site                    RCSB 
_pdbx_database_status.process_site                    RCSB 
_pdbx_database_status.status_code_sf                  REL 
_pdbx_database_status.SG_entry                        . 
_pdbx_database_status.pdb_format_compatible           Y 
_pdbx_database_status.status_code_mr                  ? 
_pdbx_database_status.status_code_cs                  ? 
_pdbx_database_status.status_code_nmr_data            ? 
_pdbx_database_status.methods_development_category    ? 
# 
loop_
_audit_author.name 
_audit_author.pdbx_ordinal 
'Miller, G.J.'     1 
'Mattera, R.'      2 
'Bonifacino, J.S.' 3 
'Hurley, J.H.'     4 
# 
_citation.id                        primary 
_citation.title                     'RECOGNITION OF ACCESSORY PROTEIN MOTIFS BY THE GAMMA-ADAPTIN EAR DOMAIN OF GGA3' 
_citation.journal_abbrev            Nat.Struct.Biol. 
_citation.journal_volume            10 
_citation.page_first                599 
_citation.page_last                 606 
_citation.year                      2003 
_citation.journal_id_ASTM           NSBIEW 
_citation.country                   US 
_citation.journal_id_ISSN           1072-8368 
_citation.journal_id_CSD            2024 
_citation.book_publisher            ? 
_citation.pdbx_database_id_PubMed   12858162 
_citation.pdbx_database_id_DOI      10.1038/nsb953 
# 
loop_
_citation_author.citation_id 
_citation_author.name 
_citation_author.ordinal 
_citation_author.identifier_ORCID 
primary 'MILLER, G.J.'     1 ? 
primary 'MATTERA, R.'      2 ? 
primary 'BONIFACINO, J.S.' 3 ? 
primary 'HURLEY, J.H.'     4 ? 
# 
loop_
_entity.id 
_entity.type 
_entity.src_method 
_entity.pdbx_description 
_entity.formula_weight 
_entity.pdbx_number_of_molecules 
_entity.pdbx_ec 
_entity.pdbx_mutation 
_entity.pdbx_fragment 
_entity.details 
1 polymer man 'ADP-ribosylation factor binding protein GGA3' 16530.387 1   ? ? ? ? 
2 polymer syn Rabaptin-5                                     1308.307  1   ? ? ? ? 
3 water   nat water                                          18.015    209 ? ? ? ? 
# 
_entity_name_com.entity_id   1 
_entity_name_com.name        'Golgi-localized, gamma ear-containing, ARF-binding protein 3' 
# 
loop_
_entity_poly.entity_id 
_entity_poly.type 
_entity_poly.nstd_linkage 
_entity_poly.nstd_monomer 
_entity_poly.pdbx_seq_one_letter_code 
_entity_poly.pdbx_seq_one_letter_code_can 
_entity_poly.pdbx_strand_id 
_entity_poly.pdbx_target_identifier 
1 'polypeptide(L)' no no 
;GSPPKGPELSLASIHVPLESIKPSSALPVTAYDKNGFRILFHFAKECPPGRPDVLVVVVSMLNMAPLPVKSIVLQAAAPK
SMKVKLQPPSGTELSPFSPIQPPAAITQVMLLANPLKEKVRLRYKLTFALGEQLSTEVGEVDQFPPVEQWGNL
;
;GSPPKGPELSLASIHVPLESIKPSSALPVTAYDKNGFRILFHFAKECPPGRPDVLVVVVSMLNMAPLPVKSIVLQAAAPK
SMKVKLQPPSGTELSPFSPIQPPAAITQVMLLANPLKEKVRLRYKLTFALGEQLSTEVGEVDQFPPVEQWGNL
;
A ? 
2 'polypeptide(L)' no no DESDFGPLVGADS DESDFGPLVGADS B ? 
# 
_pdbx_entity_nonpoly.entity_id   3 
_pdbx_entity_nonpoly.name        water 
_pdbx_entity_nonpoly.comp_id     HOH 
# 
loop_
_entity_poly_seq.entity_id 
_entity_poly_seq.num 
_entity_poly_seq.mon_id 
_entity_poly_seq.hetero 
1 1   GLY n 
1 2   SER n 
1 3   PRO n 
1 4   PRO n 
1 5   LYS n 
1 6   GLY n 
1 7   PRO n 
1 8   GLU n 
1 9   LEU n 
1 10  SER n 
1 11  LEU n 
1 12  ALA n 
1 13  SER n 
1 14  ILE n 
1 15  HIS n 
1 16  VAL n 
1 17  PRO n 
1 18  LEU n 
1 19  GLU n 
1 20  SER n 
1 21  ILE n 
1 22  LYS n 
1 23  PRO n 
1 24  SER n 
1 25  SER n 
1 26  ALA n 
1 27  LEU n 
1 28  PRO n 
1 29  VAL n 
1 30  THR n 
1 31  ALA n 
1 32  TYR n 
1 33  ASP n 
1 34  LYS n 
1 35  ASN n 
1 36  GLY n 
1 37  PHE n 
1 38  ARG n 
1 39  ILE n 
1 40  LEU n 
1 41  PHE n 
1 42  HIS n 
1 43  PHE n 
1 44  ALA n 
1 45  LYS n 
1 46  GLU n 
1 47  CYS n 
1 48  PRO n 
1 49  PRO n 
1 50  GLY n 
1 51  ARG n 
1 52  PRO n 
1 53  ASP n 
1 54  VAL n 
1 55  LEU n 
1 56  VAL n 
1 57  VAL n 
1 58  VAL n 
1 59  VAL n 
1 60  SER n 
1 61  MET n 
1 62  LEU n 
1 63  ASN n 
1 64  MET n 
1 65  ALA n 
1 66  PRO n 
1 67  LEU n 
1 68  PRO n 
1 69  VAL n 
1 70  LYS n 
1 71  SER n 
1 72  ILE n 
1 73  VAL n 
1 74  LEU n 
1 75  GLN n 
1 76  ALA n 
1 77  ALA n 
1 78  ALA n 
1 79  PRO n 
1 80  LYS n 
1 81  SER n 
1 82  MET n 
1 83  LYS n 
1 84  VAL n 
1 85  LYS n 
1 86  LEU n 
1 87  GLN n 
1 88  PRO n 
1 89  PRO n 
1 90  SER n 
1 91  GLY n 
1 92  THR n 
1 93  GLU n 
1 94  LEU n 
1 95  SER n 
1 96  PRO n 
1 97  PHE n 
1 98  SER n 
1 99  PRO n 
1 100 ILE n 
1 101 GLN n 
1 102 PRO n 
1 103 PRO n 
1 104 ALA n 
1 105 ALA n 
1 106 ILE n 
1 107 THR n 
1 108 GLN n 
1 109 VAL n 
1 110 MET n 
1 111 LEU n 
1 112 LEU n 
1 113 ALA n 
1 114 ASN n 
1 115 PRO n 
1 116 LEU n 
1 117 LYS n 
1 118 GLU n 
1 119 LYS n 
1 120 VAL n 
1 121 ARG n 
1 122 LEU n 
1 123 ARG n 
1 124 TYR n 
1 125 LYS n 
1 126 LEU n 
1 127 THR n 
1 128 PHE n 
1 129 ALA n 
1 130 LEU n 
1 131 GLY n 
1 132 GLU n 
1 133 GLN n 
1 134 LEU n 
1 135 SER n 
1 136 THR n 
1 137 GLU n 
1 138 VAL n 
1 139 GLY n 
1 140 GLU n 
1 141 VAL n 
1 142 ASP n 
1 143 GLN n 
1 144 PHE n 
1 145 PRO n 
1 146 PRO n 
1 147 VAL n 
1 148 GLU n 
1 149 GLN n 
1 150 TRP n 
1 151 GLY n 
1 152 ASN n 
1 153 LEU n 
2 1   ASP n 
2 2   GLU n 
2 3   SER n 
2 4   ASP n 
2 5   PHE n 
2 6   GLY n 
2 7   PRO n 
2 8   LEU n 
2 9   VAL n 
2 10  GLY n 
2 11  ALA n 
2 12  ASP n 
2 13  SER n 
# 
_entity_src_gen.entity_id                          1 
_entity_src_gen.pdbx_src_id                        1 
_entity_src_gen.pdbx_alt_source_flag               sample 
_entity_src_gen.pdbx_seq_type                      ? 
_entity_src_gen.pdbx_beg_seq_num                   ? 
_entity_src_gen.pdbx_end_seq_num                   ? 
_entity_src_gen.gene_src_common_name               human 
_entity_src_gen.gene_src_genus                     Homo 
_entity_src_gen.pdbx_gene_src_gene                 GGA3 
_entity_src_gen.gene_src_species                   ? 
_entity_src_gen.gene_src_strain                    ? 
_entity_src_gen.gene_src_tissue                    ? 
_entity_src_gen.gene_src_tissue_fraction           ? 
_entity_src_gen.gene_src_details                   ? 
_entity_src_gen.pdbx_gene_src_fragment             ? 
_entity_src_gen.pdbx_gene_src_scientific_name      'Homo sapiens' 
_entity_src_gen.pdbx_gene_src_ncbi_taxonomy_id     9606 
_entity_src_gen.pdbx_gene_src_variant              ? 
_entity_src_gen.pdbx_gene_src_cell_line            ? 
_entity_src_gen.pdbx_gene_src_atcc                 ? 
_entity_src_gen.pdbx_gene_src_organ                ? 
_entity_src_gen.pdbx_gene_src_organelle            ? 
_entity_src_gen.pdbx_gene_src_cell                 ? 
_entity_src_gen.pdbx_gene_src_cellular_location    ? 
_entity_src_gen.host_org_common_name               ? 
_entity_src_gen.pdbx_host_org_scientific_name      'Escherichia coli BL21(DE3)' 
_entity_src_gen.pdbx_host_org_ncbi_taxonomy_id     469008 
_entity_src_gen.host_org_genus                     Escherichia 
_entity_src_gen.pdbx_host_org_gene                 ? 
_entity_src_gen.pdbx_host_org_organ                ? 
_entity_src_gen.host_org_species                   'Escherichia coli' 
_entity_src_gen.pdbx_host_org_tissue               ? 
_entity_src_gen.pdbx_host_org_tissue_fraction      ? 
_entity_src_gen.pdbx_host_org_strain               'BL21 (DE3)' 
_entity_src_gen.pdbx_host_org_variant              ? 
_entity_src_gen.pdbx_host_org_cell_line            ? 
_entity_src_gen.pdbx_host_org_atcc                 ? 
_entity_src_gen.pdbx_host_org_culture_collection   ? 
_entity_src_gen.pdbx_host_org_cell                 ? 
_entity_src_gen.pdbx_host_org_organelle            ? 
_entity_src_gen.pdbx_host_org_cellular_location    ? 
_entity_src_gen.pdbx_host_org_vector_type          plasmid 
_entity_src_gen.pdbx_host_org_vector               ? 
_entity_src_gen.host_org_details                   ? 
_entity_src_gen.expression_system_id               ? 
_entity_src_gen.plasmid_name                       pGST-parallel2 
_entity_src_gen.plasmid_details                    ? 
_entity_src_gen.pdbx_description                   ? 
# 
_pdbx_entity_src_syn.entity_id              2 
_pdbx_entity_src_syn.pdbx_src_id            1 
_pdbx_entity_src_syn.pdbx_alt_source_flag   sample 
_pdbx_entity_src_syn.pdbx_beg_seq_num       ? 
_pdbx_entity_src_syn.pdbx_end_seq_num       ? 
_pdbx_entity_src_syn.organism_scientific    ? 
_pdbx_entity_src_syn.organism_common_name   ? 
_pdbx_entity_src_syn.ncbi_taxonomy_id       ? 
_pdbx_entity_src_syn.details                'The peptide was chemically synthesized.' 
# 
loop_
_chem_comp.id 
_chem_comp.type 
_chem_comp.mon_nstd_flag 
_chem_comp.name 
_chem_comp.pdbx_synonyms 
_chem_comp.formula 
_chem_comp.formula_weight 
ALA 'L-peptide linking' y ALANINE         ? 'C3 H7 N O2'     89.093  
ARG 'L-peptide linking' y ARGININE        ? 'C6 H15 N4 O2 1' 175.209 
ASN 'L-peptide linking' y ASPARAGINE      ? 'C4 H8 N2 O3'    132.118 
ASP 'L-peptide linking' y 'ASPARTIC ACID' ? 'C4 H7 N O4'     133.103 
CYS 'L-peptide linking' y CYSTEINE        ? 'C3 H7 N O2 S'   121.158 
GLN 'L-peptide linking' y GLUTAMINE       ? 'C5 H10 N2 O3'   146.144 
GLU 'L-peptide linking' y 'GLUTAMIC ACID' ? 'C5 H9 N O4'     147.129 
GLY 'peptide linking'   y GLYCINE         ? 'C2 H5 N O2'     75.067  
HIS 'L-peptide linking' y HISTIDINE       ? 'C6 H10 N3 O2 1' 156.162 
HOH non-polymer         . WATER           ? 'H2 O'           18.015  
ILE 'L-peptide linking' y ISOLEUCINE      ? 'C6 H13 N O2'    131.173 
LEU 'L-peptide linking' y LEUCINE         ? 'C6 H13 N O2'    131.173 
LYS 'L-peptide linking' y LYSINE          ? 'C6 H15 N2 O2 1' 147.195 
MET 'L-peptide linking' y METHIONINE      ? 'C5 H11 N O2 S'  149.211 
PHE 'L-peptide linking' y PHENYLALANINE   ? 'C9 H11 N O2'    165.189 
PRO 'L-peptide linking' y PROLINE         ? 'C5 H9 N O2'     115.130 
SER 'L-peptide linking' y SERINE          ? 'C3 H7 N O3'     105.093 
THR 'L-peptide linking' y THREONINE       ? 'C4 H9 N O3'     119.119 
TRP 'L-peptide linking' y TRYPTOPHAN      ? 'C11 H12 N2 O2'  204.225 
TYR 'L-peptide linking' y TYROSINE        ? 'C9 H11 N O3'    181.189 
VAL 'L-peptide linking' y VALINE          ? 'C5 H11 N O2'    117.146 
# 
loop_
_pdbx_poly_seq_scheme.asym_id 
_pdbx_poly_seq_scheme.entity_id 
_pdbx_poly_seq_scheme.seq_id 
_pdbx_poly_seq_scheme.mon_id 
_pdbx_poly_seq_scheme.ndb_seq_num 
_pdbx_poly_seq_scheme.pdb_seq_num 
_pdbx_poly_seq_scheme.auth_seq_num 
_pdbx_poly_seq_scheme.pdb_mon_id 
_pdbx_poly_seq_scheme.auth_mon_id 
_pdbx_poly_seq_scheme.pdb_strand_id 
_pdbx_poly_seq_scheme.pdb_ins_code 
_pdbx_poly_seq_scheme.hetero 
A 1 1   GLY 1   571 ?   ?   ?   A . n 
A 1 2   SER 2   572 ?   ?   ?   A . n 
A 1 3   PRO 3   573 ?   ?   ?   A . n 
A 1 4   PRO 4   574 ?   ?   ?   A . n 
A 1 5   LYS 5   575 ?   ?   ?   A . n 
A 1 6   GLY 6   576 ?   ?   ?   A . n 
A 1 7   PRO 7   577 ?   ?   ?   A . n 
A 1 8   GLU 8   578 ?   ?   ?   A . n 
A 1 9   LEU 9   579 579 LEU LEU A . n 
A 1 10  SER 10  580 580 SER SER A . n 
A 1 11  LEU 11  581 581 LEU LEU A . n 
A 1 12  ALA 12  582 582 ALA ALA A . n 
A 1 13  SER 13  583 583 SER SER A . n 
A 1 14  ILE 14  584 584 ILE ILE A . n 
A 1 15  HIS 15  585 585 HIS HIS A . n 
A 1 16  VAL 16  586 586 VAL VAL A . n 
A 1 17  PRO 17  587 587 PRO PRO A . n 
A 1 18  LEU 18  588 588 LEU LEU A . n 
A 1 19  GLU 19  589 589 GLU GLU A . n 
A 1 20  SER 20  590 590 SER SER A . n 
A 1 21  ILE 21  591 591 ILE ILE A . n 
A 1 22  LYS 22  592 592 LYS LYS A . n 
A 1 23  PRO 23  593 593 PRO PRO A . n 
A 1 24  SER 24  594 594 SER SER A . n 
A 1 25  SER 25  595 595 SER SER A . n 
A 1 26  ALA 26  596 596 ALA ALA A . n 
A 1 27  LEU 27  597 597 LEU LEU A . n 
A 1 28  PRO 28  598 598 PRO PRO A . n 
A 1 29  VAL 29  599 599 VAL VAL A . n 
A 1 30  THR 30  600 600 THR THR A . n 
A 1 31  ALA 31  601 601 ALA ALA A . n 
A 1 32  TYR 32  602 602 TYR TYR A . n 
A 1 33  ASP 33  603 603 ASP ASP A . n 
A 1 34  LYS 34  604 604 LYS LYS A . n 
A 1 35  ASN 35  605 605 ASN ASN A . n 
A 1 36  GLY 36  606 606 GLY GLY A . n 
A 1 37  PHE 37  607 607 PHE PHE A . n 
A 1 38  ARG 38  608 608 ARG ARG A . n 
A 1 39  ILE 39  609 609 ILE ILE A . n 
A 1 40  LEU 40  610 610 LEU LEU A . n 
A 1 41  PHE 41  611 611 PHE PHE A . n 
A 1 42  HIS 42  612 612 HIS HIS A . n 
A 1 43  PHE 43  613 613 PHE PHE A . n 
A 1 44  ALA 44  614 614 ALA ALA A . n 
A 1 45  LYS 45  615 615 LYS LYS A . n 
A 1 46  GLU 46  616 616 GLU GLU A . n 
A 1 47  CYS 47  617 617 CYS CYS A . n 
A 1 48  PRO 48  618 618 PRO PRO A . n 
A 1 49  PRO 49  619 619 PRO PRO A . n 
A 1 50  GLY 50  620 620 GLY GLY A . n 
A 1 51  ARG 51  621 621 ARG ARG A . n 
A 1 52  PRO 52  622 622 PRO PRO A . n 
A 1 53  ASP 53  623 623 ASP ASP A . n 
A 1 54  VAL 54  624 624 VAL VAL A . n 
A 1 55  LEU 55  625 625 LEU LEU A . n 
A 1 56  VAL 56  626 626 VAL VAL A . n 
A 1 57  VAL 57  627 627 VAL VAL A . n 
A 1 58  VAL 58  628 628 VAL VAL A . n 
A 1 59  VAL 59  629 629 VAL VAL A . n 
A 1 60  SER 60  630 630 SER SER A . n 
A 1 61  MET 61  631 631 MET MET A . n 
A 1 62  LEU 62  632 632 LEU LEU A . n 
A 1 63  ASN 63  633 633 ASN ASN A . n 
A 1 64  MET 64  634 634 MET MET A . n 
A 1 65  ALA 65  635 635 ALA ALA A . n 
A 1 66  PRO 66  636 636 PRO PRO A . n 
A 1 67  LEU 67  637 637 LEU LEU A . n 
A 1 68  PRO 68  638 638 PRO PRO A . n 
A 1 69  VAL 69  639 639 VAL VAL A . n 
A 1 70  LYS 70  640 640 LYS LYS A . n 
A 1 71  SER 71  641 641 SER SER A . n 
A 1 72  ILE 72  642 642 ILE ILE A . n 
A 1 73  VAL 73  643 643 VAL VAL A . n 
A 1 74  LEU 74  644 644 LEU LEU A . n 
A 1 75  GLN 75  645 645 GLN GLN A . n 
A 1 76  ALA 76  646 646 ALA ALA A . n 
A 1 77  ALA 77  647 647 ALA ALA A . n 
A 1 78  ALA 78  648 648 ALA ALA A . n 
A 1 79  PRO 79  649 649 PRO PRO A . n 
A 1 80  LYS 80  650 650 LYS LYS A . n 
A 1 81  SER 81  651 651 SER SER A . n 
A 1 82  MET 82  652 652 MET MET A . n 
A 1 83  LYS 83  653 653 LYS LYS A . n 
A 1 84  VAL 84  654 654 VAL VAL A . n 
A 1 85  LYS 85  655 655 LYS LYS A . n 
A 1 86  LEU 86  656 656 LEU LEU A . n 
A 1 87  GLN 87  657 657 GLN GLN A . n 
A 1 88  PRO 88  658 658 PRO PRO A . n 
A 1 89  PRO 89  659 659 PRO PRO A . n 
A 1 90  SER 90  660 660 SER SER A . n 
A 1 91  GLY 91  661 661 GLY GLY A . n 
A 1 92  THR 92  662 662 THR THR A . n 
A 1 93  GLU 93  663 663 GLU GLU A . n 
A 1 94  LEU 94  664 664 LEU LEU A . n 
A 1 95  SER 95  665 665 SER SER A . n 
A 1 96  PRO 96  666 666 PRO PRO A . n 
A 1 97  PHE 97  667 667 PHE PHE A . n 
A 1 98  SER 98  668 668 SER SER A . n 
A 1 99  PRO 99  669 669 PRO PRO A . n 
A 1 100 ILE 100 670 670 ILE ILE A . n 
A 1 101 GLN 101 671 671 GLN GLN A . n 
A 1 102 PRO 102 672 672 PRO PRO A . n 
A 1 103 PRO 103 673 673 PRO PRO A . n 
A 1 104 ALA 104 674 674 ALA ALA A . n 
A 1 105 ALA 105 675 675 ALA ALA A . n 
A 1 106 ILE 106 676 676 ILE ILE A . n 
A 1 107 THR 107 677 677 THR THR A . n 
A 1 108 GLN 108 678 678 GLN GLN A . n 
A 1 109 VAL 109 679 679 VAL VAL A . n 
A 1 110 MET 110 680 680 MET MET A . n 
A 1 111 LEU 111 681 681 LEU LEU A . n 
A 1 112 LEU 112 682 682 LEU LEU A . n 
A 1 113 ALA 113 683 683 ALA ALA A . n 
A 1 114 ASN 114 684 684 ASN ASN A . n 
A 1 115 PRO 115 685 685 PRO PRO A . n 
A 1 116 LEU 116 686 686 LEU LEU A . n 
A 1 117 LYS 117 687 687 LYS LYS A . n 
A 1 118 GLU 118 688 688 GLU GLU A . n 
A 1 119 LYS 119 689 689 LYS LYS A . n 
A 1 120 VAL 120 690 690 VAL VAL A . n 
A 1 121 ARG 121 691 691 ARG ARG A . n 
A 1 122 LEU 122 692 692 LEU LEU A . n 
A 1 123 ARG 123 693 693 ARG ARG A . n 
A 1 124 TYR 124 694 694 TYR TYR A . n 
A 1 125 LYS 125 695 695 LYS LYS A . n 
A 1 126 LEU 126 696 696 LEU LEU A . n 
A 1 127 THR 127 697 697 THR THR A . n 
A 1 128 PHE 128 698 698 PHE PHE A . n 
A 1 129 ALA 129 699 699 ALA ALA A . n 
A 1 130 LEU 130 700 700 LEU LEU A . n 
A 1 131 GLY 131 701 701 GLY GLY A . n 
A 1 132 GLU 132 702 702 GLU GLU A . n 
A 1 133 GLN 133 703 703 GLN GLN A . n 
A 1 134 LEU 134 704 704 LEU LEU A . n 
A 1 135 SER 135 705 705 SER SER A . n 
A 1 136 THR 136 706 706 THR THR A . n 
A 1 137 GLU 137 707 707 GLU GLU A . n 
A 1 138 VAL 138 708 708 VAL VAL A . n 
A 1 139 GLY 139 709 709 GLY GLY A . n 
A 1 140 GLU 140 710 710 GLU GLU A . n 
A 1 141 VAL 141 711 711 VAL VAL A . n 
A 1 142 ASP 142 712 712 ASP ASP A . n 
A 1 143 GLN 143 713 713 GLN GLN A . n 
A 1 144 PHE 144 714 714 PHE PHE A . n 
A 1 145 PRO 145 715 715 PRO PRO A . n 
A 1 146 PRO 146 716 716 PRO PRO A . n 
A 1 147 VAL 147 717 717 VAL VAL A . n 
A 1 148 GLU 148 718 718 GLU GLU A . n 
A 1 149 GLN 149 719 719 GLN GLN A . n 
A 1 150 TRP 150 720 720 TRP TRP A . n 
A 1 151 GLY 151 721 721 GLY GLY A . n 
A 1 152 ASN 152 722 722 ASN ASN A . n 
A 1 153 LEU 153 723 723 LEU LEU A . n 
B 2 1   ASP 1   -4  ?   ?   ?   B . n 
B 2 2   GLU 2   -3  ?   ?   ?   B . n 
B 2 3   SER 3   -2  ?   ?   ?   B . n 
B 2 4   ASP 4   -1  -1  ASP ASP B . n 
B 2 5   PHE 5   0   0   PHE PHE B . n 
B 2 6   GLY 6   1   1   GLY GLY B . n 
B 2 7   PRO 7   2   2   PRO PRO B . n 
B 2 8   LEU 8   3   3   LEU LEU B . n 
B 2 9   VAL 9   4   4   VAL VAL B . n 
B 2 10  GLY 10  5   5   GLY GLY B . n 
B 2 11  ALA 11  6   6   ALA ALA B . n 
B 2 12  ASP 12  7   ?   ?   ?   B . n 
B 2 13  SER 13  8   ?   ?   ?   B . n 
# 
loop_
_pdbx_nonpoly_scheme.asym_id 
_pdbx_nonpoly_scheme.entity_id 
_pdbx_nonpoly_scheme.mon_id 
_pdbx_nonpoly_scheme.ndb_seq_num 
_pdbx_nonpoly_scheme.pdb_seq_num 
_pdbx_nonpoly_scheme.auth_seq_num 
_pdbx_nonpoly_scheme.pdb_mon_id 
_pdbx_nonpoly_scheme.auth_mon_id 
_pdbx_nonpoly_scheme.pdb_strand_id 
_pdbx_nonpoly_scheme.pdb_ins_code 
C 3 HOH 1   1   1   HOH HOH A . 
C 3 HOH 2   2   2   HOH HOH A . 
C 3 HOH 3   3   3   HOH HOH A . 
C 3 HOH 4   4   4   HOH HOH A . 
C 3 HOH 5   5   5   HOH HOH A . 
C 3 HOH 6   6   6   HOH HOH A . 
C 3 HOH 7   7   7   HOH HOH A . 
C 3 HOH 8   8   8   HOH HOH A . 
C 3 HOH 9   9   9   HOH HOH A . 
C 3 HOH 10  10  10  HOH HOH A . 
C 3 HOH 11  11  11  HOH HOH A . 
C 3 HOH 12  12  12  HOH HOH A . 
C 3 HOH 13  13  13  HOH HOH A . 
C 3 HOH 14  14  14  HOH HOH A . 
C 3 HOH 15  15  15  HOH HOH A . 
C 3 HOH 16  16  16  HOH HOH A . 
C 3 HOH 17  17  17  HOH HOH A . 
C 3 HOH 18  18  18  HOH HOH A . 
C 3 HOH 19  19  19  HOH HOH A . 
C 3 HOH 20  21  21  HOH HOH A . 
C 3 HOH 21  22  22  HOH HOH A . 
C 3 HOH 22  23  23  HOH HOH A . 
C 3 HOH 23  24  24  HOH HOH A . 
C 3 HOH 24  25  25  HOH HOH A . 
C 3 HOH 25  26  26  HOH HOH A . 
C 3 HOH 26  27  27  HOH HOH A . 
C 3 HOH 27  28  28  HOH HOH A . 
C 3 HOH 28  29  29  HOH HOH A . 
C 3 HOH 29  30  30  HOH HOH A . 
C 3 HOH 30  31  31  HOH HOH A . 
C 3 HOH 31  32  32  HOH HOH A . 
C 3 HOH 32  33  33  HOH HOH A . 
C 3 HOH 33  34  34  HOH HOH A . 
C 3 HOH 34  36  36  HOH HOH A . 
C 3 HOH 35  37  37  HOH HOH A . 
C 3 HOH 36  38  38  HOH HOH A . 
C 3 HOH 37  39  39  HOH HOH A . 
C 3 HOH 38  40  40  HOH HOH A . 
C 3 HOH 39  41  41  HOH HOH A . 
C 3 HOH 40  42  42  HOH HOH A . 
C 3 HOH 41  44  44  HOH HOH A . 
C 3 HOH 42  45  45  HOH HOH A . 
C 3 HOH 43  46  46  HOH HOH A . 
C 3 HOH 44  47  47  HOH HOH A . 
C 3 HOH 45  48  48  HOH HOH A . 
C 3 HOH 46  49  49  HOH HOH A . 
C 3 HOH 47  50  50  HOH HOH A . 
C 3 HOH 48  51  51  HOH HOH A . 
C 3 HOH 49  52  52  HOH HOH A . 
C 3 HOH 50  53  53  HOH HOH A . 
C 3 HOH 51  54  54  HOH HOH A . 
C 3 HOH 52  55  55  HOH HOH A . 
C 3 HOH 53  56  56  HOH HOH A . 
C 3 HOH 54  58  58  HOH HOH A . 
C 3 HOH 55  59  59  HOH HOH A . 
C 3 HOH 56  60  60  HOH HOH A . 
C 3 HOH 57  61  61  HOH HOH A . 
C 3 HOH 58  62  62  HOH HOH A . 
C 3 HOH 59  63  63  HOH HOH A . 
C 3 HOH 60  64  64  HOH HOH A . 
C 3 HOH 61  65  65  HOH HOH A . 
C 3 HOH 62  66  66  HOH HOH A . 
C 3 HOH 63  67  67  HOH HOH A . 
C 3 HOH 64  68  68  HOH HOH A . 
C 3 HOH 65  69  69  HOH HOH A . 
C 3 HOH 66  70  70  HOH HOH A . 
C 3 HOH 67  72  72  HOH HOH A . 
C 3 HOH 68  73  73  HOH HOH A . 
C 3 HOH 69  74  74  HOH HOH A . 
C 3 HOH 70  75  75  HOH HOH A . 
C 3 HOH 71  76  76  HOH HOH A . 
C 3 HOH 72  78  78  HOH HOH A . 
C 3 HOH 73  79  79  HOH HOH A . 
C 3 HOH 74  80  80  HOH HOH A . 
C 3 HOH 75  81  81  HOH HOH A . 
C 3 HOH 76  82  82  HOH HOH A . 
C 3 HOH 77  83  83  HOH HOH A . 
C 3 HOH 78  84  84  HOH HOH A . 
C 3 HOH 79  85  85  HOH HOH A . 
C 3 HOH 80  86  86  HOH HOH A . 
C 3 HOH 81  87  87  HOH HOH A . 
C 3 HOH 82  88  88  HOH HOH A . 
C 3 HOH 83  89  89  HOH HOH A . 
C 3 HOH 84  90  90  HOH HOH A . 
C 3 HOH 85  91  91  HOH HOH A . 
C 3 HOH 86  92  92  HOH HOH A . 
C 3 HOH 87  93  93  HOH HOH A . 
C 3 HOH 88  94  94  HOH HOH A . 
C 3 HOH 89  95  95  HOH HOH A . 
C 3 HOH 90  97  97  HOH HOH A . 
C 3 HOH 91  98  98  HOH HOH A . 
C 3 HOH 92  99  99  HOH HOH A . 
C 3 HOH 93  100 100 HOH HOH A . 
C 3 HOH 94  101 101 HOH HOH A . 
C 3 HOH 95  102 102 HOH HOH A . 
C 3 HOH 96  105 105 HOH HOH A . 
C 3 HOH 97  106 106 HOH HOH A . 
C 3 HOH 98  107 107 HOH HOH A . 
C 3 HOH 99  108 108 HOH HOH A . 
C 3 HOH 100 109 109 HOH HOH A . 
C 3 HOH 101 110 110 HOH HOH A . 
C 3 HOH 102 111 111 HOH HOH A . 
C 3 HOH 103 112 112 HOH HOH A . 
C 3 HOH 104 113 113 HOH HOH A . 
C 3 HOH 105 114 114 HOH HOH A . 
C 3 HOH 106 115 115 HOH HOH A . 
C 3 HOH 107 116 116 HOH HOH A . 
C 3 HOH 108 117 117 HOH HOH A . 
C 3 HOH 109 118 118 HOH HOH A . 
C 3 HOH 110 119 119 HOH HOH A . 
C 3 HOH 111 120 120 HOH HOH A . 
C 3 HOH 112 121 121 HOH HOH A . 
C 3 HOH 113 122 122 HOH HOH A . 
C 3 HOH 114 123 123 HOH HOH A . 
C 3 HOH 115 124 124 HOH HOH A . 
C 3 HOH 116 125 125 HOH HOH A . 
C 3 HOH 117 126 126 HOH HOH A . 
C 3 HOH 118 127 127 HOH HOH A . 
C 3 HOH 119 128 128 HOH HOH A . 
C 3 HOH 120 129 129 HOH HOH A . 
C 3 HOH 121 130 130 HOH HOH A . 
C 3 HOH 122 131 131 HOH HOH A . 
C 3 HOH 123 132 132 HOH HOH A . 
C 3 HOH 124 133 133 HOH HOH A . 
C 3 HOH 125 134 134 HOH HOH A . 
C 3 HOH 126 135 135 HOH HOH A . 
C 3 HOH 127 136 136 HOH HOH A . 
C 3 HOH 128 137 137 HOH HOH A . 
C 3 HOH 129 138 138 HOH HOH A . 
C 3 HOH 130 139 139 HOH HOH A . 
C 3 HOH 131 140 140 HOH HOH A . 
C 3 HOH 132 141 141 HOH HOH A . 
C 3 HOH 133 142 142 HOH HOH A . 
C 3 HOH 134 143 143 HOH HOH A . 
C 3 HOH 135 144 144 HOH HOH A . 
C 3 HOH 136 145 145 HOH HOH A . 
C 3 HOH 137 146 146 HOH HOH A . 
C 3 HOH 138 148 148 HOH HOH A . 
C 3 HOH 139 149 149 HOH HOH A . 
C 3 HOH 140 150 150 HOH HOH A . 
C 3 HOH 141 151 151 HOH HOH A . 
C 3 HOH 142 153 153 HOH HOH A . 
C 3 HOH 143 154 154 HOH HOH A . 
C 3 HOH 144 155 155 HOH HOH A . 
C 3 HOH 145 156 156 HOH HOH A . 
C 3 HOH 146 157 157 HOH HOH A . 
C 3 HOH 147 158 158 HOH HOH A . 
C 3 HOH 148 159 159 HOH HOH A . 
C 3 HOH 149 160 160 HOH HOH A . 
C 3 HOH 150 161 161 HOH HOH A . 
C 3 HOH 151 162 162 HOH HOH A . 
C 3 HOH 152 163 163 HOH HOH A . 
C 3 HOH 153 164 164 HOH HOH A . 
C 3 HOH 154 165 165 HOH HOH A . 
C 3 HOH 155 166 166 HOH HOH A . 
C 3 HOH 156 167 167 HOH HOH A . 
C 3 HOH 157 168 168 HOH HOH A . 
C 3 HOH 158 169 169 HOH HOH A . 
C 3 HOH 159 171 171 HOH HOH A . 
C 3 HOH 160 172 172 HOH HOH A . 
C 3 HOH 161 173 173 HOH HOH A . 
C 3 HOH 162 174 174 HOH HOH A . 
C 3 HOH 163 175 175 HOH HOH A . 
C 3 HOH 164 176 176 HOH HOH A . 
C 3 HOH 165 177 177 HOH HOH A . 
C 3 HOH 166 178 178 HOH HOH A . 
C 3 HOH 167 179 179 HOH HOH A . 
C 3 HOH 168 180 180 HOH HOH A . 
C 3 HOH 169 181 181 HOH HOH A . 
C 3 HOH 170 182 182 HOH HOH A . 
C 3 HOH 171 183 183 HOH HOH A . 
C 3 HOH 172 184 184 HOH HOH A . 
C 3 HOH 173 185 185 HOH HOH A . 
C 3 HOH 174 186 186 HOH HOH A . 
C 3 HOH 175 187 187 HOH HOH A . 
C 3 HOH 176 188 188 HOH HOH A . 
C 3 HOH 177 189 189 HOH HOH A . 
C 3 HOH 178 190 190 HOH HOH A . 
C 3 HOH 179 191 191 HOH HOH A . 
C 3 HOH 180 192 192 HOH HOH A . 
C 3 HOH 181 193 193 HOH HOH A . 
C 3 HOH 182 194 194 HOH HOH A . 
C 3 HOH 183 195 195 HOH HOH A . 
C 3 HOH 184 196 196 HOH HOH A . 
C 3 HOH 185 197 197 HOH HOH A . 
C 3 HOH 186 198 198 HOH HOH A . 
C 3 HOH 187 199 199 HOH HOH A . 
C 3 HOH 188 200 200 HOH HOH A . 
C 3 HOH 189 201 201 HOH HOH A . 
C 3 HOH 190 202 202 HOH HOH A . 
C 3 HOH 191 203 203 HOH HOH A . 
C 3 HOH 192 204 204 HOH HOH A . 
C 3 HOH 193 205 205 HOH HOH A . 
C 3 HOH 194 206 206 HOH HOH A . 
C 3 HOH 195 207 207 HOH HOH A . 
C 3 HOH 196 208 208 HOH HOH A . 
C 3 HOH 197 209 209 HOH HOH A . 
D 3 HOH 1   20  20  HOH HOH B . 
D 3 HOH 2   35  35  HOH HOH B . 
D 3 HOH 3   43  43  HOH HOH B . 
D 3 HOH 4   57  57  HOH HOH B . 
D 3 HOH 5   71  71  HOH HOH B . 
D 3 HOH 6   77  77  HOH HOH B . 
D 3 HOH 7   96  96  HOH HOH B . 
D 3 HOH 8   103 103 HOH HOH B . 
D 3 HOH 9   104 104 HOH HOH B . 
D 3 HOH 10  147 147 HOH HOH B . 
D 3 HOH 11  152 152 HOH HOH B . 
D 3 HOH 12  170 170 HOH HOH B . 
# 
loop_
_software.name 
_software.classification 
_software.version 
_software.citation_id 
_software.pdbx_ordinal 
CNS       refinement       1.1 ? 1 
DENZO     'data reduction' .   ? 2 
SCALEPACK 'data scaling'   .   ? 3 
# 
_cell.entry_id           1P4U 
_cell.length_a           45.200 
_cell.length_b           85.200 
_cell.length_c           97.000 
_cell.angle_alpha        90.00 
_cell.angle_beta         90.00 
_cell.angle_gamma        90.00 
_cell.Z_PDB              8 
_cell.pdbx_unique_axis   ? 
# 
_symmetry.entry_id                         1P4U 
_symmetry.space_group_name_H-M             'C 2 2 21' 
_symmetry.pdbx_full_space_group_name_H-M   ? 
_symmetry.cell_setting                     ? 
_symmetry.Int_Tables_number                20 
# 
_exptl.entry_id          1P4U 
_exptl.method            'X-RAY DIFFRACTION' 
_exptl.crystals_number   1 
# 
_exptl_crystal.id                    1 
_exptl_crystal.density_meas          ? 
_exptl_crystal.density_Matthews      2.99 
_exptl_crystal.density_percent_sol   58.8 
_exptl_crystal.description           ? 
# 
_exptl_crystal_grow.crystal_id      1 
_exptl_crystal_grow.method          ? 
_exptl_crystal_grow.temp            ? 
_exptl_crystal_grow.temp_details    ? 
_exptl_crystal_grow.pH              6.5 
_exptl_crystal_grow.pdbx_details    '1.6M sodium citrate, pH 6.5' 
_exptl_crystal_grow.pdbx_pH_range   . 
# 
_diffrn.id                     1 
_diffrn.ambient_temp           95 
_diffrn.ambient_temp_details   ? 
_diffrn.crystal_id             1 
# 
_diffrn_detector.diffrn_id              1 
_diffrn_detector.detector               'IMAGE PLATE' 
_diffrn_detector.type                   'RIGAKU RAXIS IV' 
_diffrn_detector.pdbx_collection_date   2002-09-28 
_diffrn_detector.details                'Osmic mirrors' 
# 
_diffrn_radiation.diffrn_id                        1 
_diffrn_radiation.wavelength_id                    1 
_diffrn_radiation.pdbx_monochromatic_or_laue_m_l   M 
_diffrn_radiation.monochromator                    ? 
_diffrn_radiation.pdbx_diffrn_protocol             'SINGLE WAVELENGTH' 
_diffrn_radiation.pdbx_scattering_type             x-ray 
# 
_diffrn_radiation_wavelength.id           1 
_diffrn_radiation_wavelength.wavelength   1.5418 
_diffrn_radiation_wavelength.wt           1.0 
# 
_diffrn_source.diffrn_id                   1 
_diffrn_source.source                      'ROTATING ANODE' 
_diffrn_source.type                        'RIGAKU RU200' 
_diffrn_source.pdbx_synchrotron_site       ? 
_diffrn_source.pdbx_synchrotron_beamline   ? 
_diffrn_source.pdbx_wavelength             1.5418 
_diffrn_source.pdbx_wavelength_list        ? 
# 
_reflns.entry_id                     1P4U 
_reflns.observed_criterion_sigma_I   ? 
_reflns.observed_criterion_sigma_F   ? 
_reflns.d_resolution_low             50 
_reflns.d_resolution_high            2.2 
_reflns.number_obs                   9417 
_reflns.number_all                   ? 
_reflns.percent_possible_obs         97.8 
_reflns.pdbx_Rmerge_I_obs            0.044 
_reflns.pdbx_Rsym_value              ? 
_reflns.pdbx_netI_over_sigmaI        19.8 
_reflns.B_iso_Wilson_estimate        14.7 
_reflns.pdbx_redundancy              4.1 
_reflns.R_free_details               ? 
_reflns.limit_h_max                  ? 
_reflns.limit_h_min                  ? 
_reflns.limit_k_max                  ? 
_reflns.limit_k_min                  ? 
_reflns.limit_l_max                  ? 
_reflns.limit_l_min                  ? 
_reflns.observed_criterion_F_max     ? 
_reflns.observed_criterion_F_min     ? 
_reflns.pdbx_diffrn_id               1 
_reflns.pdbx_ordinal                 1 
# 
_reflns_shell.d_res_high             2.2 
_reflns_shell.d_res_low              2.28 
_reflns_shell.percent_possible_all   98.5 
_reflns_shell.Rmerge_I_obs           0.109 
_reflns_shell.pdbx_Rsym_value        ? 
_reflns_shell.meanI_over_sigI_obs    10.5 
_reflns_shell.pdbx_redundancy        4.1 
_reflns_shell.percent_possible_obs   ? 
_reflns_shell.number_unique_all      ? 
_reflns_shell.pdbx_diffrn_id         ? 
_reflns_shell.pdbx_ordinal           1 
# 
_refine.entry_id                                 1P4U 
_refine.ls_number_reflns_obs                     9417 
_refine.ls_number_reflns_all                     ? 
_refine.pdbx_ls_sigma_I                          ? 
_refine.pdbx_ls_sigma_F                          0 
_refine.pdbx_data_cutoff_high_absF               481044.61 
_refine.pdbx_data_cutoff_low_absF                0 
_refine.pdbx_data_cutoff_high_rms_absF           481044.61 
_refine.ls_d_res_low                             25.13 
_refine.ls_d_res_high                            2.20 
_refine.ls_percent_reflns_obs                    95.6 
_refine.ls_R_factor_obs                          0.217 
_refine.ls_R_factor_all                          ? 
_refine.ls_R_factor_R_work                       0.217 
_refine.ls_R_factor_R_free                       0.255 
_refine.ls_R_factor_R_free_error                 0.012 
_refine.ls_R_factor_R_free_error_details         ? 
_refine.ls_percent_reflns_R_free                 5.0 
_refine.ls_number_reflns_R_free                  468 
_refine.ls_number_parameters                     ? 
_refine.ls_number_restraints                     ? 
_refine.occupancy_min                            ? 
_refine.occupancy_max                            ? 
_refine.correlation_coeff_Fo_to_Fc               ? 
_refine.correlation_coeff_Fo_to_Fc_free          ? 
_refine.B_iso_mean                               22.9 
_refine.aniso_B[1][1]                            -7.61 
_refine.aniso_B[2][2]                            11.98 
_refine.aniso_B[3][3]                            -4.37 
_refine.aniso_B[1][2]                            0.00 
_refine.aniso_B[1][3]                            0.00 
_refine.aniso_B[2][3]                            0.00 
_refine.solvent_model_details                    'FLAT MODEL' 
_refine.solvent_model_param_ksol                 0.351133 
_refine.solvent_model_param_bsol                 41.2888 
_refine.pdbx_solvent_vdw_probe_radii             ? 
_refine.pdbx_solvent_ion_probe_radii             ? 
_refine.pdbx_solvent_shrinkage_radii             ? 
_refine.pdbx_ls_cross_valid_method               THROUGHOUT 
_refine.details                                  ? 
_refine.pdbx_starting_model                      ? 
_refine.pdbx_method_to_determine_struct          MAD 
_refine.pdbx_isotropic_thermal_model             RESTRAINED 
_refine.pdbx_stereochemistry_target_values       ? 
_refine.pdbx_stereochem_target_val_spec_case     ? 
_refine.pdbx_R_Free_selection_details            RANDOM 
_refine.pdbx_overall_ESU_R                       ? 
_refine.pdbx_overall_ESU_R_Free                  ? 
_refine.overall_SU_ML                            ? 
_refine.overall_SU_B                             ? 
_refine.ls_redundancy_reflns_obs                 ? 
_refine.B_iso_min                                ? 
_refine.B_iso_max                                ? 
_refine.overall_SU_R_Cruickshank_DPI             ? 
_refine.overall_SU_R_free                        ? 
_refine.pdbx_refine_id                           'X-RAY DIFFRACTION' 
_refine.pdbx_diffrn_id                           1 
_refine.pdbx_TLS_residual_ADP_flag               ? 
_refine.pdbx_overall_phase_error                 ? 
_refine.pdbx_overall_SU_R_free_Cruickshank_DPI   ? 
_refine.pdbx_overall_SU_R_Blow_DPI               ? 
_refine.pdbx_overall_SU_R_free_Blow_DPI          ? 
# 
_refine_analyze.entry_id                        1P4U 
_refine_analyze.Luzzati_coordinate_error_obs    0.26 
_refine_analyze.Luzzati_sigma_a_obs             0.2 
_refine_analyze.Luzzati_d_res_low_obs           5 
_refine_analyze.Luzzati_coordinate_error_free   0.31 
_refine_analyze.Luzzati_sigma_a_free            0.21 
_refine_analyze.Luzzati_d_res_low_free          ? 
_refine_analyze.number_disordered_residues      ? 
_refine_analyze.occupancy_sum_hydrogen          ? 
_refine_analyze.occupancy_sum_non_hydrogen      ? 
_refine_analyze.pdbx_Luzzati_d_res_high_obs     ? 
_refine_analyze.pdbx_refine_id                  'X-RAY DIFFRACTION' 
# 
_refine_hist.pdbx_refine_id                   'X-RAY DIFFRACTION' 
_refine_hist.cycle_id                         LAST 
_refine_hist.pdbx_number_atoms_protein        1165 
_refine_hist.pdbx_number_atoms_nucleic_acid   0 
_refine_hist.pdbx_number_atoms_ligand         0 
_refine_hist.number_atoms_solvent             209 
_refine_hist.number_atoms_total               1374 
_refine_hist.d_res_high                       2.20 
_refine_hist.d_res_low                        25.13 
# 
loop_
_refine_ls_restr.type 
_refine_ls_restr.dev_ideal 
_refine_ls_restr.dev_ideal_target 
_refine_ls_restr.weight 
_refine_ls_restr.number 
_refine_ls_restr.pdbx_refine_id 
_refine_ls_restr.pdbx_restraint_function 
c_bond_d                0.007 ?   ? ? 'X-RAY DIFFRACTION' ? 
c_bond_d_na             ?     ?   ? ? 'X-RAY DIFFRACTION' ? 
c_bond_d_prot           ?     ?   ? ? 'X-RAY DIFFRACTION' ? 
c_angle_d               ?     ?   ? ? 'X-RAY DIFFRACTION' ? 
c_angle_d_na            ?     ?   ? ? 'X-RAY DIFFRACTION' ? 
c_angle_d_prot          ?     ?   ? ? 'X-RAY DIFFRACTION' ? 
c_angle_deg             1.4   ?   ? ? 'X-RAY DIFFRACTION' ? 
c_angle_deg_na          ?     ?   ? ? 'X-RAY DIFFRACTION' ? 
c_angle_deg_prot        ?     ?   ? ? 'X-RAY DIFFRACTION' ? 
c_dihedral_angle_d      27.7  ?   ? ? 'X-RAY DIFFRACTION' ? 
c_dihedral_angle_d_na   ?     ?   ? ? 'X-RAY DIFFRACTION' ? 
c_dihedral_angle_d_prot ?     ?   ? ? 'X-RAY DIFFRACTION' ? 
c_improper_angle_d      0.92  ?   ? ? 'X-RAY DIFFRACTION' ? 
c_improper_angle_d_na   ?     ?   ? ? 'X-RAY DIFFRACTION' ? 
c_improper_angle_d_prot ?     ?   ? ? 'X-RAY DIFFRACTION' ? 
c_mcbond_it             1.2   1.5 ? ? 'X-RAY DIFFRACTION' ? 
c_mcangle_it            1.85  2   ? ? 'X-RAY DIFFRACTION' ? 
c_scbond_it             2.07  2   ? ? 'X-RAY DIFFRACTION' ? 
c_scangle_it            2.85  2.5 ? ? 'X-RAY DIFFRACTION' ? 
# 
_refine_ls_shell.pdbx_total_number_of_bins_used   10 
_refine_ls_shell.d_res_high                       2.20 
_refine_ls_shell.d_res_low                        2.28 
_refine_ls_shell.number_reflns_R_work             883 
_refine_ls_shell.R_factor_R_work                  0.239 
_refine_ls_shell.percent_reflns_obs               98.5 
_refine_ls_shell.R_factor_R_free                  0.332 
_refine_ls_shell.R_factor_R_free_error            0.034 
_refine_ls_shell.percent_reflns_R_free            4.4 
_refine_ls_shell.number_reflns_R_free             66 
_refine_ls_shell.number_reflns_obs                ? 
_refine_ls_shell.redundancy_reflns_obs            ? 
_refine_ls_shell.number_reflns_all                ? 
_refine_ls_shell.pdbx_refine_id                   'X-RAY DIFFRACTION' 
_refine_ls_shell.R_factor_all                     ? 
# 
loop_
_pdbx_xplor_file.serial_no 
_pdbx_xplor_file.param_file 
_pdbx_xplor_file.topol_file 
_pdbx_xplor_file.pdbx_refine_id 
1 PROTEIN_REP.PARAM PROTEIN.TOP 'X-RAY DIFFRACTION' 
2 PROTEIN.PARAM     WATER.TOP   'X-RAY DIFFRACTION' 
3 WATER.PARAM       ?           'X-RAY DIFFRACTION' 
4 WATER_REP.PARAM   ?           'X-RAY DIFFRACTION' 
# 
_struct.entry_id                  1P4U 
_struct.title                     'CRYSTAL STRUCTURE OF GGA3 GAE DOMAIN IN COMPLEX WITH RABAPTIN-5 PEPTIDE' 
_struct.pdbx_model_details        ? 
_struct.pdbx_CASP_flag            ? 
_struct.pdbx_model_type_details   ? 
# 
_struct_keywords.entry_id        1P4U 
_struct_keywords.pdbx_keywords   'PROTEIN TRANSPORT' 
_struct_keywords.text            'PROTEIN TRANSPORT' 
# 
loop_
_struct_asym.id 
_struct_asym.pdbx_blank_PDB_chainid_flag 
_struct_asym.pdbx_modified 
_struct_asym.entity_id 
_struct_asym.details 
A N N 1 ? 
B N N 2 ? 
C N N 3 ? 
D N N 3 ? 
# 
loop_
_struct_ref.id 
_struct_ref.db_name 
_struct_ref.db_code 
_struct_ref.pdbx_db_accession 
_struct_ref.entity_id 
_struct_ref.pdbx_seq_one_letter_code 
_struct_ref.pdbx_align_begin 
_struct_ref.pdbx_db_isoform 
1 UNP GGA3_HUMAN  Q9NZ52 1 
;GSPPKGPELSLASIHVPLESIKPSSALPVTAYDKNGFRILFHFAKECPPGRPDVLVVVVSMLNTAPLPVKSIVLQAAVPK
SMKVKLQPPSGTELSPFSPIQPPAAITQVMLLANPLKEKVRLRYKLTFALGEQLSTEVGEVDQFPPVEQWGNL
;
571 ? 
2 UNP RABE1_HUMAN Q15276 2 DESDFGPLVGADS 436 ? 
# 
loop_
_struct_ref_seq.align_id 
_struct_ref_seq.ref_id 
_struct_ref_seq.pdbx_PDB_id_code 
_struct_ref_seq.pdbx_strand_id 
_struct_ref_seq.seq_align_beg 
_struct_ref_seq.pdbx_seq_align_beg_ins_code 
_struct_ref_seq.seq_align_end 
_struct_ref_seq.pdbx_seq_align_end_ins_code 
_struct_ref_seq.pdbx_db_accession 
_struct_ref_seq.db_align_beg 
_struct_ref_seq.pdbx_db_align_beg_ins_code 
_struct_ref_seq.db_align_end 
_struct_ref_seq.pdbx_db_align_end_ins_code 
_struct_ref_seq.pdbx_auth_seq_align_beg 
_struct_ref_seq.pdbx_auth_seq_align_end 
1 1 1P4U A 1 ? 153 ? Q9NZ52 571 ? 723 ? 571 723 
2 2 1P4U B 1 ? 13  ? Q15276 435 ? 447 ? -4  8   
# 
loop_
_struct_ref_seq_dif.align_id 
_struct_ref_seq_dif.pdbx_pdb_id_code 
_struct_ref_seq_dif.mon_id 
_struct_ref_seq_dif.pdbx_pdb_strand_id 
_struct_ref_seq_dif.seq_num 
_struct_ref_seq_dif.pdbx_pdb_ins_code 
_struct_ref_seq_dif.pdbx_seq_db_name 
_struct_ref_seq_dif.pdbx_seq_db_accession_code 
_struct_ref_seq_dif.db_mon_id 
_struct_ref_seq_dif.pdbx_seq_db_seq_num 
_struct_ref_seq_dif.details 
_struct_ref_seq_dif.pdbx_auth_seq_num 
_struct_ref_seq_dif.pdbx_ordinal 
1 1P4U MET A 64 ? UNP Q9NZ52 THR 634 'engineered mutation' 634 1 
1 1P4U ALA A 78 ? UNP Q9NZ52 VAL 648 'engineered mutation' 648 2 
# 
loop_
_pdbx_struct_assembly.id 
_pdbx_struct_assembly.details 
_pdbx_struct_assembly.method_details 
_pdbx_struct_assembly.oligomeric_details 
_pdbx_struct_assembly.oligomeric_count 
1 author_and_software_defined_assembly PISA dimeric    2 
2 software_defined_assembly            PISA tetrameric 4 
# 
loop_
_pdbx_struct_assembly_prop.biol_id 
_pdbx_struct_assembly_prop.type 
_pdbx_struct_assembly_prop.value 
_pdbx_struct_assembly_prop.details 
1 'ABSA (A^2)' 1010  ? 
1 MORE         -7    ? 
1 'SSA (A^2)'  8310  ? 
2 'ABSA (A^2)' 4200  ? 
2 MORE         -33   ? 
2 'SSA (A^2)'  14440 ? 
# 
loop_
_pdbx_struct_assembly_gen.assembly_id 
_pdbx_struct_assembly_gen.oper_expression 
_pdbx_struct_assembly_gen.asym_id_list 
1 1   A,B,C,D 
2 1,2 A,B,C,D 
# 
loop_
_pdbx_struct_oper_list.id 
_pdbx_struct_oper_list.type 
_pdbx_struct_oper_list.name 
_pdbx_struct_oper_list.symmetry_operation 
_pdbx_struct_oper_list.matrix[1][1] 
_pdbx_struct_oper_list.matrix[1][2] 
_pdbx_struct_oper_list.matrix[1][3] 
_pdbx_struct_oper_list.vector[1] 
_pdbx_struct_oper_list.matrix[2][1] 
_pdbx_struct_oper_list.matrix[2][2] 
_pdbx_struct_oper_list.matrix[2][3] 
_pdbx_struct_oper_list.vector[2] 
_pdbx_struct_oper_list.matrix[3][1] 
_pdbx_struct_oper_list.matrix[3][2] 
_pdbx_struct_oper_list.matrix[3][3] 
_pdbx_struct_oper_list.vector[3] 
1 'identity operation'         1_555 x,y,z         1.0000000000  0.0000000000 0.0000000000 0.0000000000  0.0000000000 1.0000000000  0.0000000000 0.0000000000  0.0000000000 0.0000000000 1.0000000000 0.0000000000   
2 'crystal symmetry operation' 3_655 -x+1,y,-z+1/2 -0.9208986301 0.1395512214 0.3639658907 12.6902390429 0.1395512214 -0.7538027037 0.6421113148 23.8930976540 0.3639658907 0.6421113148 0.6747013338 -11.9190461621 
# 
_struct_biol.id                    1 
_struct_biol.pdbx_parent_biol_id   ? 
_struct_biol.details               ? 
# 
loop_
_struct_conf.conf_type_id 
_struct_conf.id 
_struct_conf.pdbx_PDB_helix_id 
_struct_conf.beg_label_comp_id 
_struct_conf.beg_label_asym_id 
_struct_conf.beg_label_seq_id 
_struct_conf.pdbx_beg_PDB_ins_code 
_struct_conf.end_label_comp_id 
_struct_conf.end_label_asym_id 
_struct_conf.end_label_seq_id 
_struct_conf.pdbx_end_PDB_ins_code 
_struct_conf.beg_auth_comp_id 
_struct_conf.beg_auth_asym_id 
_struct_conf.beg_auth_seq_id 
_struct_conf.end_auth_comp_id 
_struct_conf.end_auth_asym_id 
_struct_conf.end_auth_seq_id 
_struct_conf.pdbx_PDB_helix_class 
_struct_conf.details 
_struct_conf.pdbx_PDB_helix_length 
HELX_P HELX_P1 1 PRO A 17  ? ILE A 21  ? PRO A 587 ILE A 591 5 ? 5 
HELX_P HELX_P2 2 PRO A 146 ? TRP A 150 ? PRO A 716 TRP A 720 5 ? 5 
# 
_struct_conf_type.id          HELX_P 
_struct_conf_type.criteria    ? 
_struct_conf_type.reference   ? 
# 
loop_
_struct_sheet.id 
_struct_sheet.type 
_struct_sheet.number_strands 
_struct_sheet.details 
A ? 5 ? 
B ? 3 ? 
# 
loop_
_struct_sheet_order.sheet_id 
_struct_sheet_order.range_id_1 
_struct_sheet_order.range_id_2 
_struct_sheet_order.offset 
_struct_sheet_order.sense 
A 1 2 ? anti-parallel 
A 2 3 ? anti-parallel 
A 3 4 ? anti-parallel 
A 4 5 ? anti-parallel 
B 1 2 ? anti-parallel 
B 2 3 ? anti-parallel 
# 
loop_
_struct_sheet_range.sheet_id 
_struct_sheet_range.id 
_struct_sheet_range.beg_label_comp_id 
_struct_sheet_range.beg_label_asym_id 
_struct_sheet_range.beg_label_seq_id 
_struct_sheet_range.pdbx_beg_PDB_ins_code 
_struct_sheet_range.end_label_comp_id 
_struct_sheet_range.end_label_asym_id 
_struct_sheet_range.end_label_seq_id 
_struct_sheet_range.pdbx_end_PDB_ins_code 
_struct_sheet_range.beg_auth_comp_id 
_struct_sheet_range.beg_auth_asym_id 
_struct_sheet_range.beg_auth_seq_id 
_struct_sheet_range.end_auth_comp_id 
_struct_sheet_range.end_auth_asym_id 
_struct_sheet_range.end_auth_seq_id 
A 1 VAL A 29  ? LYS A 34  ? VAL A 599 LYS A 604 
A 2 PHE A 37  ? PHE A 43  ? PHE A 607 PHE A 613 
A 3 VAL A 54  ? ASN A 63  ? VAL A 624 ASN A 633 
A 4 ALA A 105 ? ALA A 113 ? ALA A 675 ALA A 683 
A 5 LYS A 83  ? LEU A 86  ? LYS A 653 LEU A 656 
B 1 LYS A 70  ? ALA A 77  ? LYS A 640 ALA A 647 
B 2 LEU A 122 ? LEU A 130 ? LEU A 692 LEU A 700 
B 3 GLN A 133 ? VAL A 141 ? GLN A 703 VAL A 711 
# 
loop_
_pdbx_struct_sheet_hbond.sheet_id 
_pdbx_struct_sheet_hbond.range_id_1 
_pdbx_struct_sheet_hbond.range_id_2 
_pdbx_struct_sheet_hbond.range_1_label_atom_id 
_pdbx_struct_sheet_hbond.range_1_label_comp_id 
_pdbx_struct_sheet_hbond.range_1_label_asym_id 
_pdbx_struct_sheet_hbond.range_1_label_seq_id 
_pdbx_struct_sheet_hbond.range_1_PDB_ins_code 
_pdbx_struct_sheet_hbond.range_1_auth_atom_id 
_pdbx_struct_sheet_hbond.range_1_auth_comp_id 
_pdbx_struct_sheet_hbond.range_1_auth_asym_id 
_pdbx_struct_sheet_hbond.range_1_auth_seq_id 
_pdbx_struct_sheet_hbond.range_2_label_atom_id 
_pdbx_struct_sheet_hbond.range_2_label_comp_id 
_pdbx_struct_sheet_hbond.range_2_label_asym_id 
_pdbx_struct_sheet_hbond.range_2_label_seq_id 
_pdbx_struct_sheet_hbond.range_2_PDB_ins_code 
_pdbx_struct_sheet_hbond.range_2_auth_atom_id 
_pdbx_struct_sheet_hbond.range_2_auth_comp_id 
_pdbx_struct_sheet_hbond.range_2_auth_asym_id 
_pdbx_struct_sheet_hbond.range_2_auth_seq_id 
A 1 2 N TYR A 32  ? N TYR A 602 O ILE A 39  ? O ILE A 609 
A 2 3 N HIS A 42  ? N HIS A 612 O VAL A 58  ? O VAL A 628 
A 3 4 N VAL A 57  ? N VAL A 627 O MET A 110 ? O MET A 680 
A 4 5 O ALA A 113 ? O ALA A 683 N LYS A 83  ? N LYS A 653 
B 1 2 N VAL A 73  ? N VAL A 643 O THR A 127 ? O THR A 697 
B 2 3 N LEU A 126 ? N LEU A 696 O GLU A 137 ? O GLU A 707 
# 
_pdbx_validate_close_contact.id               1 
_pdbx_validate_close_contact.PDB_model_num    1 
_pdbx_validate_close_contact.auth_atom_id_1   OE1 
_pdbx_validate_close_contact.auth_asym_id_1   A 
_pdbx_validate_close_contact.auth_comp_id_1   GLN 
_pdbx_validate_close_contact.auth_seq_id_1    645 
_pdbx_validate_close_contact.PDB_ins_code_1   ? 
_pdbx_validate_close_contact.label_alt_id_1   ? 
_pdbx_validate_close_contact.auth_atom_id_2   O 
_pdbx_validate_close_contact.auth_asym_id_2   A 
_pdbx_validate_close_contact.auth_comp_id_2   HOH 
_pdbx_validate_close_contact.auth_seq_id_2    114 
_pdbx_validate_close_contact.PDB_ins_code_2   ? 
_pdbx_validate_close_contact.label_alt_id_2   ? 
_pdbx_validate_close_contact.dist             2.15 
# 
loop_
_pdbx_validate_torsion.id 
_pdbx_validate_torsion.PDB_model_num 
_pdbx_validate_torsion.auth_comp_id 
_pdbx_validate_torsion.auth_asym_id 
_pdbx_validate_torsion.auth_seq_id 
_pdbx_validate_torsion.PDB_ins_code 
_pdbx_validate_torsion.label_alt_id 
_pdbx_validate_torsion.phi 
_pdbx_validate_torsion.psi 
1 1 ASP A 712 ? ? -142.21 31.09 
2 1 ASN A 722 ? ? -145.69 53.13 
# 
loop_
_pdbx_unobs_or_zero_occ_residues.id 
_pdbx_unobs_or_zero_occ_residues.PDB_model_num 
_pdbx_unobs_or_zero_occ_residues.polymer_flag 
_pdbx_unobs_or_zero_occ_residues.occupancy_flag 
_pdbx_unobs_or_zero_occ_residues.auth_asym_id 
_pdbx_unobs_or_zero_occ_residues.auth_comp_id 
_pdbx_unobs_or_zero_occ_residues.auth_seq_id 
_pdbx_unobs_or_zero_occ_residues.PDB_ins_code 
_pdbx_unobs_or_zero_occ_residues.label_asym_id 
_pdbx_unobs_or_zero_occ_residues.label_comp_id 
_pdbx_unobs_or_zero_occ_residues.label_seq_id 
1  1 Y 1 A GLY 571 ? A GLY 1  
2  1 Y 1 A SER 572 ? A SER 2  
3  1 Y 1 A PRO 573 ? A PRO 3  
4  1 Y 1 A PRO 574 ? A PRO 4  
5  1 Y 1 A LYS 575 ? A LYS 5  
6  1 Y 1 A GLY 576 ? A GLY 6  
7  1 Y 1 A PRO 577 ? A PRO 7  
8  1 Y 1 A GLU 578 ? A GLU 8  
9  1 Y 1 B ASP -4  ? B ASP 1  
10 1 Y 1 B GLU -3  ? B GLU 2  
11 1 Y 1 B SER -2  ? B SER 3  
12 1 Y 1 B ASP 7   ? B ASP 12 
13 1 Y 1 B SER 8   ? B SER 13 
# 
loop_
_chem_comp_atom.comp_id 
_chem_comp_atom.atom_id 
_chem_comp_atom.type_symbol 
_chem_comp_atom.pdbx_aromatic_flag 
_chem_comp_atom.pdbx_stereo_config 
_chem_comp_atom.pdbx_ordinal 
ALA N    N N N 1   
ALA CA   C N S 2   
ALA C    C N N 3   
ALA O    O N N 4   
ALA CB   C N N 5   
ALA OXT  O N N 6   
ALA H    H N N 7   
ALA H2   H N N 8   
ALA HA   H N N 9   
ALA HB1  H N N 10  
ALA HB2  H N N 11  
ALA HB3  H N N 12  
ALA HXT  H N N 13  
ARG N    N N N 14  
ARG CA   C N S 15  
ARG C    C N N 16  
ARG O    O N N 17  
ARG CB   C N N 18  
ARG CG   C N N 19  
ARG CD   C N N 20  
ARG NE   N N N 21  
ARG CZ   C N N 22  
ARG NH1  N N N 23  
ARG NH2  N N N 24  
ARG OXT  O N N 25  
ARG H    H N N 26  
ARG H2   H N N 27  
ARG HA   H N N 28  
ARG HB2  H N N 29  
ARG HB3  H N N 30  
ARG HG2  H N N 31  
ARG HG3  H N N 32  
ARG HD2  H N N 33  
ARG HD3  H N N 34  
ARG HE   H N N 35  
ARG HH11 H N N 36  
ARG HH12 H N N 37  
ARG HH21 H N N 38  
ARG HH22 H N N 39  
ARG HXT  H N N 40  
ASN N    N N N 41  
ASN CA   C N S 42  
ASN C    C N N 43  
ASN O    O N N 44  
ASN CB   C N N 45  
ASN CG   C N N 46  
ASN OD1  O N N 47  
ASN ND2  N N N 48  
ASN OXT  O N N 49  
ASN H    H N N 50  
ASN H2   H N N 51  
ASN HA   H N N 52  
ASN HB2  H N N 53  
ASN HB3  H N N 54  
ASN HD21 H N N 55  
ASN HD22 H N N 56  
ASN HXT  H N N 57  
ASP N    N N N 58  
ASP CA   C N S 59  
ASP C    C N N 60  
ASP O    O N N 61  
ASP CB   C N N 62  
ASP CG   C N N 63  
ASP OD1  O N N 64  
ASP OD2  O N N 65  
ASP OXT  O N N 66  
ASP H    H N N 67  
ASP H2   H N N 68  
ASP HA   H N N 69  
ASP HB2  H N N 70  
ASP HB3  H N N 71  
ASP HD2  H N N 72  
ASP HXT  H N N 73  
CYS N    N N N 74  
CYS CA   C N R 75  
CYS C    C N N 76  
CYS O    O N N 77  
CYS CB   C N N 78  
CYS SG   S N N 79  
CYS OXT  O N N 80  
CYS H    H N N 81  
CYS H2   H N N 82  
CYS HA   H N N 83  
CYS HB2  H N N 84  
CYS HB3  H N N 85  
CYS HG   H N N 86  
CYS HXT  H N N 87  
GLN N    N N N 88  
GLN CA   C N S 89  
GLN C    C N N 90  
GLN O    O N N 91  
GLN CB   C N N 92  
GLN CG   C N N 93  
GLN CD   C N N 94  
GLN OE1  O N N 95  
GLN NE2  N N N 96  
GLN OXT  O N N 97  
GLN H    H N N 98  
GLN H2   H N N 99  
GLN HA   H N N 100 
GLN HB2  H N N 101 
GLN HB3  H N N 102 
GLN HG2  H N N 103 
GLN HG3  H N N 104 
GLN HE21 H N N 105 
GLN HE22 H N N 106 
GLN HXT  H N N 107 
GLU N    N N N 108 
GLU CA   C N S 109 
GLU C    C N N 110 
GLU O    O N N 111 
GLU CB   C N N 112 
GLU CG   C N N 113 
GLU CD   C N N 114 
GLU OE1  O N N 115 
GLU OE2  O N N 116 
GLU OXT  O N N 117 
GLU H    H N N 118 
GLU H2   H N N 119 
GLU HA   H N N 120 
GLU HB2  H N N 121 
GLU HB3  H N N 122 
GLU HG2  H N N 123 
GLU HG3  H N N 124 
GLU HE2  H N N 125 
GLU HXT  H N N 126 
GLY N    N N N 127 
GLY CA   C N N 128 
GLY C    C N N 129 
GLY O    O N N 130 
GLY OXT  O N N 131 
GLY H    H N N 132 
GLY H2   H N N 133 
GLY HA2  H N N 134 
GLY HA3  H N N 135 
GLY HXT  H N N 136 
HIS N    N N N 137 
HIS CA   C N S 138 
HIS C    C N N 139 
HIS O    O N N 140 
HIS CB   C N N 141 
HIS CG   C Y N 142 
HIS ND1  N Y N 143 
HIS CD2  C Y N 144 
HIS CE1  C Y N 145 
HIS NE2  N Y N 146 
HIS OXT  O N N 147 
HIS H    H N N 148 
HIS H2   H N N 149 
HIS HA   H N N 150 
HIS HB2  H N N 151 
HIS HB3  H N N 152 
HIS HD1  H N N 153 
HIS HD2  H N N 154 
HIS HE1  H N N 155 
HIS HE2  H N N 156 
HIS HXT  H N N 157 
HOH O    O N N 158 
HOH H1   H N N 159 
HOH H2   H N N 160 
ILE N    N N N 161 
ILE CA   C N S 162 
ILE C    C N N 163 
ILE O    O N N 164 
ILE CB   C N S 165 
ILE CG1  C N N 166 
ILE CG2  C N N 167 
ILE CD1  C N N 168 
ILE OXT  O N N 169 
ILE H    H N N 170 
ILE H2   H N N 171 
ILE HA   H N N 172 
ILE HB   H N N 173 
ILE HG12 H N N 174 
ILE HG13 H N N 175 
ILE HG21 H N N 176 
ILE HG22 H N N 177 
ILE HG23 H N N 178 
ILE HD11 H N N 179 
ILE HD12 H N N 180 
ILE HD13 H N N 181 
ILE HXT  H N N 182 
LEU N    N N N 183 
LEU CA   C N S 184 
LEU C    C N N 185 
LEU O    O N N 186 
LEU CB   C N N 187 
LEU CG   C N N 188 
LEU CD1  C N N 189 
LEU CD2  C N N 190 
LEU OXT  O N N 191 
LEU H    H N N 192 
LEU H2   H N N 193 
LEU HA   H N N 194 
LEU HB2  H N N 195 
LEU HB3  H N N 196 
LEU HG   H N N 197 
LEU HD11 H N N 198 
LEU HD12 H N N 199 
LEU HD13 H N N 200 
LEU HD21 H N N 201 
LEU HD22 H N N 202 
LEU HD23 H N N 203 
LEU HXT  H N N 204 
LYS N    N N N 205 
LYS CA   C N S 206 
LYS C    C N N 207 
LYS O    O N N 208 
LYS CB   C N N 209 
LYS CG   C N N 210 
LYS CD   C N N 211 
LYS CE   C N N 212 
LYS NZ   N N N 213 
LYS OXT  O N N 214 
LYS H    H N N 215 
LYS H2   H N N 216 
LYS HA   H N N 217 
LYS HB2  H N N 218 
LYS HB3  H N N 219 
LYS HG2  H N N 220 
LYS HG3  H N N 221 
LYS HD2  H N N 222 
LYS HD3  H N N 223 
LYS HE2  H N N 224 
LYS HE3  H N N 225 
LYS HZ1  H N N 226 
LYS HZ2  H N N 227 
LYS HZ3  H N N 228 
LYS HXT  H N N 229 
MET N    N N N 230 
MET CA   C N S 231 
MET C    C N N 232 
MET O    O N N 233 
MET CB   C N N 234 
MET CG   C N N 235 
MET SD   S N N 236 
MET CE   C N N 237 
MET OXT  O N N 238 
MET H    H N N 239 
MET H2   H N N 240 
MET HA   H N N 241 
MET HB2  H N N 242 
MET HB3  H N N 243 
MET HG2  H N N 244 
MET HG3  H N N 245 
MET HE1  H N N 246 
MET HE2  H N N 247 
MET HE3  H N N 248 
MET HXT  H N N 249 
PHE N    N N N 250 
PHE CA   C N S 251 
PHE C    C N N 252 
PHE O    O N N 253 
PHE CB   C N N 254 
PHE CG   C Y N 255 
PHE CD1  C Y N 256 
PHE CD2  C Y N 257 
PHE CE1  C Y N 258 
PHE CE2  C Y N 259 
PHE CZ   C Y N 260 
PHE OXT  O N N 261 
PHE H    H N N 262 
PHE H2   H N N 263 
PHE HA   H N N 264 
PHE HB2  H N N 265 
PHE HB3  H N N 266 
PHE HD1  H N N 267 
PHE HD2  H N N 268 
PHE HE1  H N N 269 
PHE HE2  H N N 270 
PHE HZ   H N N 271 
PHE HXT  H N N 272 
PRO N    N N N 273 
PRO CA   C N S 274 
PRO C    C N N 275 
PRO O    O N N 276 
PRO CB   C N N 277 
PRO CG   C N N 278 
PRO CD   C N N 279 
PRO OXT  O N N 280 
PRO H    H N N 281 
PRO HA   H N N 282 
PRO HB2  H N N 283 
PRO HB3  H N N 284 
PRO HG2  H N N 285 
PRO HG3  H N N 286 
PRO HD2  H N N 287 
PRO HD3  H N N 288 
PRO HXT  H N N 289 
SER N    N N N 290 
SER CA   C N S 291 
SER C    C N N 292 
SER O    O N N 293 
SER CB   C N N 294 
SER OG   O N N 295 
SER OXT  O N N 296 
SER H    H N N 297 
SER H2   H N N 298 
SER HA   H N N 299 
SER HB2  H N N 300 
SER HB3  H N N 301 
SER HG   H N N 302 
SER HXT  H N N 303 
THR N    N N N 304 
THR CA   C N S 305 
THR C    C N N 306 
THR O    O N N 307 
THR CB   C N R 308 
THR OG1  O N N 309 
THR CG2  C N N 310 
THR OXT  O N N 311 
THR H    H N N 312 
THR H2   H N N 313 
THR HA   H N N 314 
THR HB   H N N 315 
THR HG1  H N N 316 
THR HG21 H N N 317 
THR HG22 H N N 318 
THR HG23 H N N 319 
THR HXT  H N N 320 
TRP N    N N N 321 
TRP CA   C N S 322 
TRP C    C N N 323 
TRP O    O N N 324 
TRP CB   C N N 325 
TRP CG   C Y N 326 
TRP CD1  C Y N 327 
TRP CD2  C Y N 328 
TRP NE1  N Y N 329 
TRP CE2  C Y N 330 
TRP CE3  C Y N 331 
TRP CZ2  C Y N 332 
TRP CZ3  C Y N 333 
TRP CH2  C Y N 334 
TRP OXT  O N N 335 
TRP H    H N N 336 
TRP H2   H N N 337 
TRP HA   H N N 338 
TRP HB2  H N N 339 
TRP HB3  H N N 340 
TRP HD1  H N N 341 
TRP HE1  H N N 342 
TRP HE3  H N N 343 
TRP HZ2  H N N 344 
TRP HZ3  H N N 345 
TRP HH2  H N N 346 
TRP HXT  H N N 347 
TYR N    N N N 348 
TYR CA   C N S 349 
TYR C    C N N 350 
TYR O    O N N 351 
TYR CB   C N N 352 
TYR CG   C Y N 353 
TYR CD1  C Y N 354 
TYR CD2  C Y N 355 
TYR CE1  C Y N 356 
TYR CE2  C Y N 357 
TYR CZ   C Y N 358 
TYR OH   O N N 359 
TYR OXT  O N N 360 
TYR H    H N N 361 
TYR H2   H N N 362 
TYR HA   H N N 363 
TYR HB2  H N N 364 
TYR HB3  H N N 365 
TYR HD1  H N N 366 
TYR HD2  H N N 367 
TYR HE1  H N N 368 
TYR HE2  H N N 369 
TYR HH   H N N 370 
TYR HXT  H N N 371 
VAL N    N N N 372 
VAL CA   C N S 373 
VAL C    C N N 374 
VAL O    O N N 375 
VAL CB   C N N 376 
VAL CG1  C N N 377 
VAL CG2  C N N 378 
VAL OXT  O N N 379 
VAL H    H N N 380 
VAL H2   H N N 381 
VAL HA   H N N 382 
VAL HB   H N N 383 
VAL HG11 H N N 384 
VAL HG12 H N N 385 
VAL HG13 H N N 386 
VAL HG21 H N N 387 
VAL HG22 H N N 388 
VAL HG23 H N N 389 
VAL HXT  H N N 390 
# 
loop_
_chem_comp_bond.comp_id 
_chem_comp_bond.atom_id_1 
_chem_comp_bond.atom_id_2 
_chem_comp_bond.value_order 
_chem_comp_bond.pdbx_aromatic_flag 
_chem_comp_bond.pdbx_stereo_config 
_chem_comp_bond.pdbx_ordinal 
ALA N   CA   sing N N 1   
ALA N   H    sing N N 2   
ALA N   H2   sing N N 3   
ALA CA  C    sing N N 4   
ALA CA  CB   sing N N 5   
ALA CA  HA   sing N N 6   
ALA C   O    doub N N 7   
ALA C   OXT  sing N N 8   
ALA CB  HB1  sing N N 9   
ALA CB  HB2  sing N N 10  
ALA CB  HB3  sing N N 11  
ALA OXT HXT  sing N N 12  
ARG N   CA   sing N N 13  
ARG N   H    sing N N 14  
ARG N   H2   sing N N 15  
ARG CA  C    sing N N 16  
ARG CA  CB   sing N N 17  
ARG CA  HA   sing N N 18  
ARG C   O    doub N N 19  
ARG C   OXT  sing N N 20  
ARG CB  CG   sing N N 21  
ARG CB  HB2  sing N N 22  
ARG CB  HB3  sing N N 23  
ARG CG  CD   sing N N 24  
ARG CG  HG2  sing N N 25  
ARG CG  HG3  sing N N 26  
ARG CD  NE   sing N N 27  
ARG CD  HD2  sing N N 28  
ARG CD  HD3  sing N N 29  
ARG NE  CZ   sing N N 30  
ARG NE  HE   sing N N 31  
ARG CZ  NH1  sing N N 32  
ARG CZ  NH2  doub N N 33  
ARG NH1 HH11 sing N N 34  
ARG NH1 HH12 sing N N 35  
ARG NH2 HH21 sing N N 36  
ARG NH2 HH22 sing N N 37  
ARG OXT HXT  sing N N 38  
ASN N   CA   sing N N 39  
ASN N   H    sing N N 40  
ASN N   H2   sing N N 41  
ASN CA  C    sing N N 42  
ASN CA  CB   sing N N 43  
ASN CA  HA   sing N N 44  
ASN C   O    doub N N 45  
ASN C   OXT  sing N N 46  
ASN CB  CG   sing N N 47  
ASN CB  HB2  sing N N 48  
ASN CB  HB3  sing N N 49  
ASN CG  OD1  doub N N 50  
ASN CG  ND2  sing N N 51  
ASN ND2 HD21 sing N N 52  
ASN ND2 HD22 sing N N 53  
ASN OXT HXT  sing N N 54  
ASP N   CA   sing N N 55  
ASP N   H    sing N N 56  
ASP N   H2   sing N N 57  
ASP CA  C    sing N N 58  
ASP CA  CB   sing N N 59  
ASP CA  HA   sing N N 60  
ASP C   O    doub N N 61  
ASP C   OXT  sing N N 62  
ASP CB  CG   sing N N 63  
ASP CB  HB2  sing N N 64  
ASP CB  HB3  sing N N 65  
ASP CG  OD1  doub N N 66  
ASP CG  OD2  sing N N 67  
ASP OD2 HD2  sing N N 68  
ASP OXT HXT  sing N N 69  
CYS N   CA   sing N N 70  
CYS N   H    sing N N 71  
CYS N   H2   sing N N 72  
CYS CA  C    sing N N 73  
CYS CA  CB   sing N N 74  
CYS CA  HA   sing N N 75  
CYS C   O    doub N N 76  
CYS C   OXT  sing N N 77  
CYS CB  SG   sing N N 78  
CYS CB  HB2  sing N N 79  
CYS CB  HB3  sing N N 80  
CYS SG  HG   sing N N 81  
CYS OXT HXT  sing N N 82  
GLN N   CA   sing N N 83  
GLN N   H    sing N N 84  
GLN N   H2   sing N N 85  
GLN CA  C    sing N N 86  
GLN CA  CB   sing N N 87  
GLN CA  HA   sing N N 88  
GLN C   O    doub N N 89  
GLN C   OXT  sing N N 90  
GLN CB  CG   sing N N 91  
GLN CB  HB2  sing N N 92  
GLN CB  HB3  sing N N 93  
GLN CG  CD   sing N N 94  
GLN CG  HG2  sing N N 95  
GLN CG  HG3  sing N N 96  
GLN CD  OE1  doub N N 97  
GLN CD  NE2  sing N N 98  
GLN NE2 HE21 sing N N 99  
GLN NE2 HE22 sing N N 100 
GLN OXT HXT  sing N N 101 
GLU N   CA   sing N N 102 
GLU N   H    sing N N 103 
GLU N   H2   sing N N 104 
GLU CA  C    sing N N 105 
GLU CA  CB   sing N N 106 
GLU CA  HA   sing N N 107 
GLU C   O    doub N N 108 
GLU C   OXT  sing N N 109 
GLU CB  CG   sing N N 110 
GLU CB  HB2  sing N N 111 
GLU CB  HB3  sing N N 112 
GLU CG  CD   sing N N 113 
GLU CG  HG2  sing N N 114 
GLU CG  HG3  sing N N 115 
GLU CD  OE1  doub N N 116 
GLU CD  OE2  sing N N 117 
GLU OE2 HE2  sing N N 118 
GLU OXT HXT  sing N N 119 
GLY N   CA   sing N N 120 
GLY N   H    sing N N 121 
GLY N   H2   sing N N 122 
GLY CA  C    sing N N 123 
GLY CA  HA2  sing N N 124 
GLY CA  HA3  sing N N 125 
GLY C   O    doub N N 126 
GLY C   OXT  sing N N 127 
GLY OXT HXT  sing N N 128 
HIS N   CA   sing N N 129 
HIS N   H    sing N N 130 
HIS N   H2   sing N N 131 
HIS CA  C    sing N N 132 
HIS CA  CB   sing N N 133 
HIS CA  HA   sing N N 134 
HIS C   O    doub N N 135 
HIS C   OXT  sing N N 136 
HIS CB  CG   sing N N 137 
HIS CB  HB2  sing N N 138 
HIS CB  HB3  sing N N 139 
HIS CG  ND1  sing Y N 140 
HIS CG  CD2  doub Y N 141 
HIS ND1 CE1  doub Y N 142 
HIS ND1 HD1  sing N N 143 
HIS CD2 NE2  sing Y N 144 
HIS CD2 HD2  sing N N 145 
HIS CE1 NE2  sing Y N 146 
HIS CE1 HE1  sing N N 147 
HIS NE2 HE2  sing N N 148 
HIS OXT HXT  sing N N 149 
HOH O   H1   sing N N 150 
HOH O   H2   sing N N 151 
ILE N   CA   sing N N 152 
ILE N   H    sing N N 153 
ILE N   H2   sing N N 154 
ILE CA  C    sing N N 155 
ILE CA  CB   sing N N 156 
ILE CA  HA   sing N N 157 
ILE C   O    doub N N 158 
ILE C   OXT  sing N N 159 
ILE CB  CG1  sing N N 160 
ILE CB  CG2  sing N N 161 
ILE CB  HB   sing N N 162 
ILE CG1 CD1  sing N N 163 
ILE CG1 HG12 sing N N 164 
ILE CG1 HG13 sing N N 165 
ILE CG2 HG21 sing N N 166 
ILE CG2 HG22 sing N N 167 
ILE CG2 HG23 sing N N 168 
ILE CD1 HD11 sing N N 169 
ILE CD1 HD12 sing N N 170 
ILE CD1 HD13 sing N N 171 
ILE OXT HXT  sing N N 172 
LEU N   CA   sing N N 173 
LEU N   H    sing N N 174 
LEU N   H2   sing N N 175 
LEU CA  C    sing N N 176 
LEU CA  CB   sing N N 177 
LEU CA  HA   sing N N 178 
LEU C   O    doub N N 179 
LEU C   OXT  sing N N 180 
LEU CB  CG   sing N N 181 
LEU CB  HB2  sing N N 182 
LEU CB  HB3  sing N N 183 
LEU CG  CD1  sing N N 184 
LEU CG  CD2  sing N N 185 
LEU CG  HG   sing N N 186 
LEU CD1 HD11 sing N N 187 
LEU CD1 HD12 sing N N 188 
LEU CD1 HD13 sing N N 189 
LEU CD2 HD21 sing N N 190 
LEU CD2 HD22 sing N N 191 
LEU CD2 HD23 sing N N 192 
LEU OXT HXT  sing N N 193 
LYS N   CA   sing N N 194 
LYS N   H    sing N N 195 
LYS N   H2   sing N N 196 
LYS CA  C    sing N N 197 
LYS CA  CB   sing N N 198 
LYS CA  HA   sing N N 199 
LYS C   O    doub N N 200 
LYS C   OXT  sing N N 201 
LYS CB  CG   sing N N 202 
LYS CB  HB2  sing N N 203 
LYS CB  HB3  sing N N 204 
LYS CG  CD   sing N N 205 
LYS CG  HG2  sing N N 206 
LYS CG  HG3  sing N N 207 
LYS CD  CE   sing N N 208 
LYS CD  HD2  sing N N 209 
LYS CD  HD3  sing N N 210 
LYS CE  NZ   sing N N 211 
LYS CE  HE2  sing N N 212 
LYS CE  HE3  sing N N 213 
LYS NZ  HZ1  sing N N 214 
LYS NZ  HZ2  sing N N 215 
LYS NZ  HZ3  sing N N 216 
LYS OXT HXT  sing N N 217 
MET N   CA   sing N N 218 
MET N   H    sing N N 219 
MET N   H2   sing N N 220 
MET CA  C    sing N N 221 
MET CA  CB   sing N N 222 
MET CA  HA   sing N N 223 
MET C   O    doub N N 224 
MET C   OXT  sing N N 225 
MET CB  CG   sing N N 226 
MET CB  HB2  sing N N 227 
MET CB  HB3  sing N N 228 
MET CG  SD   sing N N 229 
MET CG  HG2  sing N N 230 
MET CG  HG3  sing N N 231 
MET SD  CE   sing N N 232 
MET CE  HE1  sing N N 233 
MET CE  HE2  sing N N 234 
MET CE  HE3  sing N N 235 
MET OXT HXT  sing N N 236 
PHE N   CA   sing N N 237 
PHE N   H    sing N N 238 
PHE N   H2   sing N N 239 
PHE CA  C    sing N N 240 
PHE CA  CB   sing N N 241 
PHE CA  HA   sing N N 242 
PHE C   O    doub N N 243 
PHE C   OXT  sing N N 244 
PHE CB  CG   sing N N 245 
PHE CB  HB2  sing N N 246 
PHE CB  HB3  sing N N 247 
PHE CG  CD1  doub Y N 248 
PHE CG  CD2  sing Y N 249 
PHE CD1 CE1  sing Y N 250 
PHE CD1 HD1  sing N N 251 
PHE CD2 CE2  doub Y N 252 
PHE CD2 HD2  sing N N 253 
PHE CE1 CZ   doub Y N 254 
PHE CE1 HE1  sing N N 255 
PHE CE2 CZ   sing Y N 256 
PHE CE2 HE2  sing N N 257 
PHE CZ  HZ   sing N N 258 
PHE OXT HXT  sing N N 259 
PRO N   CA   sing N N 260 
PRO N   CD   sing N N 261 
PRO N   H    sing N N 262 
PRO CA  C    sing N N 263 
PRO CA  CB   sing N N 264 
PRO CA  HA   sing N N 265 
PRO C   O    doub N N 266 
PRO C   OXT  sing N N 267 
PRO CB  CG   sing N N 268 
PRO CB  HB2  sing N N 269 
PRO CB  HB3  sing N N 270 
PRO CG  CD   sing N N 271 
PRO CG  HG2  sing N N 272 
PRO CG  HG3  sing N N 273 
PRO CD  HD2  sing N N 274 
PRO CD  HD3  sing N N 275 
PRO OXT HXT  sing N N 276 
SER N   CA   sing N N 277 
SER N   H    sing N N 278 
SER N   H2   sing N N 279 
SER CA  C    sing N N 280 
SER CA  CB   sing N N 281 
SER CA  HA   sing N N 282 
SER C   O    doub N N 283 
SER C   OXT  sing N N 284 
SER CB  OG   sing N N 285 
SER CB  HB2  sing N N 286 
SER CB  HB3  sing N N 287 
SER OG  HG   sing N N 288 
SER OXT HXT  sing N N 289 
THR N   CA   sing N N 290 
THR N   H    sing N N 291 
THR N   H2   sing N N 292 
THR CA  C    sing N N 293 
THR CA  CB   sing N N 294 
THR CA  HA   sing N N 295 
THR C   O    doub N N 296 
THR C   OXT  sing N N 297 
THR CB  OG1  sing N N 298 
THR CB  CG2  sing N N 299 
THR CB  HB   sing N N 300 
THR OG1 HG1  sing N N 301 
THR CG2 HG21 sing N N 302 
THR CG2 HG22 sing N N 303 
THR CG2 HG23 sing N N 304 
THR OXT HXT  sing N N 305 
TRP N   CA   sing N N 306 
TRP N   H    sing N N 307 
TRP N   H2   sing N N 308 
TRP CA  C    sing N N 309 
TRP CA  CB   sing N N 310 
TRP CA  HA   sing N N 311 
TRP C   O    doub N N 312 
TRP C   OXT  sing N N 313 
TRP CB  CG   sing N N 314 
TRP CB  HB2  sing N N 315 
TRP CB  HB3  sing N N 316 
TRP CG  CD1  doub Y N 317 
TRP CG  CD2  sing Y N 318 
TRP CD1 NE1  sing Y N 319 
TRP CD1 HD1  sing N N 320 
TRP CD2 CE2  doub Y N 321 
TRP CD2 CE3  sing Y N 322 
TRP NE1 CE2  sing Y N 323 
TRP NE1 HE1  sing N N 324 
TRP CE2 CZ2  sing Y N 325 
TRP CE3 CZ3  doub Y N 326 
TRP CE3 HE3  sing N N 327 
TRP CZ2 CH2  doub Y N 328 
TRP CZ2 HZ2  sing N N 329 
TRP CZ3 CH2  sing Y N 330 
TRP CZ3 HZ3  sing N N 331 
TRP CH2 HH2  sing N N 332 
TRP OXT HXT  sing N N 333 
TYR N   CA   sing N N 334 
TYR N   H    sing N N 335 
TYR N   H2   sing N N 336 
TYR CA  C    sing N N 337 
TYR CA  CB   sing N N 338 
TYR CA  HA   sing N N 339 
TYR C   O    doub N N 340 
TYR C   OXT  sing N N 341 
TYR CB  CG   sing N N 342 
TYR CB  HB2  sing N N 343 
TYR CB  HB3  sing N N 344 
TYR CG  CD1  doub Y N 345 
TYR CG  CD2  sing Y N 346 
TYR CD1 CE1  sing Y N 347 
TYR CD1 HD1  sing N N 348 
TYR CD2 CE2  doub Y N 349 
TYR CD2 HD2  sing N N 350 
TYR CE1 CZ   doub Y N 351 
TYR CE1 HE1  sing N N 352 
TYR CE2 CZ   sing Y N 353 
TYR CE2 HE2  sing N N 354 
TYR CZ  OH   sing N N 355 
TYR OH  HH   sing N N 356 
TYR OXT HXT  sing N N 357 
VAL N   CA   sing N N 358 
VAL N   H    sing N N 359 
VAL N   H2   sing N N 360 
VAL CA  C    sing N N 361 
VAL CA  CB   sing N N 362 
VAL CA  HA   sing N N 363 
VAL C   O    doub N N 364 
VAL C   OXT  sing N N 365 
VAL CB  CG1  sing N N 366 
VAL CB  CG2  sing N N 367 
VAL CB  HB   sing N N 368 
VAL CG1 HG11 sing N N 369 
VAL CG1 HG12 sing N N 370 
VAL CG1 HG13 sing N N 371 
VAL CG2 HG21 sing N N 372 
VAL CG2 HG22 sing N N 373 
VAL CG2 HG23 sing N N 374 
VAL OXT HXT  sing N N 375 
# 
_atom_sites.entry_id                    1P4U 
_atom_sites.fract_transf_matrix[1][1]   -0.01467698 
_atom_sites.fract_transf_matrix[1][2]   0.01627148 
_atom_sites.fract_transf_matrix[1][3]   -0.00304901 
_atom_sites.fract_transf_matrix[2][1]   -0.00233418 
_atom_sites.fract_transf_matrix[2][2]   -0.00411798 
_atom_sites.fract_transf_matrix[2][3]   -0.01074016 
_atom_sites.fract_transf_matrix[3][1]   -0.00743646 
_atom_sites.fract_transf_matrix[3][2]   -0.00597556 
_atom_sites.fract_transf_matrix[3][3]   0.00390732 
_atom_sites.fract_transf_vector[1]      0.380571 
_atom_sites.fract_transf_vector[2]      0.627313 
_atom_sites.fract_transf_vector[3]      0.391852 
# 
loop_
_atom_type.symbol 
C 
N 
O 
S 
# 
loop_
_atom_site.group_PDB 
_atom_site.id 
_atom_site.type_symbol 
_atom_site.label_atom_id 
_atom_site.label_alt_id 
_atom_site.label_comp_id 
_atom_site.label_asym_id 
_atom_site.label_entity_id 
_atom_site.label_seq_id 
_atom_site.pdbx_PDB_ins_code 
_atom_site.Cartn_x 
_atom_site.Cartn_y 
_atom_site.Cartn_z 
_atom_site.occupancy 
_atom_site.B_iso_or_equiv 
_atom_site.pdbx_formal_charge 
_atom_site.auth_seq_id 
_atom_site.auth_comp_id 
_atom_site.auth_asym_id 
_atom_site.auth_atom_id 
_atom_site.pdbx_PDB_model_num 
ATOM   1    N N   . LEU A 1 9   ? -5.116  -20.246 5.424   1.00 35.93  ? 579 LEU A N   1 
ATOM   2    C CA  . LEU A 1 9   ? -4.266  -19.035 5.203   1.00 35.21  ? 579 LEU A CA  1 
ATOM   3    C C   . LEU A 1 9   ? -4.871  -17.793 5.860   1.00 33.65  ? 579 LEU A C   1 
ATOM   4    O O   . LEU A 1 9   ? -6.030  -17.454 5.621   1.00 34.44  ? 579 LEU A O   1 
ATOM   5    C CB  . LEU A 1 9   ? -4.093  -18.778 3.704   1.00 35.73  ? 579 LEU A CB  1 
ATOM   6    C CG  . LEU A 1 9   ? -3.316  -17.511 3.337   1.00 36.37  ? 579 LEU A CG  1 
ATOM   7    C CD1 . LEU A 1 9   ? -1.890  -17.611 3.869   1.00 34.58  ? 579 LEU A CD1 1 
ATOM   8    C CD2 . LEU A 1 9   ? -3.316  -17.328 1.821   1.00 36.37  ? 579 LEU A CD2 1 
ATOM   9    N N   . SER A 1 10  ? -4.076  -17.110 6.679   1.00 31.23  ? 580 SER A N   1 
ATOM   10   C CA  . SER A 1 10  ? -4.540  -15.912 7.364   1.00 26.63  ? 580 SER A CA  1 
ATOM   11   C C   . SER A 1 10  ? -3.390  -14.937 7.589   1.00 24.79  ? 580 SER A C   1 
ATOM   12   O O   . SER A 1 10  ? -2.227  -15.281 7.383   1.00 23.78  ? 580 SER A O   1 
ATOM   13   C CB  . SER A 1 10  ? -5.169  -16.290 8.706   1.00 26.03  ? 580 SER A CB  1 
ATOM   14   O OG  . SER A 1 10  ? -5.729  -15.159 9.353   1.00 26.88  ? 580 SER A OG  1 
ATOM   15   N N   . LEU A 1 11  ? -3.735  -13.720 8.001   1.00 21.94  ? 581 LEU A N   1 
ATOM   16   C CA  . LEU A 1 11  ? -2.768  -12.653 8.281   1.00 18.82  ? 581 LEU A CA  1 
ATOM   17   C C   . LEU A 1 11  ? -3.239  -11.932 9.537   1.00 18.55  ? 581 LEU A C   1 
ATOM   18   O O   . LEU A 1 11  ? -2.649  -10.942 9.961   1.00 17.07  ? 581 LEU A O   1 
ATOM   19   C CB  . LEU A 1 11  ? -2.725  -11.653 7.118   1.00 17.26  ? 581 LEU A CB  1 
ATOM   20   C CG  . LEU A 1 11  ? -1.946  -11.988 5.844   1.00 15.36  ? 581 LEU A CG  1 
ATOM   21   C CD1 . LEU A 1 11  ? -2.322  -11.025 4.738   1.00 14.24  ? 581 LEU A CD1 1 
ATOM   22   C CD2 . LEU A 1 11  ? -0.450  -11.909 6.139   1.00 13.52  ? 581 LEU A CD2 1 
ATOM   23   N N   . ALA A 1 12  ? -4.320  -12.448 10.113  1.00 19.19  ? 582 ALA A N   1 
ATOM   24   C CA  . ALA A 1 12  ? -4.939  -11.876 11.301  1.00 20.66  ? 582 ALA A CA  1 
ATOM   25   C C   . ALA A 1 12  ? -3.970  -11.599 12.442  1.00 20.45  ? 582 ALA A C   1 
ATOM   26   O O   . ALA A 1 12  ? -4.032  -10.551 13.078  1.00 20.57  ? 582 ALA A O   1 
ATOM   27   C CB  . ALA A 1 12  ? -6.069  -12.797 11.790  1.00 20.22  ? 582 ALA A CB  1 
ATOM   28   N N   . SER A 1 13  ? -3.077  -12.540 12.704  1.00 19.75  ? 583 SER A N   1 
ATOM   29   C CA  . SER A 1 13  ? -2.128  -12.372 13.791  1.00 19.74  ? 583 SER A CA  1 
ATOM   30   C C   . SER A 1 13  ? -0.851  -11.650 13.374  1.00 18.70  ? 583 SER A C   1 
ATOM   31   O O   . SER A 1 13  ? 0.111   -11.620 14.135  1.00 18.89  ? 583 SER A O   1 
ATOM   32   C CB  . SER A 1 13  ? -1.761  -13.738 14.367  1.00 20.07  ? 583 SER A CB  1 
ATOM   33   O OG  . SER A 1 13  ? -0.993  -14.470 13.431  1.00 21.28  ? 583 SER A OG  1 
ATOM   34   N N   . ILE A 1 14  ? -0.830  -11.060 12.184  1.00 16.96  ? 584 ILE A N   1 
ATOM   35   C CA  . ILE A 1 14  ? 0.376   -10.375 11.738  1.00 17.09  ? 584 ILE A CA  1 
ATOM   36   C C   . ILE A 1 14  ? 0.287   -8.856  11.684  1.00 15.48  ? 584 ILE A C   1 
ATOM   37   O O   . ILE A 1 14  ? -0.563  -8.289  11.000  1.00 14.60  ? 584 ILE A O   1 
ATOM   38   C CB  . ILE A 1 14  ? 0.822   -10.863 10.339  1.00 18.66  ? 584 ILE A CB  1 
ATOM   39   C CG1 . ILE A 1 14  ? 1.135   -12.356 10.382  1.00 18.92  ? 584 ILE A CG1 1 
ATOM   40   C CG2 . ILE A 1 14  ? 2.064   -10.095 9.888   1.00 18.91  ? 584 ILE A CG2 1 
ATOM   41   C CD1 . ILE A 1 14  ? 1.509   -12.912 9.033   1.00 20.46  ? 584 ILE A CD1 1 
ATOM   42   N N   . HIS A 1 15  ? 1.175   -8.204  12.423  1.00 14.69  ? 585 HIS A N   1 
ATOM   43   C CA  . HIS A 1 15  ? 1.244   -6.755  12.428  1.00 14.97  ? 585 HIS A CA  1 
ATOM   44   C C   . HIS A 1 15  ? 2.717   -6.384  12.401  1.00 15.58  ? 585 HIS A C   1 
ATOM   45   O O   . HIS A 1 15  ? 3.459   -6.675  13.349  1.00 16.42  ? 585 HIS A O   1 
ATOM   46   C CB  . HIS A 1 15  ? 0.573   -6.162  13.668  1.00 15.99  ? 585 HIS A CB  1 
ATOM   47   C CG  . HIS A 1 15  ? 0.455   -4.671  13.625  1.00 17.11  ? 585 HIS A CG  1 
ATOM   48   N ND1 . HIS A 1 15  ? 1.542   -3.833  13.764  1.00 19.37  ? 585 HIS A ND1 1 
ATOM   49   C CD2 . HIS A 1 15  ? -0.613  -3.867  13.403  1.00 19.50  ? 585 HIS A CD2 1 
ATOM   50   C CE1 . HIS A 1 15  ? 1.150   -2.578  13.629  1.00 18.93  ? 585 HIS A CE1 1 
ATOM   51   N NE2 . HIS A 1 15  ? -0.153  -2.571  13.410  1.00 19.95  ? 585 HIS A NE2 1 
ATOM   52   N N   . VAL A 1 16  ? 3.143   -5.773  11.298  1.00 14.55  ? 586 VAL A N   1 
ATOM   53   C CA  . VAL A 1 16  ? 4.527   -5.354  11.137  1.00 14.01  ? 586 VAL A CA  1 
ATOM   54   C C   . VAL A 1 16  ? 4.663   -3.855  11.397  1.00 15.57  ? 586 VAL A C   1 
ATOM   55   O O   . VAL A 1 16  ? 4.260   -3.032  10.574  1.00 15.53  ? 586 VAL A O   1 
ATOM   56   C CB  . VAL A 1 16  ? 5.042   -5.670  9.714   1.00 13.00  ? 586 VAL A CB  1 
ATOM   57   C CG1 . VAL A 1 16  ? 6.486   -5.185  9.555   1.00 11.13  ? 586 VAL A CG1 1 
ATOM   58   C CG2 . VAL A 1 16  ? 4.970   -7.167  9.470   1.00 11.78  ? 586 VAL A CG2 1 
ATOM   59   N N   . PRO A 1 17  ? 5.236   -3.485  12.554  1.00 16.14  ? 587 PRO A N   1 
ATOM   60   C CA  . PRO A 1 17  ? 5.431   -2.082  12.937  1.00 15.64  ? 587 PRO A CA  1 
ATOM   61   C C   . PRO A 1 17  ? 6.208   -1.333  11.867  1.00 16.51  ? 587 PRO A C   1 
ATOM   62   O O   . PRO A 1 17  ? 7.209   -1.835  11.350  1.00 14.20  ? 587 PRO A O   1 
ATOM   63   C CB  . PRO A 1 17  ? 6.211   -2.187  14.244  1.00 16.18  ? 587 PRO A CB  1 
ATOM   64   C CG  . PRO A 1 17  ? 5.732   -3.480  14.814  1.00 16.30  ? 587 PRO A CG  1 
ATOM   65   C CD  . PRO A 1 17  ? 5.761   -4.381  13.595  1.00 14.66  ? 587 PRO A CD  1 
ATOM   66   N N   . LEU A 1 18  ? 5.743   -0.132  11.534  1.00 17.50  ? 588 LEU A N   1 
ATOM   67   C CA  . LEU A 1 18  ? 6.405   0.674   10.517  1.00 19.48  ? 588 LEU A CA  1 
ATOM   68   C C   . LEU A 1 18  ? 7.890   0.842   10.835  1.00 21.11  ? 588 LEU A C   1 
ATOM   69   O O   . LEU A 1 18  ? 8.749   0.555   9.998   1.00 20.20  ? 588 LEU A O   1 
ATOM   70   C CB  . LEU A 1 18  ? 5.745   2.050   10.418  1.00 19.29  ? 588 LEU A CB  1 
ATOM   71   C CG  . LEU A 1 18  ? 6.367   2.982   9.373   1.00 21.15  ? 588 LEU A CG  1 
ATOM   72   C CD1 . LEU A 1 18  ? 5.950   2.528   7.978   1.00 19.05  ? 588 LEU A CD1 1 
ATOM   73   C CD2 . LEU A 1 18  ? 5.927   4.418   9.626   1.00 19.59  ? 588 LEU A CD2 1 
ATOM   74   N N   . GLU A 1 19  ? 8.178   1.292   12.056  1.00 21.30  ? 589 GLU A N   1 
ATOM   75   C CA  . GLU A 1 19  ? 9.548   1.523   12.502  1.00 22.90  ? 589 GLU A CA  1 
ATOM   76   C C   . GLU A 1 19  ? 10.454  0.315   12.355  1.00 21.14  ? 589 GLU A C   1 
ATOM   77   O O   . GLU A 1 19  ? 11.663  0.458   12.229  1.00 22.78  ? 589 GLU A O   1 
ATOM   78   C CB  . GLU A 1 19  ? 9.573   1.953   13.971  1.00 27.48  ? 589 GLU A CB  1 
ATOM   79   C CG  . GLU A 1 19  ? 8.797   3.214   14.294  1.00 35.35  ? 589 GLU A CG  1 
ATOM   80   C CD  . GLU A 1 19  ? 9.152   3.774   15.672  1.00 40.29  ? 589 GLU A CD  1 
ATOM   81   O OE1 . GLU A 1 19  ? 9.089   3.008   16.662  1.00 41.97  ? 589 GLU A OE1 1 
ATOM   82   O OE2 . GLU A 1 19  ? 9.496   4.977   15.763  1.00 42.07  ? 589 GLU A OE2 1 
ATOM   83   N N   . SER A 1 20  ? 9.873   -0.876  12.371  1.00 20.17  ? 590 SER A N   1 
ATOM   84   C CA  . SER A 1 20  ? 10.655  -2.106  12.274  1.00 18.35  ? 590 SER A CA  1 
ATOM   85   C C   . SER A 1 20  ? 11.027  -2.505  10.845  1.00 17.14  ? 590 SER A C   1 
ATOM   86   O O   . SER A 1 20  ? 11.860  -3.382  10.641  1.00 17.37  ? 590 SER A O   1 
ATOM   87   C CB  . SER A 1 20  ? 9.869   -3.254  12.903  1.00 18.22  ? 590 SER A CB  1 
ATOM   88   O OG  . SER A 1 20  ? 8.851   -3.697  12.017  1.00 18.89  ? 590 SER A OG  1 
ATOM   89   N N   . ILE A 1 21  ? 10.415  -1.855  9.863   1.00 16.71  ? 591 ILE A N   1 
ATOM   90   C CA  . ILE A 1 21  ? 10.651  -2.189  8.465   1.00 16.42  ? 591 ILE A CA  1 
ATOM   91   C C   . ILE A 1 21  ? 11.918  -1.643  7.812   1.00 18.17  ? 591 ILE A C   1 
ATOM   92   O O   . ILE A 1 21  ? 12.086  -0.433  7.659   1.00 17.76  ? 591 ILE A O   1 
ATOM   93   C CB  . ILE A 1 21  ? 9.439   -1.777  7.611   1.00 16.13  ? 591 ILE A CB  1 
ATOM   94   C CG1 . ILE A 1 21  ? 8.181   -2.446  8.182   1.00 13.99  ? 591 ILE A CG1 1 
ATOM   95   C CG2 . ILE A 1 21  ? 9.675   -2.162  6.146   1.00 11.92  ? 591 ILE A CG2 1 
ATOM   96   C CD1 . ILE A 1 21  ? 6.906   -2.132  7.451   1.00 15.93  ? 591 ILE A CD1 1 
ATOM   97   N N   . LYS A 1 22  ? 12.798  -2.559  7.413   1.00 17.75  ? 592 LYS A N   1 
ATOM   98   C CA  . LYS A 1 22  ? 14.042  -2.205  6.754   1.00 18.20  ? 592 LYS A CA  1 
ATOM   99   C C   . LYS A 1 22  ? 13.803  -2.067  5.257   1.00 19.69  ? 592 LYS A C   1 
ATOM   100  O O   . LYS A 1 22  ? 12.949  -2.752  4.683   1.00 17.59  ? 592 LYS A O   1 
ATOM   101  C CB  . LYS A 1 22  ? 15.105  -3.273  7.008   1.00 17.14  ? 592 LYS A CB  1 
ATOM   102  C CG  . LYS A 1 22  ? 15.390  -3.503  8.479   1.00 21.03  ? 592 LYS A CG  1 
ATOM   103  C CD  . LYS A 1 22  ? 16.631  -4.356  8.672   1.00 24.94  ? 592 LYS A CD  1 
ATOM   104  C CE  . LYS A 1 22  ? 16.848  -4.673  10.135  1.00 26.08  ? 592 LYS A CE  1 
ATOM   105  N NZ  . LYS A 1 22  ? 15.753  -5.538  10.651  1.00 29.51  ? 592 LYS A NZ  1 
ATOM   106  N N   . PRO A 1 23  ? 14.566  -1.181  4.602   1.00 19.41  ? 593 PRO A N   1 
ATOM   107  C CA  . PRO A 1 23  ? 14.443  -0.941  3.162   1.00 19.07  ? 593 PRO A CA  1 
ATOM   108  C C   . PRO A 1 23  ? 15.033  -2.071  2.341   1.00 18.42  ? 593 PRO A C   1 
ATOM   109  O O   . PRO A 1 23  ? 16.019  -2.685  2.740   1.00 18.39  ? 593 PRO A O   1 
ATOM   110  C CB  . PRO A 1 23  ? 15.227  0.361   2.941   1.00 20.46  ? 593 PRO A CB  1 
ATOM   111  C CG  . PRO A 1 23  ? 15.454  0.922   4.345   1.00 22.44  ? 593 PRO A CG  1 
ATOM   112  C CD  . PRO A 1 23  ? 15.577  -0.296  5.199   1.00 20.03  ? 593 PRO A CD  1 
ATOM   113  N N   . SER A 1 24  ? 14.418  -2.344  1.197   1.00 19.31  ? 594 SER A N   1 
ATOM   114  C CA  . SER A 1 24  ? 14.910  -3.369  0.291   1.00 19.22  ? 594 SER A CA  1 
ATOM   115  C C   . SER A 1 24  ? 15.749  -2.575  -0.693  1.00 19.93  ? 594 SER A C   1 
ATOM   116  O O   . SER A 1 24  ? 15.902  -1.369  -0.541  1.00 19.82  ? 594 SER A O   1 
ATOM   117  C CB  . SER A 1 24  ? 13.763  -4.037  -0.464  1.00 19.25  ? 594 SER A CB  1 
ATOM   118  O OG  . SER A 1 24  ? 13.229  -3.157  -1.440  1.00 18.45  ? 594 SER A OG  1 
ATOM   119  N N   . SER A 1 25  ? 16.291  -3.240  -1.702  1.00 21.88  ? 595 SER A N   1 
ATOM   120  C CA  . SER A 1 25  ? 17.095  -2.538  -2.694  1.00 22.77  ? 595 SER A CA  1 
ATOM   121  C C   . SER A 1 25  ? 16.247  -2.289  -3.935  1.00 22.24  ? 595 SER A C   1 
ATOM   122  O O   . SER A 1 25  ? 16.735  -1.793  -4.947  1.00 25.33  ? 595 SER A O   1 
ATOM   123  C CB  . SER A 1 25  ? 18.322  -3.372  -3.055  1.00 21.35  ? 595 SER A CB  1 
ATOM   124  O OG  . SER A 1 25  ? 17.925  -4.614  -3.591  1.00 24.62  ? 595 SER A OG  1 
ATOM   125  N N   . ALA A 1 26  ? 14.970  -2.635  -3.845  1.00 21.37  ? 596 ALA A N   1 
ATOM   126  C CA  . ALA A 1 26  ? 14.050  -2.467  -4.962  1.00 21.51  ? 596 ALA A CA  1 
ATOM   127  C C   . ALA A 1 26  ? 13.503  -1.047  -5.052  1.00 20.41  ? 596 ALA A C   1 
ATOM   128  O O   . ALA A 1 26  ? 13.433  -0.325  -4.058  1.00 18.58  ? 596 ALA A O   1 
ATOM   129  C CB  . ALA A 1 26  ? 12.889  -3.473  -4.840  1.00 20.84  ? 596 ALA A CB  1 
ATOM   130  N N   . LEU A 1 27  ? 13.133  -0.652  -6.264  1.00 20.24  ? 597 LEU A N   1 
ATOM   131  C CA  . LEU A 1 27  ? 12.569  0.666   -6.508  1.00 19.56  ? 597 LEU A CA  1 
ATOM   132  C C   . LEU A 1 27  ? 11.079  0.635   -6.211  1.00 18.43  ? 597 LEU A C   1 
ATOM   133  O O   . LEU A 1 27  ? 10.412  -0.371  -6.440  1.00 18.05  ? 597 LEU A O   1 
ATOM   134  C CB  . LEU A 1 27  ? 12.789  1.081   -7.963  1.00 19.07  ? 597 LEU A CB  1 
ATOM   135  C CG  . LEU A 1 27  ? 14.096  1.819   -8.282  1.00 23.22  ? 597 LEU A CG  1 
ATOM   136  C CD1 . LEU A 1 27  ? 15.267  1.151   -7.586  1.00 22.19  ? 597 LEU A CD1 1 
ATOM   137  C CD2 . LEU A 1 27  ? 14.303  1.840   -9.795  1.00 21.81  ? 597 LEU A CD2 1 
ATOM   138  N N   . PRO A 1 28  ? 10.537  1.737   -5.680  1.00 17.88  ? 598 PRO A N   1 
ATOM   139  C CA  . PRO A 1 28  ? 9.106   1.788   -5.370  1.00 17.11  ? 598 PRO A CA  1 
ATOM   140  C C   . PRO A 1 28  ? 8.322   1.742   -6.680  1.00 16.66  ? 598 PRO A C   1 
ATOM   141  O O   . PRO A 1 28  ? 8.786   2.254   -7.694  1.00 14.90  ? 598 PRO A O   1 
ATOM   142  C CB  . PRO A 1 28  ? 8.947   3.143   -4.677  1.00 16.82  ? 598 PRO A CB  1 
ATOM   143  C CG  . PRO A 1 28  ? 10.308  3.430   -4.135  1.00 18.86  ? 598 PRO A CG  1 
ATOM   144  C CD  . PRO A 1 28  ? 11.217  2.964   -5.236  1.00 17.66  ? 598 PRO A CD  1 
ATOM   145  N N   . VAL A 1 29  ? 7.143   1.133   -6.663  1.00 16.01  ? 599 VAL A N   1 
ATOM   146  C CA  . VAL A 1 29  ? 6.319   1.072   -7.857  1.00 15.84  ? 599 VAL A CA  1 
ATOM   147  C C   . VAL A 1 29  ? 5.127   2.011   -7.681  1.00 16.51  ? 599 VAL A C   1 
ATOM   148  O O   . VAL A 1 29  ? 4.653   2.229   -6.567  1.00 16.02  ? 599 VAL A O   1 
ATOM   149  C CB  . VAL A 1 29  ? 5.805   -0.354  -8.112  1.00 15.00  ? 599 VAL A CB  1 
ATOM   150  C CG1 . VAL A 1 29  ? 6.977   -1.314  -8.153  1.00 15.86  ? 599 VAL A CG1 1 
ATOM   151  C CG2 . VAL A 1 29  ? 4.821   -0.748  -7.043  1.00 13.65  ? 599 VAL A CG2 1 
ATOM   152  N N   . THR A 1 30  ? 4.659   2.576   -8.787  1.00 16.65  ? 600 THR A N   1 
ATOM   153  C CA  . THR A 1 30  ? 3.523   3.480   -8.768  1.00 17.43  ? 600 THR A CA  1 
ATOM   154  C C   . THR A 1 30  ? 2.210   2.709   -8.855  1.00 18.47  ? 600 THR A C   1 
ATOM   155  O O   . THR A 1 30  ? 1.964   1.976   -9.817  1.00 19.40  ? 600 THR A O   1 
ATOM   156  C CB  . THR A 1 30  ? 3.595   4.459   -9.943  1.00 16.81  ? 600 THR A CB  1 
ATOM   157  O OG1 . THR A 1 30  ? 4.806   5.216   -9.843  1.00 18.23  ? 600 THR A OG1 1 
ATOM   158  C CG2 . THR A 1 30  ? 2.381   5.412   -9.934  1.00 15.29  ? 600 THR A CG2 1 
ATOM   159  N N   . ALA A 1 31  ? 1.363   2.871   -7.851  1.00 18.50  ? 601 ALA A N   1 
ATOM   160  C CA  . ALA A 1 31  ? 0.083   2.180   -7.851  1.00 18.48  ? 601 ALA A CA  1 
ATOM   161  C C   . ALA A 1 31  ? -0.978  3.118   -8.399  1.00 17.88  ? 601 ALA A C   1 
ATOM   162  O O   . ALA A 1 31  ? -1.889  2.703   -9.116  1.00 17.62  ? 601 ALA A O   1 
ATOM   163  C CB  . ALA A 1 31  ? -0.281  1.754   -6.435  1.00 17.16  ? 601 ALA A CB  1 
ATOM   164  N N   . TYR A 1 32  ? -0.831  4.393   -8.072  1.00 17.56  ? 602 TYR A N   1 
ATOM   165  C CA  . TYR A 1 32  ? -1.779  5.416   -8.488  1.00 18.02  ? 602 TYR A CA  1 
ATOM   166  C C   . TYR A 1 32  ? -1.110  6.783   -8.543  1.00 18.91  ? 602 TYR A C   1 
ATOM   167  O O   . TYR A 1 32  ? -0.353  7.149   -7.643  1.00 19.84  ? 602 TYR A O   1 
ATOM   168  C CB  . TYR A 1 32  ? -2.928  5.470   -7.478  1.00 15.62  ? 602 TYR A CB  1 
ATOM   169  C CG  . TYR A 1 32  ? -3.900  6.615   -7.662  1.00 15.93  ? 602 TYR A CG  1 
ATOM   170  C CD1 . TYR A 1 32  ? -5.031  6.476   -8.468  1.00 15.68  ? 602 TYR A CD1 1 
ATOM   171  C CD2 . TYR A 1 32  ? -3.714  7.827   -6.993  1.00 14.28  ? 602 TYR A CD2 1 
ATOM   172  C CE1 . TYR A 1 32  ? -5.957  7.509   -8.594  1.00 14.08  ? 602 TYR A CE1 1 
ATOM   173  C CE2 . TYR A 1 32  ? -4.631  8.865   -7.115  1.00 12.56  ? 602 TYR A CE2 1 
ATOM   174  C CZ  . TYR A 1 32  ? -5.753  8.697   -7.912  1.00 13.70  ? 602 TYR A CZ  1 
ATOM   175  O OH  . TYR A 1 32  ? -6.696  9.693   -7.985  1.00 10.55  ? 602 TYR A OH  1 
ATOM   176  N N   . ASP A 1 33  ? -1.401  7.536   -9.596  1.00 19.63  ? 603 ASP A N   1 
ATOM   177  C CA  . ASP A 1 33  ? -0.864  8.879   -9.738  1.00 20.23  ? 603 ASP A CA  1 
ATOM   178  C C   . ASP A 1 33  ? -1.814  9.736   -10.564 1.00 21.61  ? 603 ASP A C   1 
ATOM   179  O O   . ASP A 1 33  ? -1.942  9.558   -11.780 1.00 22.43  ? 603 ASP A O   1 
ATOM   180  C CB  . ASP A 1 33  ? 0.508   8.865   -10.405 1.00 19.00  ? 603 ASP A CB  1 
ATOM   181  C CG  . ASP A 1 33  ? 1.213   10.195  -10.272 1.00 18.69  ? 603 ASP A CG  1 
ATOM   182  O OD1 . ASP A 1 33  ? 2.238   10.408  -10.949 1.00 21.30  ? 603 ASP A OD1 1 
ATOM   183  O OD2 . ASP A 1 33  ? 0.735   11.032  -9.476  1.00 17.25  ? 603 ASP A OD2 1 
ATOM   184  N N   . LYS A 1 34  ? -2.482  10.668  -9.897  1.00 22.15  ? 604 LYS A N   1 
ATOM   185  C CA  . LYS A 1 34  ? -3.421  11.530  -10.579 1.00 22.84  ? 604 LYS A CA  1 
ATOM   186  C C   . LYS A 1 34  ? -3.631  12.807  -9.790  1.00 23.68  ? 604 LYS A C   1 
ATOM   187  O O   . LYS A 1 34  ? -3.802  12.773  -8.571  1.00 24.09  ? 604 LYS A O   1 
ATOM   188  C CB  . LYS A 1 34  ? -4.748  10.800  -10.752 1.00 25.62  ? 604 LYS A CB  1 
ATOM   189  C CG  . LYS A 1 34  ? -5.731  11.487  -11.688 1.00 27.41  ? 604 LYS A CG  1 
ATOM   190  C CD  . LYS A 1 34  ? -7.085  10.783  -11.679 1.00 28.47  ? 604 LYS A CD  1 
ATOM   191  C CE  . LYS A 1 34  ? -6.944  9.262   -11.579 1.00 30.01  ? 604 LYS A CE  1 
ATOM   192  N NZ  . LYS A 1 34  ? -6.059  8.657   -12.612 1.00 31.41  ? 604 LYS A NZ  1 
ATOM   193  N N   . ASN A 1 35  ? -3.607  13.930  -10.501 1.00 22.95  ? 605 ASN A N   1 
ATOM   194  C CA  . ASN A 1 35  ? -3.798  15.245  -9.915  1.00 22.27  ? 605 ASN A CA  1 
ATOM   195  C C   . ASN A 1 35  ? -2.874  15.572  -8.752  1.00 20.92  ? 605 ASN A C   1 
ATOM   196  O O   . ASN A 1 35  ? -3.296  16.180  -7.771  1.00 21.65  ? 605 ASN A O   1 
ATOM   197  C CB  . ASN A 1 35  ? -5.255  15.424  -9.482  1.00 26.71  ? 605 ASN A CB  1 
ATOM   198  C CG  . ASN A 1 35  ? -6.218  15.352  -10.652 1.00 31.51  ? 605 ASN A CG  1 
ATOM   199  O OD1 . ASN A 1 35  ? -5.949  15.896  -11.727 1.00 35.09  ? 605 ASN A OD1 1 
ATOM   200  N ND2 . ASN A 1 35  ? -7.354  14.690  -10.449 1.00 33.41  ? 605 ASN A ND2 1 
ATOM   201  N N   . GLY A 1 36  ? -1.615  15.168  -8.863  1.00 19.39  ? 606 GLY A N   1 
ATOM   202  C CA  . GLY A 1 36  ? -0.644  15.467  -7.826  1.00 17.81  ? 606 GLY A CA  1 
ATOM   203  C C   . GLY A 1 36  ? -0.680  14.551  -6.626  1.00 18.69  ? 606 GLY A C   1 
ATOM   204  O O   . GLY A 1 36  ? 0.059   14.750  -5.669  1.00 19.53  ? 606 GLY A O   1 
ATOM   205  N N   . PHE A 1 37  ? -1.533  13.539  -6.685  1.00 18.29  ? 607 PHE A N   1 
ATOM   206  C CA  . PHE A 1 37  ? -1.686  12.586  -5.595  1.00 17.44  ? 607 PHE A CA  1 
ATOM   207  C C   . PHE A 1 37  ? -1.125  11.252  -6.070  1.00 17.14  ? 607 PHE A C   1 
ATOM   208  O O   . PHE A 1 37  ? -1.735  10.581  -6.915  1.00 13.15  ? 607 PHE A O   1 
ATOM   209  C CB  . PHE A 1 37  ? -3.178  12.457  -5.264  1.00 20.52  ? 607 PHE A CB  1 
ATOM   210  C CG  . PHE A 1 37  ? -3.493  11.541  -4.105  1.00 21.11  ? 607 PHE A CG  1 
ATOM   211  C CD1 . PHE A 1 37  ? -2.491  10.899  -3.392  1.00 22.74  ? 607 PHE A CD1 1 
ATOM   212  C CD2 . PHE A 1 37  ? -4.812  11.359  -3.707  1.00 21.56  ? 607 PHE A CD2 1 
ATOM   213  C CE1 . PHE A 1 37  ? -2.798  10.097  -2.303  1.00 23.46  ? 607 PHE A CE1 1 
ATOM   214  C CE2 . PHE A 1 37  ? -5.125  10.558  -2.617  1.00 22.81  ? 607 PHE A CE2 1 
ATOM   215  C CZ  . PHE A 1 37  ? -4.120  9.929   -1.916  1.00 21.76  ? 607 PHE A CZ  1 
ATOM   216  N N   . ARG A 1 38  ? 0.045   10.877  -5.550  1.00 16.67  ? 608 ARG A N   1 
ATOM   217  C CA  . ARG A 1 38  ? 0.651   9.614   -5.940  1.00 16.24  ? 608 ARG A CA  1 
ATOM   218  C C   . ARG A 1 38  ? 0.823   8.635   -4.796  1.00 15.84  ? 608 ARG A C   1 
ATOM   219  O O   . ARG A 1 38  ? 1.221   8.996   -3.685  1.00 15.72  ? 608 ARG A O   1 
ATOM   220  C CB  . ARG A 1 38  ? 2.007   9.817   -6.611  1.00 18.37  ? 608 ARG A CB  1 
ATOM   221  C CG  . ARG A 1 38  ? 2.575   8.495   -7.139  1.00 18.29  ? 608 ARG A CG  1 
ATOM   222  C CD  . ARG A 1 38  ? 3.775   8.683   -8.048  1.00 18.37  ? 608 ARG A CD  1 
ATOM   223  N NE  . ARG A 1 38  ? 4.940   9.199   -7.340  1.00 20.44  ? 608 ARG A NE  1 
ATOM   224  C CZ  . ARG A 1 38  ? 6.138   9.348   -7.896  1.00 21.15  ? 608 ARG A CZ  1 
ATOM   225  N NH1 . ARG A 1 38  ? 7.150   9.826   -7.183  1.00 23.80  ? 608 ARG A NH1 1 
ATOM   226  N NH2 . ARG A 1 38  ? 6.323   9.013   -9.168  1.00 21.97  ? 608 ARG A NH2 1 
ATOM   227  N N   . ILE A 1 39  ? 0.506   7.382   -5.084  1.00 15.19  ? 609 ILE A N   1 
ATOM   228  C CA  . ILE A 1 39  ? 0.632   6.329   -4.103  1.00 12.55  ? 609 ILE A CA  1 
ATOM   229  C C   . ILE A 1 39  ? 1.642   5.348   -4.636  1.00 11.94  ? 609 ILE A C   1 
ATOM   230  O O   . ILE A 1 39  ? 1.473   4.808   -5.728  1.00 10.65  ? 609 ILE A O   1 
ATOM   231  C CB  . ILE A 1 39  ? -0.704  5.594   -3.883  1.00 12.47  ? 609 ILE A CB  1 
ATOM   232  C CG1 . ILE A 1 39  ? -1.751  6.566   -3.333  1.00 10.01  ? 609 ILE A CG1 1 
ATOM   233  C CG2 . ILE A 1 39  ? -0.500  4.438   -2.919  1.00 9.89   ? 609 ILE A CG2 1 
ATOM   234  C CD1 . ILE A 1 39  ? -3.120  5.931   -3.098  1.00 10.40  ? 609 ILE A CD1 1 
ATOM   235  N N   . LEU A 1 40  ? 2.698   5.124   -3.865  1.00 11.89  ? 610 LEU A N   1 
ATOM   236  C CA  . LEU A 1 40  ? 3.739   4.189   -4.266  1.00 12.49  ? 610 LEU A CA  1 
ATOM   237  C C   . LEU A 1 40  ? 3.753   2.993   -3.323  1.00 12.59  ? 610 LEU A C   1 
ATOM   238  O O   . LEU A 1 40  ? 3.290   3.083   -2.186  1.00 13.81  ? 610 LEU A O   1 
ATOM   239  C CB  . LEU A 1 40  ? 5.115   4.869   -4.217  1.00 9.69   ? 610 LEU A CB  1 
ATOM   240  C CG  . LEU A 1 40  ? 5.382   6.105   -5.088  1.00 13.24  ? 610 LEU A CG  1 
ATOM   241  C CD1 . LEU A 1 40  ? 6.800   6.617   -4.808  1.00 12.13  ? 610 LEU A CD1 1 
ATOM   242  C CD2 . LEU A 1 40  ? 5.221   5.755   -6.571  1.00 11.24  ? 610 LEU A CD2 1 
ATOM   243  N N   . PHE A 1 41  ? 4.284   1.876   -3.804  1.00 14.46  ? 611 PHE A N   1 
ATOM   244  C CA  . PHE A 1 41  ? 4.422   0.671   -2.997  1.00 13.11  ? 611 PHE A CA  1 
ATOM   245  C C   . PHE A 1 41  ? 5.916   0.528   -2.739  1.00 13.25  ? 611 PHE A C   1 
ATOM   246  O O   . PHE A 1 41  ? 6.704   0.491   -3.673  1.00 12.42  ? 611 PHE A O   1 
ATOM   247  C CB  . PHE A 1 41  ? 3.940   -0.578  -3.752  1.00 15.03  ? 611 PHE A CB  1 
ATOM   248  C CG  . PHE A 1 41  ? 2.434   -0.744  -3.809  1.00 13.14  ? 611 PHE A CG  1 
ATOM   249  C CD1 . PHE A 1 41  ? 1.585   0.095   -3.097  1.00 14.24  ? 611 PHE A CD1 1 
ATOM   250  C CD2 . PHE A 1 41  ? 1.874   -1.771  -4.568  1.00 13.57  ? 611 PHE A CD2 1 
ATOM   251  C CE1 . PHE A 1 41  ? 0.197   -0.087  -3.140  1.00 13.66  ? 611 PHE A CE1 1 
ATOM   252  C CE2 . PHE A 1 41  ? 0.492   -1.961  -4.618  1.00 11.10  ? 611 PHE A CE2 1 
ATOM   253  C CZ  . PHE A 1 41  ? -0.346  -1.122  -3.904  1.00 12.49  ? 611 PHE A CZ  1 
ATOM   254  N N   . HIS A 1 42  ? 6.310   0.473   -1.474  1.00 14.91  ? 612 HIS A N   1 
ATOM   255  C CA  . HIS A 1 42  ? 7.715   0.303   -1.129  1.00 14.11  ? 612 HIS A CA  1 
ATOM   256  C C   . HIS A 1 42  ? 7.830   -1.110  -0.564  1.00 14.72  ? 612 HIS A C   1 
ATOM   257  O O   . HIS A 1 42  ? 7.228   -1.435  0.457   1.00 18.06  ? 612 HIS A O   1 
ATOM   258  C CB  . HIS A 1 42  ? 8.139   1.345   -0.091  1.00 13.73  ? 612 HIS A CB  1 
ATOM   259  C CG  . HIS A 1 42  ? 8.008   2.763   -0.570  1.00 13.36  ? 612 HIS A CG  1 
ATOM   260  N ND1 . HIS A 1 42  ? 9.080   3.501   -1.028  1.00 11.80  ? 612 HIS A ND1 1 
ATOM   261  C CD2 . HIS A 1 42  ? 6.926   3.570   -0.674  1.00 11.66  ? 612 HIS A CD2 1 
ATOM   262  C CE1 . HIS A 1 42  ? 8.664   4.701   -1.392  1.00 12.84  ? 612 HIS A CE1 1 
ATOM   263  N NE2 . HIS A 1 42  ? 7.360   4.769   -1.187  1.00 16.72  ? 612 HIS A NE2 1 
ATOM   264  N N   . PHE A 1 43  ? 8.587   -1.955  -1.245  1.00 13.37  ? 613 PHE A N   1 
ATOM   265  C CA  . PHE A 1 43  ? 8.742   -3.333  -0.821  1.00 15.49  ? 613 PHE A CA  1 
ATOM   266  C C   . PHE A 1 43  ? 9.791   -3.499  0.261   1.00 16.19  ? 613 PHE A C   1 
ATOM   267  O O   . PHE A 1 43  ? 10.944  -3.088  0.104   1.00 16.71  ? 613 PHE A O   1 
ATOM   268  C CB  . PHE A 1 43  ? 9.053   -4.196  -2.036  1.00 15.84  ? 613 PHE A CB  1 
ATOM   269  C CG  . PHE A 1 43  ? 7.995   -4.111  -3.098  1.00 16.39  ? 613 PHE A CG  1 
ATOM   270  C CD1 . PHE A 1 43  ? 8.261   -3.518  -4.323  1.00 17.78  ? 613 PHE A CD1 1 
ATOM   271  C CD2 . PHE A 1 43  ? 6.708   -4.559  -2.841  1.00 17.29  ? 613 PHE A CD2 1 
ATOM   272  C CE1 . PHE A 1 43  ? 7.263   -3.371  -5.272  1.00 17.49  ? 613 PHE A CE1 1 
ATOM   273  C CE2 . PHE A 1 43  ? 5.702   -4.416  -3.787  1.00 17.63  ? 613 PHE A CE2 1 
ATOM   274  C CZ  . PHE A 1 43  ? 5.979   -3.821  -5.002  1.00 17.81  ? 613 PHE A CZ  1 
ATOM   275  N N   . ALA A 1 44  ? 9.368   -4.084  1.377   1.00 14.25  ? 614 ALA A N   1 
ATOM   276  C CA  . ALA A 1 44  ? 10.260  -4.300  2.509   1.00 14.74  ? 614 ALA A CA  1 
ATOM   277  C C   . ALA A 1 44  ? 11.345  -5.323  2.192   1.00 12.92  ? 614 ALA A C   1 
ATOM   278  O O   . ALA A 1 44  ? 11.185  -6.180  1.330   1.00 10.86  ? 614 ALA A O   1 
ATOM   279  C CB  . ALA A 1 44  ? 9.461   -4.747  3.725   1.00 12.52  ? 614 ALA A CB  1 
ATOM   280  N N   . LYS A 1 45  ? 12.460  -5.209  2.894   1.00 12.59  ? 615 LYS A N   1 
ATOM   281  C CA  . LYS A 1 45  ? 13.574  -6.119  2.711   1.00 13.59  ? 615 LYS A CA  1 
ATOM   282  C C   . LYS A 1 45  ? 13.232  -7.499  3.261   1.00 14.02  ? 615 LYS A C   1 
ATOM   283  O O   . LYS A 1 45  ? 13.548  -8.528  2.656   1.00 12.79  ? 615 LYS A O   1 
ATOM   284  C CB  . LYS A 1 45  ? 14.790  -5.572  3.455   1.00 13.67  ? 615 LYS A CB  1 
ATOM   285  C CG  . LYS A 1 45  ? 15.971  -6.527  3.577   1.00 16.12  ? 615 LYS A CG  1 
ATOM   286  C CD  . LYS A 1 45  ? 16.968  -5.967  4.592   1.00 19.83  ? 615 LYS A CD  1 
ATOM   287  C CE  . LYS A 1 45  ? 18.365  -6.568  4.445   1.00 22.59  ? 615 LYS A CE  1 
ATOM   288  N NZ  . LYS A 1 45  ? 18.406  -8.020  4.716   1.00 22.02  ? 615 LYS A NZ  1 
ATOM   289  N N   . GLU A 1 46  ? 12.558  -7.503  4.408   1.00 15.11  ? 616 GLU A N   1 
ATOM   290  C CA  . GLU A 1 46  ? 12.230  -8.735  5.106   1.00 16.36  ? 616 GLU A CA  1 
ATOM   291  C C   . GLU A 1 46  ? 10.774  -9.143  5.166   1.00 15.15  ? 616 GLU A C   1 
ATOM   292  O O   . GLU A 1 46  ? 9.884   -8.376  4.833   1.00 16.07  ? 616 GLU A O   1 
ATOM   293  C CB  . GLU A 1 46  ? 12.768  -8.635  6.534   1.00 16.57  ? 616 GLU A CB  1 
ATOM   294  C CG  . GLU A 1 46  ? 14.225  -8.197  6.593   1.00 22.51  ? 616 GLU A CG  1 
ATOM   295  C CD  . GLU A 1 46  ? 14.735  -8.041  8.012   1.00 25.30  ? 616 GLU A CD  1 
ATOM   296  O OE1 . GLU A 1 46  ? 14.162  -7.231  8.767   1.00 27.26  ? 616 GLU A OE1 1 
ATOM   297  O OE2 . GLU A 1 46  ? 15.715  -8.730  8.370   1.00 28.31  ? 616 GLU A OE2 1 
ATOM   298  N N   . CYS A 1 47  ? 10.561  -10.374 5.618   1.00 16.99  ? 617 CYS A N   1 
ATOM   299  C CA  . CYS A 1 47  ? 9.236   -10.952 5.796   1.00 15.30  ? 617 CYS A CA  1 
ATOM   300  C C   . CYS A 1 47  ? 8.949   -10.946 7.293   1.00 16.10  ? 617 CYS A C   1 
ATOM   301  O O   . CYS A 1 47  ? 9.869   -10.867 8.108   1.00 14.71  ? 617 CYS A O   1 
ATOM   302  C CB  . CYS A 1 47  ? 9.200   -12.409 5.326   1.00 15.07  ? 617 CYS A CB  1 
ATOM   303  S SG  . CYS A 1 47  ? 9.231   -12.689 3.551   1.00 17.71  ? 617 CYS A SG  1 
ATOM   304  N N   . PRO A 1 48  ? 7.664   -11.028 7.676   1.00 16.43  ? 618 PRO A N   1 
ATOM   305  C CA  . PRO A 1 48  ? 7.340   -11.039 9.102   1.00 16.81  ? 618 PRO A CA  1 
ATOM   306  C C   . PRO A 1 48  ? 7.986   -12.294 9.687   1.00 17.34  ? 618 PRO A C   1 
ATOM   307  O O   . PRO A 1 48  ? 8.216   -13.272 8.970   1.00 18.03  ? 618 PRO A O   1 
ATOM   308  C CB  . PRO A 1 48  ? 5.817   -11.112 9.110   1.00 16.80  ? 618 PRO A CB  1 
ATOM   309  C CG  . PRO A 1 48  ? 5.436   -10.423 7.829   1.00 16.12  ? 618 PRO A CG  1 
ATOM   310  C CD  . PRO A 1 48  ? 6.442   -10.972 6.854   1.00 15.56  ? 618 PRO A CD  1 
ATOM   311  N N   . PRO A 1 49  ? 8.303   -12.281 10.988  1.00 17.54  ? 619 PRO A N   1 
ATOM   312  C CA  . PRO A 1 49  ? 8.930   -13.458 11.596  1.00 16.99  ? 619 PRO A CA  1 
ATOM   313  C C   . PRO A 1 49  ? 8.064   -14.692 11.422  1.00 17.48  ? 619 PRO A C   1 
ATOM   314  O O   . PRO A 1 49  ? 6.878   -14.678 11.758  1.00 16.38  ? 619 PRO A O   1 
ATOM   315  C CB  . PRO A 1 49  ? 9.073   -13.051 13.060  1.00 18.04  ? 619 PRO A CB  1 
ATOM   316  C CG  . PRO A 1 49  ? 9.277   -11.566 12.971  1.00 18.18  ? 619 PRO A CG  1 
ATOM   317  C CD  . PRO A 1 49  ? 8.214   -11.175 11.958  1.00 18.16  ? 619 PRO A CD  1 
ATOM   318  N N   . GLY A 1 50  ? 8.656   -15.756 10.892  1.00 16.12  ? 620 GLY A N   1 
ATOM   319  C CA  . GLY A 1 50  ? 7.905   -16.978 10.686  1.00 14.59  ? 620 GLY A CA  1 
ATOM   320  C C   . GLY A 1 50  ? 6.964   -16.954 9.491   1.00 15.32  ? 620 GLY A C   1 
ATOM   321  O O   . GLY A 1 50  ? 6.212   -17.903 9.286   1.00 15.37  ? 620 GLY A O   1 
ATOM   322  N N   . ARG A 1 51  ? 6.993   -15.894 8.690   1.00 14.46  ? 621 ARG A N   1 
ATOM   323  C CA  . ARG A 1 51  ? 6.101   -15.830 7.534   1.00 16.46  ? 621 ARG A CA  1 
ATOM   324  C C   . ARG A 1 51  ? 6.796   -15.545 6.197   1.00 16.57  ? 621 ARG A C   1 
ATOM   325  O O   . ARG A 1 51  ? 6.656   -14.463 5.629   1.00 19.28  ? 621 ARG A O   1 
ATOM   326  C CB  . ARG A 1 51  ? 4.992   -14.799 7.786   1.00 16.24  ? 621 ARG A CB  1 
ATOM   327  C CG  . ARG A 1 51  ? 4.022   -15.188 8.925   1.00 16.79  ? 621 ARG A CG  1 
ATOM   328  C CD  . ARG A 1 51  ? 3.317   -16.530 8.659   1.00 14.60  ? 621 ARG A CD  1 
ATOM   329  N NE  . ARG A 1 51  ? 2.434   -16.475 7.500   1.00 15.23  ? 621 ARG A NE  1 
ATOM   330  C CZ  . ARG A 1 51  ? 1.159   -16.090 7.532   1.00 14.84  ? 621 ARG A CZ  1 
ATOM   331  N NH1 . ARG A 1 51  ? 0.583   -15.728 8.669   1.00 15.37  ? 621 ARG A NH1 1 
ATOM   332  N NH2 . ARG A 1 51  ? 0.457   -16.048 6.413   1.00 14.44  ? 621 ARG A NH2 1 
ATOM   333  N N   . PRO A 1 52  ? 7.550   -16.524 5.673   1.00 15.50  ? 622 PRO A N   1 
ATOM   334  C CA  . PRO A 1 52  ? 8.265   -16.381 4.400   1.00 16.24  ? 622 PRO A CA  1 
ATOM   335  C C   . PRO A 1 52  ? 7.330   -16.072 3.224   1.00 16.14  ? 622 PRO A C   1 
ATOM   336  O O   . PRO A 1 52  ? 7.772   -15.593 2.182   1.00 16.52  ? 622 PRO A O   1 
ATOM   337  C CB  . PRO A 1 52  ? 8.947   -17.741 4.227   1.00 15.72  ? 622 PRO A CB  1 
ATOM   338  C CG  . PRO A 1 52  ? 9.139   -18.205 5.635   1.00 18.58  ? 622 PRO A CG  1 
ATOM   339  C CD  . PRO A 1 52  ? 7.841   -17.829 6.290   1.00 15.67  ? 622 PRO A CD  1 
ATOM   340  N N   . ASP A 1 53  ? 6.042   -16.357 3.399   1.00 15.95  ? 623 ASP A N   1 
ATOM   341  C CA  . ASP A 1 53  ? 5.045   -16.138 2.347   1.00 17.68  ? 623 ASP A CA  1 
ATOM   342  C C   . ASP A 1 53  ? 4.501   -14.723 2.272   1.00 16.65  ? 623 ASP A C   1 
ATOM   343  O O   . ASP A 1 53  ? 3.836   -14.360 1.297   1.00 19.29  ? 623 ASP A O   1 
ATOM   344  C CB  . ASP A 1 53  ? 3.849   -17.083 2.540   1.00 17.89  ? 623 ASP A CB  1 
ATOM   345  C CG  . ASP A 1 53  ? 3.180   -16.910 3.904   1.00 16.50  ? 623 ASP A CG  1 
ATOM   346  O OD1 . ASP A 1 53  ? 1.938   -16.977 3.976   1.00 18.22  ? 623 ASP A OD1 1 
ATOM   347  O OD2 . ASP A 1 53  ? 3.894   -16.717 4.909   1.00 17.05  ? 623 ASP A OD2 1 
ATOM   348  N N   . VAL A 1 54  ? 4.784   -13.922 3.291   1.00 17.01  ? 624 VAL A N   1 
ATOM   349  C CA  . VAL A 1 54  ? 4.251   -12.567 3.345   1.00 14.60  ? 624 VAL A CA  1 
ATOM   350  C C   . VAL A 1 54  ? 5.152   -11.428 2.888   1.00 14.78  ? 624 VAL A C   1 
ATOM   351  O O   . VAL A 1 54  ? 6.197   -11.169 3.482   1.00 12.80  ? 624 VAL A O   1 
ATOM   352  C CB  . VAL A 1 54  ? 3.749   -12.247 4.777   1.00 14.59  ? 624 VAL A CB  1 
ATOM   353  C CG1 . VAL A 1 54  ? 3.208   -10.823 4.836   1.00 14.38  ? 624 VAL A CG1 1 
ATOM   354  C CG2 . VAL A 1 54  ? 2.665   -13.252 5.189   1.00 10.42  ? 624 VAL A CG2 1 
ATOM   355  N N   . LEU A 1 55  ? 4.720   -10.748 1.825   1.00 14.53  ? 625 LEU A N   1 
ATOM   356  C CA  . LEU A 1 55  ? 5.433   -9.601  1.293   1.00 12.89  ? 625 LEU A CA  1 
ATOM   357  C C   . LEU A 1 55  ? 4.952   -8.411  2.110   1.00 14.07  ? 625 LEU A C   1 
ATOM   358  O O   . LEU A 1 55  ? 3.746   -8.176  2.225   1.00 16.07  ? 625 LEU A O   1 
ATOM   359  C CB  . LEU A 1 55  ? 5.085   -9.370  -0.182  1.00 13.86  ? 625 LEU A CB  1 
ATOM   360  C CG  . LEU A 1 55  ? 5.726   -8.121  -0.817  1.00 12.94  ? 625 LEU A CG  1 
ATOM   361  C CD1 . LEU A 1 55  ? 7.242   -8.273  -0.755  1.00 11.56  ? 625 LEU A CD1 1 
ATOM   362  C CD2 . LEU A 1 55  ? 5.271   -7.941  -2.278  1.00 9.60   ? 625 LEU A CD2 1 
ATOM   363  N N   . VAL A 1 56  ? 5.883   -7.679  2.704   1.00 13.99  ? 626 VAL A N   1 
ATOM   364  C CA  . VAL A 1 56  ? 5.533   -6.507  3.493   1.00 13.93  ? 626 VAL A CA  1 
ATOM   365  C C   . VAL A 1 56  ? 5.737   -5.294  2.589   1.00 15.31  ? 626 VAL A C   1 
ATOM   366  O O   . VAL A 1 56  ? 6.810   -5.112  2.015   1.00 13.60  ? 626 VAL A O   1 
ATOM   367  C CB  . VAL A 1 56  ? 6.422   -6.399  4.764   1.00 14.09  ? 626 VAL A CB  1 
ATOM   368  C CG1 . VAL A 1 56  ? 6.096   -5.128  5.537   1.00 9.31   ? 626 VAL A CG1 1 
ATOM   369  C CG2 . VAL A 1 56  ? 6.190   -7.619  5.647   1.00 11.24  ? 626 VAL A CG2 1 
ATOM   370  N N   . VAL A 1 57  ? 4.689   -4.490  2.444   1.00 15.02  ? 627 VAL A N   1 
ATOM   371  C CA  . VAL A 1 57  ? 4.732   -3.312  1.587   1.00 14.28  ? 627 VAL A CA  1 
ATOM   372  C C   . VAL A 1 57  ? 4.448   -2.016  2.344   1.00 14.08  ? 627 VAL A C   1 
ATOM   373  O O   . VAL A 1 57  ? 3.471   -1.933  3.081   1.00 13.36  ? 627 VAL A O   1 
ATOM   374  C CB  . VAL A 1 57  ? 3.669   -3.411  0.456   1.00 13.06  ? 627 VAL A CB  1 
ATOM   375  C CG1 . VAL A 1 57  ? 3.681   -2.143  -0.372  1.00 15.17  ? 627 VAL A CG1 1 
ATOM   376  C CG2 . VAL A 1 57  ? 3.929   -4.625  -0.424  1.00 12.13  ? 627 VAL A CG2 1 
ATOM   377  N N   . VAL A 1 58  ? 5.305   -1.010  2.184   1.00 13.97  ? 628 VAL A N   1 
ATOM   378  C CA  . VAL A 1 58  ? 5.026   0.274   2.823   1.00 14.33  ? 628 VAL A CA  1 
ATOM   379  C C   . VAL A 1 58  ? 4.370   1.129   1.741   1.00 13.97  ? 628 VAL A C   1 
ATOM   380  O O   . VAL A 1 58  ? 5.019   1.542   0.784   1.00 14.15  ? 628 VAL A O   1 
ATOM   381  C CB  . VAL A 1 58  ? 6.294   1.001   3.322   1.00 14.25  ? 628 VAL A CB  1 
ATOM   382  C CG1 . VAL A 1 58  ? 5.923   2.421   3.759   1.00 12.11  ? 628 VAL A CG1 1 
ATOM   383  C CG2 . VAL A 1 58  ? 6.921   0.245   4.495   1.00 13.54  ? 628 VAL A CG2 1 
ATOM   384  N N   . VAL A 1 59  ? 3.073   1.364   1.873   1.00 14.47  ? 629 VAL A N   1 
ATOM   385  C CA  . VAL A 1 59  ? 2.376   2.168   0.887   1.00 14.13  ? 629 VAL A CA  1 
ATOM   386  C C   . VAL A 1 59  ? 2.558   3.631   1.264   1.00 14.05  ? 629 VAL A C   1 
ATOM   387  O O   . VAL A 1 59  ? 2.278   4.018   2.403   1.00 14.25  ? 629 VAL A O   1 
ATOM   388  C CB  . VAL A 1 59  ? 0.862   1.837   0.853   1.00 15.46  ? 629 VAL A CB  1 
ATOM   389  C CG1 . VAL A 1 59  ? 0.164   2.697   -0.174  1.00 14.61  ? 629 VAL A CG1 1 
ATOM   390  C CG2 . VAL A 1 59  ? 0.650   0.360   0.538   1.00 14.75  ? 629 VAL A CG2 1 
ATOM   391  N N   . SER A 1 60  ? 3.055   4.440   0.331   1.00 12.53  ? 630 SER A N   1 
ATOM   392  C CA  . SER A 1 60  ? 3.212   5.861   0.613   1.00 11.70  ? 630 SER A CA  1 
ATOM   393  C C   . SER A 1 60  ? 2.246   6.668   -0.235  1.00 11.38  ? 630 SER A C   1 
ATOM   394  O O   . SER A 1 60  ? 2.003   6.354   -1.399  1.00 10.73  ? 630 SER A O   1 
ATOM   395  C CB  . SER A 1 60  ? 4.648   6.338   0.364   1.00 9.08   ? 630 SER A CB  1 
ATOM   396  O OG  . SER A 1 60  ? 5.036   6.210   -0.993  1.00 10.42  ? 630 SER A OG  1 
ATOM   397  N N   . MET A 1 61  ? 1.705   7.718   0.367   1.00 14.25  ? 631 MET A N   1 
ATOM   398  C CA  . MET A 1 61  ? 0.765   8.603   -0.304  1.00 14.31  ? 631 MET A CA  1 
ATOM   399  C C   . MET A 1 61  ? 1.276   10.033  -0.185  1.00 14.77  ? 631 MET A C   1 
ATOM   400  O O   . MET A 1 61  ? 1.382   10.570  0.911   1.00 16.40  ? 631 MET A O   1 
ATOM   401  C CB  . MET A 1 61  ? -0.602  8.474   0.351   1.00 12.31  ? 631 MET A CB  1 
ATOM   402  C CG  . MET A 1 61  ? -1.034  7.029   0.517   1.00 13.05  ? 631 MET A CG  1 
ATOM   403  S SD  . MET A 1 61  ? -2.720  6.930   1.063   1.00 15.93  ? 631 MET A SD  1 
ATOM   404  C CE  . MET A 1 61  ? -2.742  5.384   1.942   1.00 11.99  ? 631 MET A CE  1 
ATOM   405  N N   . LEU A 1 62  ? 1.579   10.650  -1.320  1.00 16.28  ? 632 LEU A N   1 
ATOM   406  C CA  . LEU A 1 62  ? 2.113   12.005  -1.333  1.00 18.77  ? 632 LEU A CA  1 
ATOM   407  C C   . LEU A 1 62  ? 1.235   12.966  -2.142  1.00 18.35  ? 632 LEU A C   1 
ATOM   408  O O   . LEU A 1 62  ? 0.690   12.603  -3.194  1.00 14.82  ? 632 LEU A O   1 
ATOM   409  C CB  . LEU A 1 62  ? 3.530   11.965  -1.915  1.00 20.90  ? 632 LEU A CB  1 
ATOM   410  C CG  . LEU A 1 62  ? 4.572   12.938  -1.380  1.00 24.01  ? 632 LEU A CG  1 
ATOM   411  C CD1 . LEU A 1 62  ? 4.608   12.853  0.131   1.00 26.00  ? 632 LEU A CD1 1 
ATOM   412  C CD2 . LEU A 1 62  ? 5.940   12.599  -1.968  1.00 25.06  ? 632 LEU A CD2 1 
ATOM   413  N N   . ASN A 1 63  ? 1.095   14.190  -1.642  1.00 19.55  ? 633 ASN A N   1 
ATOM   414  C CA  . ASN A 1 63  ? 0.286   15.204  -2.317  1.00 18.83  ? 633 ASN A CA  1 
ATOM   415  C C   . ASN A 1 63  ? 1.135   16.386  -2.750  1.00 17.88  ? 633 ASN A C   1 
ATOM   416  O O   . ASN A 1 63  ? 1.620   17.147  -1.912  1.00 19.46  ? 633 ASN A O   1 
ATOM   417  C CB  . ASN A 1 63  ? -0.845  15.692  -1.402  1.00 17.21  ? 633 ASN A CB  1 
ATOM   418  C CG  . ASN A 1 63  ? -1.690  16.774  -2.051  1.00 16.90  ? 633 ASN A CG  1 
ATOM   419  O OD1 . ASN A 1 63  ? -1.959  16.726  -3.253  1.00 11.80  ? 633 ASN A OD1 1 
ATOM   420  N ND2 . ASN A 1 63  ? -2.118  17.756  -1.257  1.00 16.24  ? 633 ASN A ND2 1 
ATOM   421  N N   . MET A 1 64  ? 1.306   16.536  -4.063  1.00 17.44  ? 634 MET A N   1 
ATOM   422  C CA  . MET A 1 64  ? 2.098   17.622  -4.629  1.00 18.30  ? 634 MET A CA  1 
ATOM   423  C C   . MET A 1 64  ? 1.222   18.689  -5.286  1.00 18.70  ? 634 MET A C   1 
ATOM   424  O O   . MET A 1 64  ? 1.732   19.605  -5.932  1.00 18.26  ? 634 MET A O   1 
ATOM   425  C CB  . MET A 1 64  ? 3.085   17.079  -5.671  1.00 18.73  ? 634 MET A CB  1 
ATOM   426  C CG  . MET A 1 64  ? 4.052   16.025  -5.148  1.00 20.06  ? 634 MET A CG  1 
ATOM   427  S SD  . MET A 1 64  ? 5.008   16.541  -3.716  1.00 24.31  ? 634 MET A SD  1 
ATOM   428  C CE  . MET A 1 64  ? 6.164   17.653  -4.453  1.00 16.95  ? 634 MET A CE  1 
ATOM   429  N N   . ALA A 1 65  ? -0.092  18.566  -5.130  1.00 18.67  ? 635 ALA A N   1 
ATOM   430  C CA  . ALA A 1 65  ? -1.023  19.528  -5.705  1.00 18.99  ? 635 ALA A CA  1 
ATOM   431  C C   . ALA A 1 65  ? -1.294  20.648  -4.711  1.00 21.15  ? 635 ALA A C   1 
ATOM   432  O O   . ALA A 1 65  ? -1.083  20.477  -3.513  1.00 19.17  ? 635 ALA A O   1 
ATOM   433  C CB  . ALA A 1 65  ? -2.327  18.838  -6.076  1.00 18.42  ? 635 ALA A CB  1 
ATOM   434  N N   . PRO A 1 66  ? -1.760  21.814  -5.205  1.00 22.83  ? 636 PRO A N   1 
ATOM   435  C CA  . PRO A 1 66  ? -2.085  23.011  -4.421  1.00 25.93  ? 636 PRO A CA  1 
ATOM   436  C C   . PRO A 1 66  ? -3.261  22.811  -3.463  1.00 28.60  ? 636 PRO A C   1 
ATOM   437  O O   . PRO A 1 66  ? -3.407  23.554  -2.499  1.00 32.44  ? 636 PRO A O   1 
ATOM   438  C CB  . PRO A 1 66  ? -2.425  24.052  -5.488  1.00 25.93  ? 636 PRO A CB  1 
ATOM   439  C CG  . PRO A 1 66  ? -1.707  23.580  -6.694  1.00 26.40  ? 636 PRO A CG  1 
ATOM   440  C CD  . PRO A 1 66  ? -1.888  22.095  -6.645  1.00 23.65  ? 636 PRO A CD  1 
ATOM   441  N N   . LEU A 1 67  ? -4.105  21.822  -3.733  1.00 30.75  ? 637 LEU A N   1 
ATOM   442  C CA  . LEU A 1 67  ? -5.268  21.563  -2.885  1.00 31.59  ? 637 LEU A CA  1 
ATOM   443  C C   . LEU A 1 67  ? -5.031  20.478  -1.840  1.00 31.58  ? 637 LEU A C   1 
ATOM   444  O O   . LEU A 1 67  ? -4.217  19.580  -2.033  1.00 32.13  ? 637 LEU A O   1 
ATOM   445  C CB  . LEU A 1 67  ? -6.472  21.162  -3.742  1.00 34.28  ? 637 LEU A CB  1 
ATOM   446  C CG  . LEU A 1 67  ? -7.194  22.217  -4.593  1.00 36.44  ? 637 LEU A CG  1 
ATOM   447  C CD1 . LEU A 1 67  ? -8.276  21.526  -5.423  1.00 37.04  ? 637 LEU A CD1 1 
ATOM   448  C CD2 . LEU A 1 67  ? -7.815  23.285  -3.699  1.00 36.48  ? 637 LEU A CD2 1 
ATOM   449  N N   . PRO A 1 68  ? -5.747  20.554  -0.709  1.00 30.81  ? 638 PRO A N   1 
ATOM   450  C CA  . PRO A 1 68  ? -5.585  19.551  0.339   1.00 30.65  ? 638 PRO A CA  1 
ATOM   451  C C   . PRO A 1 68  ? -6.480  18.357  0.025   1.00 30.43  ? 638 PRO A C   1 
ATOM   452  O O   . PRO A 1 68  ? -7.487  18.495  -0.683  1.00 31.12  ? 638 PRO A O   1 
ATOM   453  C CB  . PRO A 1 68  ? -6.034  20.298  1.587   1.00 30.12  ? 638 PRO A CB  1 
ATOM   454  C CG  . PRO A 1 68  ? -7.165  21.107  1.067   1.00 29.66  ? 638 PRO A CG  1 
ATOM   455  C CD  . PRO A 1 68  ? -6.651  21.630  -0.265  1.00 29.74  ? 638 PRO A CD  1 
ATOM   456  N N   . VAL A 1 69  ? -6.109  17.191  0.544   1.00 26.56  ? 639 VAL A N   1 
ATOM   457  C CA  . VAL A 1 69  ? -6.878  15.981  0.326   1.00 22.61  ? 639 VAL A CA  1 
ATOM   458  C C   . VAL A 1 69  ? -7.172  15.357  1.683   1.00 21.95  ? 639 VAL A C   1 
ATOM   459  O O   . VAL A 1 69  ? -6.276  15.214  2.510   1.00 19.37  ? 639 VAL A O   1 
ATOM   460  C CB  . VAL A 1 69  ? -6.093  14.967  -0.524  1.00 22.76  ? 639 VAL A CB  1 
ATOM   461  C CG1 . VAL A 1 69  ? -7.016  13.841  -0.962  1.00 20.18  ? 639 VAL A CG1 1 
ATOM   462  C CG2 . VAL A 1 69  ? -5.460  15.663  -1.719  1.00 19.39  ? 639 VAL A CG2 1 
ATOM   463  N N   . LYS A 1 70  ? -8.426  14.982  1.910   1.00 20.59  ? 640 LYS A N   1 
ATOM   464  C CA  . LYS A 1 70  ? -8.804  14.389  3.182   1.00 18.97  ? 640 LYS A CA  1 
ATOM   465  C C   . LYS A 1 70  ? -9.665  13.155  2.976   1.00 16.87  ? 640 LYS A C   1 
ATOM   466  O O   . LYS A 1 70  ? -9.954  12.780  1.841   1.00 14.85  ? 640 LYS A O   1 
ATOM   467  C CB  . LYS A 1 70  ? -9.555  15.419  4.022   1.00 20.90  ? 640 LYS A CB  1 
ATOM   468  C CG  . LYS A 1 70  ? -8.841  16.759  4.096   1.00 24.36  ? 640 LYS A CG  1 
ATOM   469  C CD  . LYS A 1 70  ? -9.494  17.673  5.108   1.00 28.66  ? 640 LYS A CD  1 
ATOM   470  C CE  . LYS A 1 70  ? -8.618  18.884  5.388   1.00 30.78  ? 640 LYS A CE  1 
ATOM   471  N NZ  . LYS A 1 70  ? -9.144  19.674  6.535   1.00 33.42  ? 640 LYS A NZ  1 
ATOM   472  N N   . SER A 1 71  ? -10.054 12.525  4.082   1.00 15.41  ? 641 SER A N   1 
ATOM   473  C CA  . SER A 1 71  ? -10.894 11.333  4.047   1.00 14.70  ? 641 SER A CA  1 
ATOM   474  C C   . SER A 1 71  ? -10.286 10.284  3.134   1.00 13.93  ? 641 SER A C   1 
ATOM   475  O O   . SER A 1 71  ? -10.993 9.605   2.406   1.00 15.92  ? 641 SER A O   1 
ATOM   476  C CB  . SER A 1 71  ? -12.288 11.691  3.539   1.00 15.20  ? 641 SER A CB  1 
ATOM   477  O OG  . SER A 1 71  ? -12.806 12.806  4.234   1.00 17.91  ? 641 SER A OG  1 
ATOM   478  N N   . ILE A 1 72  ? -8.968  10.159  3.181   1.00 13.85  ? 642 ILE A N   1 
ATOM   479  C CA  . ILE A 1 72  ? -8.258  9.205   2.349   1.00 13.41  ? 642 ILE A CA  1 
ATOM   480  C C   . ILE A 1 72  ? -8.397  7.789   2.878   1.00 14.28  ? 642 ILE A C   1 
ATOM   481  O O   . ILE A 1 72  ? -7.981  7.491   4.001   1.00 15.75  ? 642 ILE A O   1 
ATOM   482  C CB  . ILE A 1 72  ? -6.740  9.557   2.259   1.00 10.77  ? 642 ILE A CB  1 
ATOM   483  C CG1 . ILE A 1 72  ? -6.565  10.928  1.592   1.00 11.12  ? 642 ILE A CG1 1 
ATOM   484  C CG2 . ILE A 1 72  ? -6.003  8.487   1.474   1.00 9.42   ? 642 ILE A CG2 1 
ATOM   485  C CD1 . ILE A 1 72  ? -5.111  11.416  1.514   1.00 10.12  ? 642 ILE A CD1 1 
ATOM   486  N N   . VAL A 1 73  ? -8.979  6.918   2.059   1.00 14.01  ? 643 VAL A N   1 
ATOM   487  C CA  . VAL A 1 73  ? -9.170  5.521   2.422   1.00 13.85  ? 643 VAL A CA  1 
ATOM   488  C C   . VAL A 1 73  ? -8.689  4.621   1.288   1.00 14.72  ? 643 VAL A C   1 
ATOM   489  O O   . VAL A 1 73  ? -9.166  4.722   0.161   1.00 15.97  ? 643 VAL A O   1 
ATOM   490  C CB  . VAL A 1 73  ? -10.655 5.207   2.684   1.00 14.66  ? 643 VAL A CB  1 
ATOM   491  C CG1 . VAL A 1 73  ? -10.816 3.725   3.027   1.00 14.45  ? 643 VAL A CG1 1 
ATOM   492  C CG2 . VAL A 1 73  ? -11.182 6.082   3.811   1.00 12.76  ? 643 VAL A CG2 1 
ATOM   493  N N   . LEU A 1 74  ? -7.731  3.753   1.585   1.00 15.33  ? 644 LEU A N   1 
ATOM   494  C CA  . LEU A 1 74  ? -7.216  2.833   0.581   1.00 15.65  ? 644 LEU A CA  1 
ATOM   495  C C   . LEU A 1 74  ? -7.652  1.429   0.943   1.00 15.34  ? 644 LEU A C   1 
ATOM   496  O O   . LEU A 1 74  ? -7.574  1.033   2.097   1.00 17.13  ? 644 LEU A O   1 
ATOM   497  C CB  . LEU A 1 74  ? -5.682  2.866   0.524   1.00 15.04  ? 644 LEU A CB  1 
ATOM   498  C CG  . LEU A 1 74  ? -5.096  1.870   -0.484  1.00 15.19  ? 644 LEU A CG  1 
ATOM   499  C CD1 . LEU A 1 74  ? -5.557  2.245   -1.889  1.00 13.78  ? 644 LEU A CD1 1 
ATOM   500  C CD2 . LEU A 1 74  ? -3.577  1.856   -0.395  1.00 14.97  ? 644 LEU A CD2 1 
ATOM   501  N N   . GLN A 1 75  ? -8.117  0.684   -0.047  1.00 14.07  ? 645 GLN A N   1 
ATOM   502  C CA  . GLN A 1 75  ? -8.540  -0.691  0.164   1.00 13.93  ? 645 GLN A CA  1 
ATOM   503  C C   . GLN A 1 75  ? -7.975  -1.529  -0.967  1.00 13.91  ? 645 GLN A C   1 
ATOM   504  O O   . GLN A 1 75  ? -7.796  -1.032  -2.081  1.00 15.46  ? 645 GLN A O   1 
ATOM   505  C CB  . GLN A 1 75  ? -10.058 -0.792  0.155   1.00 14.84  ? 645 GLN A CB  1 
ATOM   506  C CG  . GLN A 1 75  ? -10.731 -0.134  1.339   1.00 15.29  ? 645 GLN A CG  1 
ATOM   507  C CD  . GLN A 1 75  ? -12.231 -0.272  1.259   1.00 17.84  ? 645 GLN A CD  1 
ATOM   508  O OE1 . GLN A 1 75  ? -12.903 0.508   0.588   1.00 20.37  ? 645 GLN A OE1 1 
ATOM   509  N NE2 . GLN A 1 75  ? -12.765 -1.288  1.921   1.00 20.42  ? 645 GLN A NE2 1 
ATOM   510  N N   . ALA A 1 76  ? -7.709  -2.798  -0.696  1.00 12.56  ? 646 ALA A N   1 
ATOM   511  C CA  . ALA A 1 76  ? -7.154  -3.671  -1.714  1.00 13.59  ? 646 ALA A CA  1 
ATOM   512  C C   . ALA A 1 76  ? -7.815  -5.043  -1.717  1.00 13.91  ? 646 ALA A C   1 
ATOM   513  O O   . ALA A 1 76  ? -8.417  -5.458  -0.725  1.00 13.80  ? 646 ALA A O   1 
ATOM   514  C CB  . ALA A 1 76  ? -5.649  -3.820  -1.506  1.00 11.48  ? 646 ALA A CB  1 
ATOM   515  N N   . ALA A 1 77  ? -7.699  -5.726  -2.852  1.00 12.59  ? 647 ALA A N   1 
ATOM   516  C CA  . ALA A 1 77  ? -8.243  -7.062  -3.031  1.00 11.96  ? 647 ALA A CA  1 
ATOM   517  C C   . ALA A 1 77  ? -7.143  -7.884  -3.678  1.00 12.00  ? 647 ALA A C   1 
ATOM   518  O O   . ALA A 1 77  ? -6.444  -7.400  -4.569  1.00 11.83  ? 647 ALA A O   1 
ATOM   519  C CB  . ALA A 1 77  ? -9.467  -7.027  -3.933  1.00 12.99  ? 647 ALA A CB  1 
ATOM   520  N N   . ALA A 1 78  ? -6.979  -9.115  -3.216  1.00 11.83  ? 648 ALA A N   1 
ATOM   521  C CA  . ALA A 1 78  ? -5.958  -10.005 -3.753  1.00 13.03  ? 648 ALA A CA  1 
ATOM   522  C C   . ALA A 1 78  ? -6.607  -11.274 -4.296  1.00 13.01  ? 648 ALA A C   1 
ATOM   523  O O   . ALA A 1 78  ? -7.744  -11.590 -3.945  1.00 13.87  ? 648 ALA A O   1 
ATOM   524  C CB  . ALA A 1 78  ? -4.953  -10.362 -2.662  1.00 9.86   ? 648 ALA A CB  1 
ATOM   525  N N   . PRO A 1 79  ? -5.896  -12.003 -5.178  1.00 13.45  ? 649 PRO A N   1 
ATOM   526  C CA  . PRO A 1 79  ? -6.428  -13.245 -5.747  1.00 15.56  ? 649 PRO A CA  1 
ATOM   527  C C   . PRO A 1 79  ? -6.868  -14.167 -4.609  1.00 16.04  ? 649 PRO A C   1 
ATOM   528  O O   . PRO A 1 79  ? -6.287  -14.137 -3.519  1.00 17.29  ? 649 PRO A O   1 
ATOM   529  C CB  . PRO A 1 79  ? -5.229  -13.808 -6.505  1.00 15.06  ? 649 PRO A CB  1 
ATOM   530  C CG  . PRO A 1 79  ? -4.527  -12.569 -6.966  1.00 15.23  ? 649 PRO A CG  1 
ATOM   531  C CD  . PRO A 1 79  ? -4.559  -11.710 -5.726  1.00 12.87  ? 649 PRO A CD  1 
ATOM   532  N N   . LYS A 1 80  ? -7.884  -14.982 -4.868  1.00 17.34  ? 650 LYS A N   1 
ATOM   533  C CA  . LYS A 1 80  ? -8.428  -15.916 -3.885  1.00 19.19  ? 650 LYS A CA  1 
ATOM   534  C C   . LYS A 1 80  ? -7.371  -16.785 -3.204  1.00 18.99  ? 650 LYS A C   1 
ATOM   535  O O   . LYS A 1 80  ? -7.484  -17.105 -2.015  1.00 19.27  ? 650 LYS A O   1 
ATOM   536  C CB  . LYS A 1 80  ? -9.464  -16.826 -4.557  1.00 22.93  ? 650 LYS A CB  1 
ATOM   537  C CG  . LYS A 1 80  ? -10.648 -16.093 -5.150  1.00 23.34  ? 650 LYS A CG  1 
ATOM   538  C CD  . LYS A 1 80  ? -11.657 -15.745 -4.074  1.00 28.22  ? 650 LYS A CD  1 
ATOM   539  C CE  . LYS A 1 80  ? -12.847 -16.711 -4.075  1.00 28.70  ? 650 LYS A CE  1 
ATOM   540  N NZ  . LYS A 1 80  ? -13.807 -16.410 -5.187  1.00 29.96  ? 650 LYS A NZ  1 
ATOM   541  N N   . SER A 1 81  ? -6.346  -17.168 -3.953  1.00 17.89  ? 651 SER A N   1 
ATOM   542  C CA  . SER A 1 81  ? -5.285  -18.013 -3.415  1.00 17.96  ? 651 SER A CA  1 
ATOM   543  C C   . SER A 1 81  ? -4.315  -17.248 -2.520  1.00 18.31  ? 651 SER A C   1 
ATOM   544  O O   . SER A 1 81  ? -3.388  -17.829 -1.954  1.00 18.34  ? 651 SER A O   1 
ATOM   545  C CB  . SER A 1 81  ? -4.520  -18.669 -4.561  1.00 20.05  ? 651 SER A CB  1 
ATOM   546  O OG  . SER A 1 81  ? -4.032  -17.690 -5.463  1.00 21.54  ? 651 SER A OG  1 
ATOM   547  N N   . MET A 1 82  ? -4.530  -15.943 -2.391  1.00 17.56  ? 652 MET A N   1 
ATOM   548  C CA  . MET A 1 82  ? -3.672  -15.114 -1.563  1.00 16.48  ? 652 MET A CA  1 
ATOM   549  C C   . MET A 1 82  ? -4.508  -14.406 -0.508  1.00 18.54  ? 652 MET A C   1 
ATOM   550  O O   . MET A 1 82  ? -5.730  -14.539 -0.486  1.00 19.30  ? 652 MET A O   1 
ATOM   551  C CB  . MET A 1 82  ? -2.952  -14.086 -2.431  1.00 16.10  ? 652 MET A CB  1 
ATOM   552  C CG  . MET A 1 82  ? -2.026  -14.705 -3.460  1.00 13.22  ? 652 MET A CG  1 
ATOM   553  S SD  . MET A 1 82  ? -1.286  -13.487 -4.556  1.00 13.36  ? 652 MET A SD  1 
ATOM   554  C CE  . MET A 1 82  ? -0.963  -14.502 -6.034  1.00 5.44   ? 652 MET A CE  1 
ATOM   555  N N   . LYS A 1 83  ? -3.839  -13.659 0.365   1.00 18.85  ? 653 LYS A N   1 
ATOM   556  C CA  . LYS A 1 83  ? -4.492  -12.898 1.426   1.00 18.51  ? 653 LYS A CA  1 
ATOM   557  C C   . LYS A 1 83  ? -3.836  -11.523 1.500   1.00 18.57  ? 653 LYS A C   1 
ATOM   558  O O   . LYS A 1 83  ? -2.613  -11.409 1.416   1.00 18.94  ? 653 LYS A O   1 
ATOM   559  C CB  . LYS A 1 83  ? -4.331  -13.610 2.780   1.00 21.08  ? 653 LYS A CB  1 
ATOM   560  C CG  . LYS A 1 83  ? -5.594  -14.272 3.316   1.00 24.98  ? 653 LYS A CG  1 
ATOM   561  C CD  . LYS A 1 83  ? -6.343  -13.359 4.296   1.00 28.83  ? 653 LYS A CD  1 
ATOM   562  C CE  . LYS A 1 83  ? -5.575  -13.202 5.621   1.00 30.24  ? 653 LYS A CE  1 
ATOM   563  N NZ  . LYS A 1 83  ? -6.341  -12.496 6.709   1.00 28.63  ? 653 LYS A NZ  1 
ATOM   564  N N   . VAL A 1 84  ? -4.644  -10.477 1.645   1.00 15.73  ? 654 VAL A N   1 
ATOM   565  C CA  . VAL A 1 84  ? -4.101  -9.134  1.753   1.00 14.31  ? 654 VAL A CA  1 
ATOM   566  C C   . VAL A 1 84  ? -4.640  -8.486  3.031   1.00 13.75  ? 654 VAL A C   1 
ATOM   567  O O   . VAL A 1 84  ? -5.788  -8.681  3.403   1.00 12.29  ? 654 VAL A O   1 
ATOM   568  C CB  . VAL A 1 84  ? -4.469  -8.262  0.508   1.00 13.36  ? 654 VAL A CB  1 
ATOM   569  C CG1 . VAL A 1 84  ? -5.977  -8.056  0.425   1.00 9.90   ? 654 VAL A CG1 1 
ATOM   570  C CG2 . VAL A 1 84  ? -3.738  -6.922  0.572   1.00 10.36  ? 654 VAL A CG2 1 
ATOM   571  N N   . LYS A 1 85  ? -3.794  -7.733  3.718   1.00 14.41  ? 655 LYS A N   1 
ATOM   572  C CA  . LYS A 1 85  ? -4.217  -7.062  4.937   1.00 14.89  ? 655 LYS A CA  1 
ATOM   573  C C   . LYS A 1 85  ? -3.630  -5.667  4.969   1.00 14.80  ? 655 LYS A C   1 
ATOM   574  O O   . LYS A 1 85  ? -2.472  -5.459  4.599   1.00 13.87  ? 655 LYS A O   1 
ATOM   575  C CB  . LYS A 1 85  ? -3.767  -7.837  6.185   1.00 14.55  ? 655 LYS A CB  1 
ATOM   576  C CG  . LYS A 1 85  ? -4.056  -7.098  7.499   1.00 14.92  ? 655 LYS A CG  1 
ATOM   577  C CD  . LYS A 1 85  ? -3.590  -7.879  8.721   1.00 13.65  ? 655 LYS A CD  1 
ATOM   578  C CE  . LYS A 1 85  ? -3.693  -7.031  9.987   1.00 14.18  ? 655 LYS A CE  1 
ATOM   579  N NZ  . LYS A 1 85  ? -3.127  -7.732  11.197  1.00 17.30  ? 655 LYS A NZ  1 
ATOM   580  N N   . LEU A 1 86  ? -4.445  -4.707  5.391   1.00 14.60  ? 656 LEU A N   1 
ATOM   581  C CA  . LEU A 1 86  ? -3.999  -3.330  5.491   1.00 14.04  ? 656 LEU A CA  1 
ATOM   582  C C   . LEU A 1 86  ? -4.057  -2.917  6.949   1.00 15.97  ? 656 LEU A C   1 
ATOM   583  O O   . LEU A 1 86  ? -5.102  -3.012  7.597   1.00 17.49  ? 656 LEU A O   1 
ATOM   584  C CB  . LEU A 1 86  ? -4.886  -2.411  4.641   1.00 13.74  ? 656 LEU A CB  1 
ATOM   585  C CG  . LEU A 1 86  ? -4.613  -2.392  3.128   1.00 12.39  ? 656 LEU A CG  1 
ATOM   586  C CD1 . LEU A 1 86  ? -5.779  -1.768  2.395   1.00 14.58  ? 656 LEU A CD1 1 
ATOM   587  C CD2 . LEU A 1 86  ? -3.336  -1.614  2.843   1.00 13.80  ? 656 LEU A CD2 1 
ATOM   588  N N   . GLN A 1 87  ? -2.920  -2.492  7.479   1.00 15.34  ? 657 GLN A N   1 
ATOM   589  C CA  . GLN A 1 87  ? -2.856  -2.039  8.855   1.00 13.90  ? 657 GLN A CA  1 
ATOM   590  C C   . GLN A 1 87  ? -3.390  -0.603  8.840   1.00 15.02  ? 657 GLN A C   1 
ATOM   591  O O   . GLN A 1 87  ? -3.517  0.003   7.778   1.00 15.23  ? 657 GLN A O   1 
ATOM   592  C CB  . GLN A 1 87  ? -1.405  -2.108  9.349   1.00 13.44  ? 657 GLN A CB  1 
ATOM   593  C CG  . GLN A 1 87  ? -0.922  -3.548  9.629   1.00 11.95  ? 657 GLN A CG  1 
ATOM   594  C CD  . GLN A 1 87  ? 0.584   -3.654  9.890   1.00 15.28  ? 657 GLN A CD  1 
ATOM   595  O OE1 . GLN A 1 87  ? 1.227   -2.684  10.299  1.00 17.11  ? 657 GLN A OE1 1 
ATOM   596  N NE2 . GLN A 1 87  ? 1.144   -4.841  9.668   1.00 8.43   ? 657 GLN A NE2 1 
ATOM   597  N N   . PRO A 1 88  ? -3.734  -0.045  10.009  1.00 16.68  ? 658 PRO A N   1 
ATOM   598  C CA  . PRO A 1 88  ? -4.249  1.331   10.016  1.00 15.95  ? 658 PRO A CA  1 
ATOM   599  C C   . PRO A 1 88  ? -3.226  2.287   9.396   1.00 17.12  ? 658 PRO A C   1 
ATOM   600  O O   . PRO A 1 88  ? -2.020  2.094   9.546   1.00 16.45  ? 658 PRO A O   1 
ATOM   601  C CB  . PRO A 1 88  ? -4.468  1.611   11.502  1.00 15.31  ? 658 PRO A CB  1 
ATOM   602  C CG  . PRO A 1 88  ? -4.696  0.231   12.086  1.00 15.87  ? 658 PRO A CG  1 
ATOM   603  C CD  . PRO A 1 88  ? -3.667  -0.593  11.375  1.00 15.29  ? 658 PRO A CD  1 
ATOM   604  N N   . PRO A 1 89  ? -3.696  3.333   8.697   1.00 17.19  ? 659 PRO A N   1 
ATOM   605  C CA  . PRO A 1 89  ? -2.806  4.309   8.060   1.00 16.87  ? 659 PRO A CA  1 
ATOM   606  C C   . PRO A 1 89  ? -2.254  5.293   9.088   1.00 17.48  ? 659 PRO A C   1 
ATOM   607  O O   . PRO A 1 89  ? -2.803  5.439   10.187  1.00 17.20  ? 659 PRO A O   1 
ATOM   608  C CB  . PRO A 1 89  ? -3.712  5.021   7.050   1.00 18.02  ? 659 PRO A CB  1 
ATOM   609  C CG  . PRO A 1 89  ? -5.034  4.241   7.082   1.00 19.67  ? 659 PRO A CG  1 
ATOM   610  C CD  . PRO A 1 89  ? -5.103  3.688   8.465   1.00 16.69  ? 659 PRO A CD  1 
ATOM   611  N N   . SER A 1 90  ? -1.178  5.976   8.717   1.00 16.19  ? 660 SER A N   1 
ATOM   612  C CA  . SER A 1 90  ? -0.560  6.952   9.602   1.00 15.36  ? 660 SER A CA  1 
ATOM   613  C C   . SER A 1 90  ? -1.473  8.164   9.713   1.00 15.80  ? 660 SER A C   1 
ATOM   614  O O   . SER A 1 90  ? -1.395  8.925   10.676  1.00 16.34  ? 660 SER A O   1 
ATOM   615  C CB  . SER A 1 90  ? 0.794   7.388   9.047   1.00 14.66  ? 660 SER A CB  1 
ATOM   616  O OG  . SER A 1 90  ? 0.632   8.126   7.844   1.00 17.50  ? 660 SER A OG  1 
ATOM   617  N N   . GLY A 1 91  ? -2.343  8.335   8.723   1.00 14.20  ? 661 GLY A N   1 
ATOM   618  C CA  . GLY A 1 91  ? -3.247  9.467   8.721   1.00 12.78  ? 661 GLY A CA  1 
ATOM   619  C C   . GLY A 1 91  ? -4.267  9.330   7.611   1.00 14.48  ? 661 GLY A C   1 
ATOM   620  O O   . GLY A 1 91  ? -4.273  8.328   6.909   1.00 11.83  ? 661 GLY A O   1 
ATOM   621  N N   . THR A 1 92  ? -5.132  10.330  7.448   1.00 15.82  ? 662 THR A N   1 
ATOM   622  C CA  . THR A 1 92  ? -6.154  10.281  6.410   1.00 15.70  ? 662 THR A CA  1 
ATOM   623  C C   . THR A 1 92  ? -6.248  11.575  5.607   1.00 16.77  ? 662 THR A C   1 
ATOM   624  O O   . THR A 1 92  ? -7.145  11.741  4.778   1.00 16.42  ? 662 THR A O   1 
ATOM   625  C CB  . THR A 1 92  ? -7.538  9.970   7.008   1.00 14.83  ? 662 THR A CB  1 
ATOM   626  O OG1 . THR A 1 92  ? -7.897  10.985  7.942   1.00 14.67  ? 662 THR A OG1 1 
ATOM   627  C CG2 . THR A 1 92  ? -7.521  8.633   7.715   1.00 15.51  ? 662 THR A CG2 1 
ATOM   628  N N   . GLU A 1 93  ? -5.316  12.492  5.843   1.00 17.47  ? 663 GLU A N   1 
ATOM   629  C CA  . GLU A 1 93  ? -5.329  13.754  5.118   1.00 17.91  ? 663 GLU A CA  1 
ATOM   630  C C   . GLU A 1 93  ? -3.933  14.137  4.637   1.00 15.99  ? 663 GLU A C   1 
ATOM   631  O O   . GLU A 1 93  ? -2.935  13.760  5.233   1.00 16.60  ? 663 GLU A O   1 
ATOM   632  C CB  . GLU A 1 93  ? -5.881  14.867  6.011   1.00 19.65  ? 663 GLU A CB  1 
ATOM   633  C CG  . GLU A 1 93  ? -6.941  14.397  6.995   1.00 26.30  ? 663 GLU A CG  1 
ATOM   634  C CD  . GLU A 1 93  ? -7.656  15.549  7.684   1.00 29.55  ? 663 GLU A CD  1 
ATOM   635  O OE1 . GLU A 1 93  ? -6.984  16.546  8.034   1.00 30.91  ? 663 GLU A OE1 1 
ATOM   636  O OE2 . GLU A 1 93  ? -8.889  15.452  7.882   1.00 31.15  ? 663 GLU A OE2 1 
ATOM   637  N N   . LEU A 1 94  ? -3.880  14.879  3.541   1.00 16.54  ? 664 LEU A N   1 
ATOM   638  C CA  . LEU A 1 94  ? -2.622  15.348  2.982   1.00 18.04  ? 664 LEU A CA  1 
ATOM   639  C C   . LEU A 1 94  ? -2.750  16.842  2.726   1.00 19.17  ? 664 LEU A C   1 
ATOM   640  O O   . LEU A 1 94  ? -3.586  17.275  1.932   1.00 19.62  ? 664 LEU A O   1 
ATOM   641  C CB  . LEU A 1 94  ? -2.300  14.626  1.673   1.00 17.17  ? 664 LEU A CB  1 
ATOM   642  C CG  . LEU A 1 94  ? -2.047  13.118  1.755   1.00 19.28  ? 664 LEU A CG  1 
ATOM   643  C CD1 . LEU A 1 94  ? -1.884  12.560  0.345   1.00 19.03  ? 664 LEU A CD1 1 
ATOM   644  C CD2 . LEU A 1 94  ? -0.804  12.829  2.608   1.00 16.86  ? 664 LEU A CD2 1 
ATOM   645  N N   . SER A 1 95  ? -1.937  17.629  3.421   1.00 20.21  ? 665 SER A N   1 
ATOM   646  C CA  . SER A 1 95  ? -1.960  19.075  3.250   1.00 22.94  ? 665 SER A CA  1 
ATOM   647  C C   . SER A 1 95  ? -1.526  19.445  1.837   1.00 22.97  ? 665 SER A C   1 
ATOM   648  O O   . SER A 1 95  ? -0.937  18.633  1.119   1.00 22.70  ? 665 SER A O   1 
ATOM   649  C CB  . SER A 1 95  ? -1.014  19.749  4.253   1.00 24.11  ? 665 SER A CB  1 
ATOM   650  O OG  . SER A 1 95  ? -1.482  19.597  5.584   1.00 28.97  ? 665 SER A OG  1 
ATOM   651  N N   . PRO A 1 96  ? -1.829  20.678  1.409   1.00 23.93  ? 666 PRO A N   1 
ATOM   652  C CA  . PRO A 1 96  ? -1.421  21.079  0.060   1.00 23.19  ? 666 PRO A CA  1 
ATOM   653  C C   . PRO A 1 96  ? 0.095   21.163  0.087   1.00 23.08  ? 666 PRO A C   1 
ATOM   654  O O   . PRO A 1 96  ? 0.679   21.407  1.142   1.00 22.20  ? 666 PRO A O   1 
ATOM   655  C CB  . PRO A 1 96  ? -2.058  22.460  -0.101  1.00 24.19  ? 666 PRO A CB  1 
ATOM   656  C CG  . PRO A 1 96  ? -3.239  22.419  0.840   1.00 25.03  ? 666 PRO A CG  1 
ATOM   657  C CD  . PRO A 1 96  ? -2.668  21.713  2.040   1.00 24.60  ? 666 PRO A CD  1 
ATOM   658  N N   . PHE A 1 97  ? 0.742   20.950  -1.051  1.00 23.48  ? 667 PHE A N   1 
ATOM   659  C CA  . PHE A 1 97  ? 2.192   21.047  -1.082  1.00 23.63  ? 667 PHE A CA  1 
ATOM   660  C C   . PHE A 1 97  ? 2.563   22.508  -0.856  1.00 24.03  ? 667 PHE A C   1 
ATOM   661  O O   . PHE A 1 97  ? 1.873   23.411  -1.325  1.00 23.97  ? 667 PHE A O   1 
ATOM   662  C CB  . PHE A 1 97  ? 2.742   20.585  -2.431  1.00 24.00  ? 667 PHE A CB  1 
ATOM   663  C CG  . PHE A 1 97  ? 4.185   20.949  -2.656  1.00 23.62  ? 667 PHE A CG  1 
ATOM   664  C CD1 . PHE A 1 97  ? 5.198   20.325  -1.937  1.00 24.89  ? 667 PHE A CD1 1 
ATOM   665  C CD2 . PHE A 1 97  ? 4.530   21.932  -3.580  1.00 25.29  ? 667 PHE A CD2 1 
ATOM   666  C CE1 . PHE A 1 97  ? 6.535   20.674  -2.134  1.00 24.87  ? 667 PHE A CE1 1 
ATOM   667  C CE2 . PHE A 1 97  ? 5.870   22.290  -3.786  1.00 24.90  ? 667 PHE A CE2 1 
ATOM   668  C CZ  . PHE A 1 97  ? 6.870   21.659  -3.062  1.00 25.70  ? 667 PHE A CZ  1 
ATOM   669  N N   . SER A 1 98  ? 3.642   22.729  -0.116  1.00 25.06  ? 668 SER A N   1 
ATOM   670  C CA  . SER A 1 98  ? 4.124   24.072  0.159   1.00 27.00  ? 668 SER A CA  1 
ATOM   671  C C   . SER A 1 98  ? 5.641   24.027  0.127   1.00 27.02  ? 668 SER A C   1 
ATOM   672  O O   . SER A 1 98  ? 6.273   23.356  0.942   1.00 27.31  ? 668 SER A O   1 
ATOM   673  C CB  . SER A 1 98  ? 3.624   24.553  1.518   1.00 29.26  ? 668 SER A CB  1 
ATOM   674  O OG  . SER A 1 98  ? 3.781   23.535  2.486   1.00 35.50  ? 668 SER A OG  1 
ATOM   675  N N   . PRO A 1 99  ? 6.247   24.751  -0.826  1.00 26.67  ? 669 PRO A N   1 
ATOM   676  C CA  . PRO A 1 99  ? 7.694   24.831  -1.027  1.00 28.16  ? 669 PRO A CA  1 
ATOM   677  C C   . PRO A 1 99  ? 8.481   25.030  0.265   1.00 29.39  ? 669 PRO A C   1 
ATOM   678  O O   . PRO A 1 99  ? 9.624   24.598  0.385   1.00 29.61  ? 669 PRO A O   1 
ATOM   679  C CB  . PRO A 1 99  ? 7.838   26.024  -1.968  1.00 27.90  ? 669 PRO A CB  1 
ATOM   680  C CG  . PRO A 1 99  ? 6.566   26.010  -2.733  1.00 26.84  ? 669 PRO A CG  1 
ATOM   681  C CD  . PRO A 1 99  ? 5.557   25.750  -1.658  1.00 25.78  ? 669 PRO A CD  1 
ATOM   682  N N   . ILE A 1 100 ? 7.849   25.689  1.228   1.00 30.78  ? 670 ILE A N   1 
ATOM   683  C CA  . ILE A 1 100 ? 8.465   25.987  2.512   1.00 32.51  ? 670 ILE A CA  1 
ATOM   684  C C   . ILE A 1 100 ? 8.673   24.772  3.405   1.00 33.24  ? 670 ILE A C   1 
ATOM   685  O O   . ILE A 1 100 ? 9.561   24.776  4.255   1.00 34.38  ? 670 ILE A O   1 
ATOM   686  C CB  . ILE A 1 100 ? 7.625   27.041  3.274   1.00 33.05  ? 670 ILE A CB  1 
ATOM   687  C CG1 . ILE A 1 100 ? 7.661   28.364  2.508   1.00 32.84  ? 670 ILE A CG1 1 
ATOM   688  C CG2 . ILE A 1 100 ? 8.146   27.225  4.690   1.00 34.73  ? 670 ILE A CG2 1 
ATOM   689  C CD1 . ILE A 1 100 ? 9.064   28.846  2.208   1.00 32.12  ? 670 ILE A CD1 1 
ATOM   690  N N   . GLN A 1 101 ? 7.868   23.730  3.214   1.00 32.75  ? 671 GLN A N   1 
ATOM   691  C CA  . GLN A 1 101 ? 7.989   22.537  4.043   1.00 33.10  ? 671 GLN A CA  1 
ATOM   692  C C   . GLN A 1 101 ? 7.986   21.235  3.255   1.00 33.03  ? 671 GLN A C   1 
ATOM   693  O O   . GLN A 1 101 ? 7.447   21.161  2.149   1.00 31.52  ? 671 GLN A O   1 
ATOM   694  C CB  . GLN A 1 101 ? 6.865   22.511  5.077   1.00 33.67  ? 671 GLN A CB  1 
ATOM   695  C CG  . GLN A 1 101 ? 5.795   23.546  4.801   1.00 37.56  ? 671 GLN A CG  1 
ATOM   696  C CD  . GLN A 1 101 ? 4.672   23.513  5.807   1.00 40.09  ? 671 GLN A CD  1 
ATOM   697  O OE1 . GLN A 1 101 ? 3.988   22.501  5.954   1.00 42.05  ? 671 GLN A OE1 1 
ATOM   698  N NE2 . GLN A 1 101 ? 4.469   24.627  6.507   1.00 42.19  ? 671 GLN A NE2 1 
ATOM   699  N N   . PRO A 1 102 ? 8.606   20.189  3.820   1.00 33.18  ? 672 PRO A N   1 
ATOM   700  C CA  . PRO A 1 102 ? 8.675   18.876  3.175   1.00 34.67  ? 672 PRO A CA  1 
ATOM   701  C C   . PRO A 1 102 ? 7.263   18.360  2.939   1.00 34.76  ? 672 PRO A C   1 
ATOM   702  O O   . PRO A 1 102 ? 6.392   18.510  3.794   1.00 36.42  ? 672 PRO A O   1 
ATOM   703  C CB  . PRO A 1 102 ? 9.433   18.030  4.196   1.00 35.33  ? 672 PRO A CB  1 
ATOM   704  C CG  . PRO A 1 102 ? 10.323  19.040  4.876   1.00 35.38  ? 672 PRO A CG  1 
ATOM   705  C CD  . PRO A 1 102 ? 9.379   20.199  5.074   1.00 34.67  ? 672 PRO A CD  1 
ATOM   706  N N   . PRO A 1 103 ? 7.017   17.756  1.768   1.00 34.78  ? 673 PRO A N   1 
ATOM   707  C CA  . PRO A 1 103 ? 5.709   17.210  1.397   1.00 35.50  ? 673 PRO A CA  1 
ATOM   708  C C   . PRO A 1 103 ? 5.018   16.382  2.486   1.00 36.00  ? 673 PRO A C   1 
ATOM   709  O O   . PRO A 1 103 ? 5.663   15.691  3.280   1.00 36.22  ? 673 PRO A O   1 
ATOM   710  C CB  . PRO A 1 103 ? 6.035   16.379  0.163   1.00 34.37  ? 673 PRO A CB  1 
ATOM   711  C CG  . PRO A 1 103 ? 7.079   17.192  -0.489  1.00 35.23  ? 673 PRO A CG  1 
ATOM   712  C CD  . PRO A 1 103 ? 7.981   17.574  0.670   1.00 35.71  ? 673 PRO A CD  1 
ATOM   713  N N   . ALA A 1 104 ? 3.693   16.466  2.511   1.00 36.27  ? 674 ALA A N   1 
ATOM   714  C CA  . ALA A 1 104 ? 2.894   15.721  3.475   1.00 35.23  ? 674 ALA A CA  1 
ATOM   715  C C   . ALA A 1 104 ? 2.697   14.302  2.942   1.00 33.86  ? 674 ALA A C   1 
ATOM   716  O O   . ALA A 1 104 ? 2.226   14.117  1.811   1.00 33.95  ? 674 ALA A O   1 
ATOM   717  C CB  . ALA A 1 104 ? 1.539   16.405  3.671   1.00 34.37  ? 674 ALA A CB  1 
ATOM   718  N N   . ALA A 1 105 ? 3.064   13.308  3.750   1.00 31.49  ? 675 ALA A N   1 
ATOM   719  C CA  . ALA A 1 105 ? 2.923   11.912  3.344   1.00 28.86  ? 675 ALA A CA  1 
ATOM   720  C C   . ALA A 1 105 ? 2.182   11.034  4.352   1.00 26.01  ? 675 ALA A C   1 
ATOM   721  O O   . ALA A 1 105 ? 2.185   11.291  5.557   1.00 25.52  ? 675 ALA A O   1 
ATOM   722  C CB  . ALA A 1 105 ? 4.296   11.313  3.060   1.00 28.90  ? 675 ALA A CB  1 
ATOM   723  N N   . ILE A 1 106 ? 1.528   10.007  3.830   1.00 21.94  ? 676 ILE A N   1 
ATOM   724  C CA  . ILE A 1 106 ? 0.816   9.045   4.651   1.00 19.54  ? 676 ILE A CA  1 
ATOM   725  C C   . ILE A 1 106 ? 1.451   7.707   4.331   1.00 19.94  ? 676 ILE A C   1 
ATOM   726  O O   . ILE A 1 106 ? 1.788   7.437   3.177   1.00 21.60  ? 676 ILE A O   1 
ATOM   727  C CB  . ILE A 1 106 ? -0.688  8.954   4.291   1.00 19.02  ? 676 ILE A CB  1 
ATOM   728  C CG1 . ILE A 1 106 ? -1.434  10.188  4.795   1.00 16.60  ? 676 ILE A CG1 1 
ATOM   729  C CG2 . ILE A 1 106 ? -1.301  7.691   4.912   1.00 17.63  ? 676 ILE A CG2 1 
ATOM   730  C CD1 . ILE A 1 106 ? -2.848  10.298  4.257   1.00 16.90  ? 676 ILE A CD1 1 
ATOM   731  N N   . THR A 1 107 ? 1.644   6.885   5.352   1.00 19.55  ? 677 THR A N   1 
ATOM   732  C CA  . THR A 1 107 ? 2.207   5.558   5.162   1.00 18.49  ? 677 THR A CA  1 
ATOM   733  C C   . THR A 1 107 ? 1.194   4.529   5.665   1.00 17.57  ? 677 THR A C   1 
ATOM   734  O O   . THR A 1 107 ? 0.499   4.753   6.657   1.00 17.41  ? 677 THR A O   1 
ATOM   735  C CB  . THR A 1 107 ? 3.542   5.371   5.935   1.00 18.60  ? 677 THR A CB  1 
ATOM   736  O OG1 . THR A 1 107 ? 3.320   5.546   7.340   1.00 18.67  ? 677 THR A OG1 1 
ATOM   737  C CG2 . THR A 1 107 ? 4.588   6.375   5.457   1.00 17.67  ? 677 THR A CG2 1 
ATOM   738  N N   . GLN A 1 108 ? 1.079   3.416   4.958   1.00 16.95  ? 678 GLN A N   1 
ATOM   739  C CA  . GLN A 1 108 ? 0.166   2.367   5.385   1.00 15.67  ? 678 GLN A CA  1 
ATOM   740  C C   . GLN A 1 108 ? 0.803   1.030   5.081   1.00 15.14  ? 678 GLN A C   1 
ATOM   741  O O   . GLN A 1 108 ? 1.182   0.759   3.938   1.00 16.94  ? 678 GLN A O   1 
ATOM   742  C CB  . GLN A 1 108 ? -1.186  2.467   4.675   1.00 15.77  ? 678 GLN A CB  1 
ATOM   743  C CG  . GLN A 1 108 ? -2.203  1.503   5.258   1.00 12.20  ? 678 GLN A CG  1 
ATOM   744  C CD  . GLN A 1 108 ? -3.627  1.781   4.823   1.00 16.84  ? 678 GLN A CD  1 
ATOM   745  O OE1 . GLN A 1 108 ? -4.581  1.338   5.477   1.00 17.55  ? 678 GLN A OE1 1 
ATOM   746  N NE2 . GLN A 1 108 ? -3.788  2.503   3.712   1.00 11.42  ? 678 GLN A NE2 1 
ATOM   747  N N   . VAL A 1 109 ? 0.933   0.202   6.111   1.00 14.75  ? 679 VAL A N   1 
ATOM   748  C CA  . VAL A 1 109 ? 1.542   -1.110  5.952   1.00 14.69  ? 679 VAL A CA  1 
ATOM   749  C C   . VAL A 1 109 ? 0.536   -2.090  5.375   1.00 14.48  ? 679 VAL A C   1 
ATOM   750  O O   . VAL A 1 109 ? -0.551  -2.281  5.919   1.00 14.11  ? 679 VAL A O   1 
ATOM   751  C CB  . VAL A 1 109 ? 2.070   -1.661  7.300   1.00 13.94  ? 679 VAL A CB  1 
ATOM   752  C CG1 . VAL A 1 109 ? 2.618   -3.076  7.108   1.00 12.83  ? 679 VAL A CG1 1 
ATOM   753  C CG2 . VAL A 1 109 ? 3.155   -0.744  7.849   1.00 13.46  ? 679 VAL A CG2 1 
ATOM   754  N N   . MET A 1 110 ? 0.915   -2.703  4.260   1.00 15.29  ? 680 MET A N   1 
ATOM   755  C CA  . MET A 1 110 ? 0.072   -3.675  3.584   1.00 12.89  ? 680 MET A CA  1 
ATOM   756  C C   . MET A 1 110 ? 0.815   -5.007  3.575   1.00 13.95  ? 680 MET A C   1 
ATOM   757  O O   . MET A 1 110 ? 2.006   -5.072  3.260   1.00 12.28  ? 680 MET A O   1 
ATOM   758  C CB  . MET A 1 110 ? -0.225  -3.212  2.149   1.00 10.96  ? 680 MET A CB  1 
ATOM   759  C CG  . MET A 1 110 ? -1.212  -4.105  1.394   1.00 9.75   ? 680 MET A CG  1 
ATOM   760  S SD  . MET A 1 110 ? -1.624  -3.500  -0.261  1.00 10.05  ? 680 MET A SD  1 
ATOM   761  C CE  . MET A 1 110 ? 0.016   -3.386  -0.967  1.00 10.74  ? 680 MET A CE  1 
ATOM   762  N N   . LEU A 1 111 ? 0.107   -6.066  3.940   1.00 14.36  ? 681 LEU A N   1 
ATOM   763  C CA  . LEU A 1 111 ? 0.691   -7.392  3.983   1.00 14.93  ? 681 LEU A CA  1 
ATOM   764  C C   . LEU A 1 111 ? 0.005   -8.248  2.926   1.00 15.74  ? 681 LEU A C   1 
ATOM   765  O O   . LEU A 1 111 ? -1.217  -8.197  2.763   1.00 15.21  ? 681 LEU A O   1 
ATOM   766  C CB  . LEU A 1 111 ? 0.488   -8.006  5.375   1.00 15.17  ? 681 LEU A CB  1 
ATOM   767  C CG  . LEU A 1 111 ? 0.922   -7.127  6.553   1.00 15.17  ? 681 LEU A CG  1 
ATOM   768  C CD1 . LEU A 1 111 ? 0.380   -7.704  7.847   1.00 14.65  ? 681 LEU A CD1 1 
ATOM   769  C CD2 . LEU A 1 111 ? 2.441   -7.015  6.586   1.00 12.19  ? 681 LEU A CD2 1 
ATOM   770  N N   . LEU A 1 112 ? 0.805   -9.028  2.207   1.00 15.52  ? 682 LEU A N   1 
ATOM   771  C CA  . LEU A 1 112 ? 0.298   -9.905  1.161   1.00 15.38  ? 682 LEU A CA  1 
ATOM   772  C C   . LEU A 1 112 ? 0.842   -11.324 1.329   1.00 14.34  ? 682 LEU A C   1 
ATOM   773  O O   . LEU A 1 112 ? 2.048   -11.559 1.215   1.00 12.77  ? 682 LEU A O   1 
ATOM   774  C CB  . LEU A 1 112 ? 0.698   -9.368  -0.211  1.00 16.21  ? 682 LEU A CB  1 
ATOM   775  C CG  . LEU A 1 112 ? 0.275   -10.228 -1.402  1.00 19.63  ? 682 LEU A CG  1 
ATOM   776  C CD1 . LEU A 1 112 ? -1.252  -10.347 -1.435  1.00 20.72  ? 682 LEU A CD1 1 
ATOM   777  C CD2 . LEU A 1 112 ? 0.791   -9.605  -2.689  1.00 21.06  ? 682 LEU A CD2 1 
ATOM   778  N N   . ALA A 1 113 ? -0.055  -12.261 1.610   1.00 15.52  ? 683 ALA A N   1 
ATOM   779  C CA  . ALA A 1 113 ? 0.317   -13.661 1.784   1.00 15.69  ? 683 ALA A CA  1 
ATOM   780  C C   . ALA A 1 113 ? 0.151   -14.406 0.460   1.00 16.11  ? 683 ALA A C   1 
ATOM   781  O O   . ALA A 1 113 ? -0.955  -14.460 -0.088  1.00 16.93  ? 683 ALA A O   1 
ATOM   782  C CB  . ALA A 1 113 ? -0.557  -14.304 2.853   1.00 15.73  ? 683 ALA A CB  1 
ATOM   783  N N   . ASN A 1 114 ? 1.246   -14.974 -0.044  1.00 14.58  ? 684 ASN A N   1 
ATOM   784  C CA  . ASN A 1 114 ? 1.232   -15.719 -1.302  1.00 15.30  ? 684 ASN A CA  1 
ATOM   785  C C   . ASN A 1 114 ? 1.955   -17.060 -1.124  1.00 16.27  ? 684 ASN A C   1 
ATOM   786  O O   . ASN A 1 114 ? 2.991   -17.313 -1.742  1.00 17.16  ? 684 ASN A O   1 
ATOM   787  C CB  . ASN A 1 114 ? 1.905   -14.883 -2.394  1.00 14.84  ? 684 ASN A CB  1 
ATOM   788  C CG  . ASN A 1 114 ? 1.910   -15.574 -3.747  1.00 14.05  ? 684 ASN A CG  1 
ATOM   789  O OD1 . ASN A 1 114 ? 1.148   -16.508 -3.983  1.00 13.11  ? 684 ASN A OD1 1 
ATOM   790  N ND2 . ASN A 1 114 ? 2.765   -15.098 -4.649  1.00 13.38  ? 684 ASN A ND2 1 
ATOM   791  N N   . PRO A 1 115 ? 1.395   -17.945 -0.281  1.00 18.14  ? 685 PRO A N   1 
ATOM   792  C CA  . PRO A 1 115 ? 1.928   -19.273 0.038   1.00 19.10  ? 685 PRO A CA  1 
ATOM   793  C C   . PRO A 1 115 ? 2.252   -20.130 -1.175  1.00 19.42  ? 685 PRO A C   1 
ATOM   794  O O   . PRO A 1 115 ? 3.277   -20.813 -1.209  1.00 19.39  ? 685 PRO A O   1 
ATOM   795  C CB  . PRO A 1 115 ? 0.810   -19.902 0.875   1.00 20.36  ? 685 PRO A CB  1 
ATOM   796  C CG  . PRO A 1 115 ? 0.102   -18.733 1.453   1.00 20.03  ? 685 PRO A CG  1 
ATOM   797  C CD  . PRO A 1 115 ? 0.058   -17.775 0.312   1.00 18.62  ? 685 PRO A CD  1 
ATOM   798  N N   . LEU A 1 116 ? 1.365   -20.088 -2.162  1.00 19.28  ? 686 LEU A N   1 
ATOM   799  C CA  . LEU A 1 116 ? 1.522   -20.880 -3.366  1.00 19.02  ? 686 LEU A CA  1 
ATOM   800  C C   . LEU A 1 116 ? 2.523   -20.309 -4.367  1.00 20.74  ? 686 LEU A C   1 
ATOM   801  O O   . LEU A 1 116 ? 2.811   -20.930 -5.394  1.00 20.01  ? 686 LEU A O   1 
ATOM   802  C CB  . LEU A 1 116 ? 0.151   -21.097 -4.011  1.00 17.08  ? 686 LEU A CB  1 
ATOM   803  C CG  . LEU A 1 116 ? -0.783  -21.920 -3.109  1.00 18.72  ? 686 LEU A CG  1 
ATOM   804  C CD1 . LEU A 1 116 ? -2.083  -22.212 -3.832  1.00 17.32  ? 686 LEU A CD1 1 
ATOM   805  C CD2 . LEU A 1 116 ? -0.096  -23.236 -2.709  1.00 16.76  ? 686 LEU A CD2 1 
ATOM   806  N N   . LYS A 1 117 ? 3.051   -19.126 -4.062  1.00 20.44  ? 687 LYS A N   1 
ATOM   807  C CA  . LYS A 1 117 ? 4.056   -18.499 -4.909  1.00 19.56  ? 687 LYS A CA  1 
ATOM   808  C C   . LYS A 1 117 ? 3.595   -18.152 -6.320  1.00 18.67  ? 687 LYS A C   1 
ATOM   809  O O   . LYS A 1 117 ? 4.358   -18.287 -7.269  1.00 16.96  ? 687 LYS A O   1 
ATOM   810  C CB  . LYS A 1 117 ? 5.281   -19.415 -4.999  1.00 18.88  ? 687 LYS A CB  1 
ATOM   811  C CG  . LYS A 1 117 ? 5.902   -19.747 -3.651  1.00 21.59  ? 687 LYS A CG  1 
ATOM   812  C CD  . LYS A 1 117 ? 7.135   -20.628 -3.820  1.00 24.26  ? 687 LYS A CD  1 
ATOM   813  C CE  . LYS A 1 117 ? 7.903   -20.788 -2.512  1.00 26.75  ? 687 LYS A CE  1 
ATOM   814  N NZ  . LYS A 1 117 ? 7.172   -21.637 -1.534  1.00 29.09  ? 687 LYS A NZ  1 
ATOM   815  N N   . GLU A 1 118 ? 2.358   -17.700 -6.468  1.00 19.29  ? 688 GLU A N   1 
ATOM   816  C CA  . GLU A 1 118 ? 1.869   -17.345 -7.793  1.00 20.46  ? 688 GLU A CA  1 
ATOM   817  C C   . GLU A 1 118 ? 2.217   -15.907 -8.156  1.00 19.77  ? 688 GLU A C   1 
ATOM   818  O O   . GLU A 1 118 ? 2.747   -15.163 -7.339  1.00 18.16  ? 688 GLU A O   1 
ATOM   819  C CB  . GLU A 1 118 ? 0.356   -17.506 -7.861  1.00 20.36  ? 688 GLU A CB  1 
ATOM   820  C CG  . GLU A 1 118 ? -0.134  -18.879 -7.519  1.00 23.50  ? 688 GLU A CG  1 
ATOM   821  C CD  . GLU A 1 118 ? -1.640  -18.928 -7.453  1.00 25.41  ? 688 GLU A CD  1 
ATOM   822  O OE1 . GLU A 1 118 ? -2.286  -18.936 -8.517  1.00 23.05  ? 688 GLU A OE1 1 
ATOM   823  O OE2 . GLU A 1 118 ? -2.175  -18.943 -6.326  1.00 28.70  ? 688 GLU A OE2 1 
ATOM   824  N N   . LYS A 1 119 ? 1.918   -15.525 -9.394  1.00 22.17  ? 689 LYS A N   1 
ATOM   825  C CA  . LYS A 1 119 ? 2.169   -14.161 -9.835  1.00 25.15  ? 689 LYS A CA  1 
ATOM   826  C C   . LYS A 1 119 ? 1.198   -13.264 -9.079  1.00 23.73  ? 689 LYS A C   1 
ATOM   827  O O   . LYS A 1 119 ? 0.013   -13.567 -8.963  1.00 23.08  ? 689 LYS A O   1 
ATOM   828  C CB  . LYS A 1 119 ? 1.935   -14.007 -11.341 1.00 28.72  ? 689 LYS A CB  1 
ATOM   829  C CG  . LYS A 1 119 ? 2.105   -12.567 -11.813 1.00 33.84  ? 689 LYS A CG  1 
ATOM   830  C CD  . LYS A 1 119 ? 1.791   -12.391 -13.292 1.00 38.50  ? 689 LYS A CD  1 
ATOM   831  C CE  . LYS A 1 119 ? 1.954   -10.931 -13.712 1.00 39.88  ? 689 LYS A CE  1 
ATOM   832  N NZ  . LYS A 1 119 ? 1.733   -10.734 -15.172 1.00 41.40  ? 689 LYS A NZ  1 
ATOM   833  N N   . VAL A 1 120 ? 1.706   -12.153 -8.575  1.00 24.26  ? 690 VAL A N   1 
ATOM   834  C CA  . VAL A 1 120 ? 0.891   -11.228 -7.808  1.00 23.74  ? 690 VAL A CA  1 
ATOM   835  C C   . VAL A 1 120 ? 0.215   -10.146 -8.637  1.00 23.52  ? 690 VAL A C   1 
ATOM   836  O O   . VAL A 1 120 ? 0.804   -9.575  -9.548  1.00 22.43  ? 690 VAL A O   1 
ATOM   837  C CB  . VAL A 1 120 ? 1.733   -10.534 -6.721  1.00 23.62  ? 690 VAL A CB  1 
ATOM   838  C CG1 . VAL A 1 120 ? 0.864   -9.559  -5.939  1.00 24.20  ? 690 VAL A CG1 1 
ATOM   839  C CG2 . VAL A 1 120 ? 2.352   -11.576 -5.796  1.00 22.39  ? 690 VAL A CG2 1 
ATOM   840  N N   . ARG A 1 121 ? -1.045  -9.892  -8.310  1.00 24.05  ? 691 ARG A N   1 
ATOM   841  C CA  . ARG A 1 121 ? -1.846  -8.850  -8.936  1.00 24.32  ? 691 ARG A CA  1 
ATOM   842  C C   . ARG A 1 121 ? -2.642  -8.307  -7.766  1.00 22.97  ? 691 ARG A C   1 
ATOM   843  O O   . ARG A 1 121 ? -3.121  -9.067  -6.931  1.00 23.23  ? 691 ARG A O   1 
ATOM   844  C CB  . ARG A 1 121 ? -2.792  -9.411  -10.001 1.00 27.28  ? 691 ARG A CB  1 
ATOM   845  C CG  . ARG A 1 121 ? -2.176  -9.506  -11.378 1.00 30.15  ? 691 ARG A CG  1 
ATOM   846  C CD  . ARG A 1 121 ? -3.236  -9.756  -12.432 1.00 33.88  ? 691 ARG A CD  1 
ATOM   847  N NE  . ARG A 1 121 ? -2.657  -9.923  -13.764 1.00 36.93  ? 691 ARG A NE  1 
ATOM   848  C CZ  . ARG A 1 121 ? -1.852  -10.924 -14.110 1.00 39.57  ? 691 ARG A CZ  1 
ATOM   849  N NH1 . ARG A 1 121 ? -1.524  -11.858 -13.224 1.00 41.21  ? 691 ARG A NH1 1 
ATOM   850  N NH2 . ARG A 1 121 ? -1.378  -10.997 -15.347 1.00 40.77  ? 691 ARG A NH2 1 
ATOM   851  N N   . LEU A 1 122 ? -2.773  -6.996  -7.685  1.00 21.65  ? 692 LEU A N   1 
ATOM   852  C CA  . LEU A 1 122 ? -3.492  -6.419  -6.568  1.00 20.38  ? 692 LEU A CA  1 
ATOM   853  C C   . LEU A 1 122 ? -4.446  -5.350  -7.059  1.00 19.06  ? 692 LEU A C   1 
ATOM   854  O O   . LEU A 1 122 ? -4.052  -4.440  -7.786  1.00 18.35  ? 692 LEU A O   1 
ATOM   855  C CB  . LEU A 1 122 ? -2.485  -5.825  -5.586  1.00 21.09  ? 692 LEU A CB  1 
ATOM   856  C CG  . LEU A 1 122 ? -2.932  -5.513  -4.164  1.00 24.57  ? 692 LEU A CG  1 
ATOM   857  C CD1 . LEU A 1 122 ? -3.451  -6.777  -3.494  1.00 26.64  ? 692 LEU A CD1 1 
ATOM   858  C CD2 . LEU A 1 122 ? -1.747  -4.959  -3.388  1.00 25.11  ? 692 LEU A CD2 1 
ATOM   859  N N   . ARG A 1 123 ? -5.711  -5.480  -6.677  1.00 16.77  ? 693 ARG A N   1 
ATOM   860  C CA  . ARG A 1 123 ? -6.708  -4.498  -7.062  1.00 15.43  ? 693 ARG A CA  1 
ATOM   861  C C   . ARG A 1 123 ? -6.872  -3.559  -5.897  1.00 15.21  ? 693 ARG A C   1 
ATOM   862  O O   . ARG A 1 123 ? -6.611  -3.926  -4.747  1.00 15.04  ? 693 ARG A O   1 
ATOM   863  C CB  . ARG A 1 123 ? -8.037  -5.173  -7.384  1.00 14.20  ? 693 ARG A CB  1 
ATOM   864  C CG  . ARG A 1 123 ? -8.010  -5.881  -8.706  1.00 15.97  ? 693 ARG A CG  1 
ATOM   865  C CD  . ARG A 1 123 ? -9.244  -6.714  -8.916  1.00 19.37  ? 693 ARG A CD  1 
ATOM   866  N NE  . ARG A 1 123 ? -9.312  -7.184  -10.291 1.00 22.01  ? 693 ARG A NE  1 
ATOM   867  C CZ  . ARG A 1 123 ? -10.319 -7.888  -10.787 1.00 23.87  ? 693 ARG A CZ  1 
ATOM   868  N NH1 . ARG A 1 123 ? -11.350 -8.210  -10.014 1.00 23.60  ? 693 ARG A NH1 1 
ATOM   869  N NH2 . ARG A 1 123 ? -10.301 -8.252  -12.060 1.00 23.92  ? 693 ARG A NH2 1 
ATOM   870  N N   . TYR A 1 124 ? -7.311  -2.343  -6.180  1.00 15.14  ? 694 TYR A N   1 
ATOM   871  C CA  . TYR A 1 124 ? -7.482  -1.392  -5.110  1.00 14.25  ? 694 TYR A CA  1 
ATOM   872  C C   . TYR A 1 124 ? -8.583  -0.402  -5.396  1.00 15.00  ? 694 TYR A C   1 
ATOM   873  O O   . TYR A 1 124 ? -8.943  -0.160  -6.547  1.00 15.98  ? 694 TYR A O   1 
ATOM   874  C CB  . TYR A 1 124 ? -6.174  -0.646  -4.872  1.00 12.70  ? 694 TYR A CB  1 
ATOM   875  C CG  . TYR A 1 124 ? -5.837  0.357   -5.945  1.00 14.10  ? 694 TYR A CG  1 
ATOM   876  C CD1 . TYR A 1 124 ? -6.478  1.601   -5.993  1.00 15.08  ? 694 TYR A CD1 1 
ATOM   877  C CD2 . TYR A 1 124 ? -4.883  0.067   -6.924  1.00 14.71  ? 694 TYR A CD2 1 
ATOM   878  C CE1 . TYR A 1 124 ? -6.180  2.526   -6.986  1.00 16.13  ? 694 TYR A CE1 1 
ATOM   879  C CE2 . TYR A 1 124 ? -4.575  0.989   -7.925  1.00 16.33  ? 694 TYR A CE2 1 
ATOM   880  C CZ  . TYR A 1 124 ? -5.228  2.215   -7.949  1.00 19.45  ? 694 TYR A CZ  1 
ATOM   881  O OH  . TYR A 1 124 ? -4.937  3.131   -8.939  1.00 22.93  ? 694 TYR A OH  1 
ATOM   882  N N   . LYS A 1 125 ? -9.135  0.154   -4.327  1.00 14.95  ? 695 LYS A N   1 
ATOM   883  C CA  . LYS A 1 125 ? -10.156 1.173   -4.454  1.00 13.61  ? 695 LYS A CA  1 
ATOM   884  C C   . LYS A 1 125 ? -9.653  2.320   -3.595  1.00 13.57  ? 695 LYS A C   1 
ATOM   885  O O   . LYS A 1 125 ? -9.377  2.144   -2.412  1.00 14.18  ? 695 LYS A O   1 
ATOM   886  C CB  . LYS A 1 125 ? -11.503 0.693   -3.925  1.00 13.83  ? 695 LYS A CB  1 
ATOM   887  C CG  . LYS A 1 125 ? -12.592 1.770   -4.008  1.00 13.92  ? 695 LYS A CG  1 
ATOM   888  C CD  . LYS A 1 125 ? -13.858 1.338   -3.293  1.00 12.54  ? 695 LYS A CD  1 
ATOM   889  C CE  . LYS A 1 125 ? -14.921 2.415   -3.338  1.00 11.45  ? 695 LYS A CE  1 
ATOM   890  N NZ  . LYS A 1 125 ? -16.044 2.031   -2.451  1.00 12.05  ? 695 LYS A NZ  1 
ATOM   891  N N   . LEU A 1 126 ? -9.482  3.481   -4.211  1.00 12.46  ? 696 LEU A N   1 
ATOM   892  C CA  . LEU A 1 126 ? -9.029  4.643   -3.488  1.00 10.82  ? 696 LEU A CA  1 
ATOM   893  C C   . LEU A 1 126 ? -10.234 5.555   -3.379  1.00 11.67  ? 696 LEU A C   1 
ATOM   894  O O   . LEU A 1 126 ? -10.952 5.780   -4.353  1.00 9.60   ? 696 LEU A O   1 
ATOM   895  C CB  . LEU A 1 126 ? -7.903  5.349   -4.231  1.00 10.08  ? 696 LEU A CB  1 
ATOM   896  C CG  . LEU A 1 126 ? -7.356  6.583   -3.511  1.00 10.13  ? 696 LEU A CG  1 
ATOM   897  C CD1 . LEU A 1 126 ? -6.829  6.183   -2.129  1.00 6.74   ? 696 LEU A CD1 1 
ATOM   898  C CD2 . LEU A 1 126 ? -6.246  7.214   -4.350  1.00 10.55  ? 696 LEU A CD2 1 
ATOM   899  N N   . THR A 1 127 ? -10.442 6.062   -2.175  1.00 11.44  ? 697 THR A N   1 
ATOM   900  C CA  . THR A 1 127 ? -11.556 6.927   -1.854  1.00 12.53  ? 697 THR A CA  1 
ATOM   901  C C   . THR A 1 127 ? -10.990 8.126   -1.105  1.00 13.75  ? 697 THR A C   1 
ATOM   902  O O   . THR A 1 127 ? -10.102 7.970   -0.269  1.00 13.25  ? 697 THR A O   1 
ATOM   903  C CB  . THR A 1 127 ? -12.564 6.149   -0.972  1.00 11.16  ? 697 THR A CB  1 
ATOM   904  O OG1 . THR A 1 127 ? -13.681 5.749   -1.776  1.00 13.75  ? 697 THR A OG1 1 
ATOM   905  C CG2 . THR A 1 127 ? -13.016 6.974   0.215   1.00 13.17  ? 697 THR A CG2 1 
ATOM   906  N N   . PHE A 1 128 ? -11.489 9.319   -1.413  1.00 14.23  ? 698 PHE A N   1 
ATOM   907  C CA  . PHE A 1 128 ? -11.009 10.522  -0.746  1.00 13.52  ? 698 PHE A CA  1 
ATOM   908  C C   . PHE A 1 128 ? -11.897 11.706  -1.077  1.00 13.15  ? 698 PHE A C   1 
ATOM   909  O O   . PHE A 1 128 ? -12.784 11.607  -1.927  1.00 12.59  ? 698 PHE A O   1 
ATOM   910  C CB  . PHE A 1 128 ? -9.548  10.800  -1.133  1.00 14.49  ? 698 PHE A CB  1 
ATOM   911  C CG  . PHE A 1 128 ? -9.355  11.195  -2.568  1.00 15.04  ? 698 PHE A CG  1 
ATOM   912  C CD1 . PHE A 1 128 ? -9.454  12.531  -2.957  1.00 14.15  ? 698 PHE A CD1 1 
ATOM   913  C CD2 . PHE A 1 128 ? -9.073  10.232  -3.534  1.00 16.20  ? 698 PHE A CD2 1 
ATOM   914  C CE1 . PHE A 1 128 ? -9.274  12.903  -4.290  1.00 15.99  ? 698 PHE A CE1 1 
ATOM   915  C CE2 . PHE A 1 128 ? -8.889  10.594  -4.869  1.00 17.16  ? 698 PHE A CE2 1 
ATOM   916  C CZ  . PHE A 1 128 ? -8.990  11.933  -5.248  1.00 15.65  ? 698 PHE A CZ  1 
ATOM   917  N N   . ALA A 1 129 ? -11.657 12.821  -0.397  1.00 13.75  ? 699 ALA A N   1 
ATOM   918  C CA  . ALA A 1 129 ? -12.451 14.024  -0.591  1.00 14.83  ? 699 ALA A CA  1 
ATOM   919  C C   . ALA A 1 129 ? -11.655 15.324  -0.695  1.00 15.84  ? 699 ALA A C   1 
ATOM   920  O O   . ALA A 1 129 ? -10.626 15.502  -0.047  1.00 16.90  ? 699 ALA A O   1 
ATOM   921  C CB  . ALA A 1 129 ? -13.465 14.147  0.548   1.00 11.12  ? 699 ALA A CB  1 
ATOM   922  N N   . LEU A 1 130 ? -12.154 16.227  -1.530  1.00 17.48  ? 700 LEU A N   1 
ATOM   923  C CA  . LEU A 1 130 ? -11.571 17.554  -1.696  1.00 17.40  ? 700 LEU A CA  1 
ATOM   924  C C   . LEU A 1 130 ? -12.731 18.392  -1.170  1.00 17.34  ? 700 LEU A C   1 
ATOM   925  O O   . LEU A 1 130 ? -13.711 18.638  -1.881  1.00 17.16  ? 700 LEU A O   1 
ATOM   926  C CB  . LEU A 1 130 ? -11.320 17.857  -3.168  1.00 17.93  ? 700 LEU A CB  1 
ATOM   927  C CG  . LEU A 1 130 ? -10.499 16.815  -3.914  1.00 19.02  ? 700 LEU A CG  1 
ATOM   928  C CD1 . LEU A 1 130 ? -10.276 17.284  -5.349  1.00 19.91  ? 700 LEU A CD1 1 
ATOM   929  C CD2 . LEU A 1 130 ? -9.174  16.600  -3.197  1.00 19.98  ? 700 LEU A CD2 1 
ATOM   930  N N   . GLY A 1 131 ? -12.636 18.821  0.079   1.00 15.57  ? 701 GLY A N   1 
ATOM   931  C CA  . GLY A 1 131 ? -13.755 19.541  0.644   1.00 18.55  ? 701 GLY A CA  1 
ATOM   932  C C   . GLY A 1 131 ? -14.814 18.454  0.778   1.00 18.94  ? 701 GLY A C   1 
ATOM   933  O O   . GLY A 1 131 ? -14.521 17.371  1.287   1.00 19.89  ? 701 GLY A O   1 
ATOM   934  N N   . GLU A 1 132 ? -16.028 18.716  0.309   1.00 19.64  ? 702 GLU A N   1 
ATOM   935  C CA  . GLU A 1 132 ? -17.098 17.726  0.375   1.00 19.70  ? 702 GLU A CA  1 
ATOM   936  C C   . GLU A 1 132 ? -17.154 16.882  -0.900  1.00 19.25  ? 702 GLU A C   1 
ATOM   937  O O   . GLU A 1 132 ? -17.819 15.854  -0.946  1.00 20.62  ? 702 GLU A O   1 
ATOM   938  C CB  . GLU A 1 132 ? -18.446 18.423  0.595   1.00 20.60  ? 702 GLU A CB  1 
ATOM   939  C CG  . GLU A 1 132 ? -18.506 19.235  1.882   1.00 21.52  ? 702 GLU A CG  1 
ATOM   940  C CD  . GLU A 1 132 ? -18.483 18.371  3.138   1.00 22.88  ? 702 GLU A CD  1 
ATOM   941  O OE1 . GLU A 1 132 ? -18.050 18.884  4.190   1.00 25.36  ? 702 GLU A OE1 1 
ATOM   942  O OE2 . GLU A 1 132 ? -18.912 17.197  3.088   1.00 19.28  ? 702 GLU A OE2 1 
ATOM   943  N N   . GLN A 1 133 ? -16.449 17.316  -1.937  1.00 19.43  ? 703 GLN A N   1 
ATOM   944  C CA  . GLN A 1 133 ? -16.449 16.582  -3.194  1.00 18.84  ? 703 GLN A CA  1 
ATOM   945  C C   . GLN A 1 133 ? -15.788 15.211  -3.080  1.00 18.00  ? 703 GLN A C   1 
ATOM   946  O O   . GLN A 1 133 ? -14.606 15.096  -2.748  1.00 15.63  ? 703 GLN A O   1 
ATOM   947  C CB  . GLN A 1 133 ? -15.751 17.393  -4.283  1.00 20.68  ? 703 GLN A CB  1 
ATOM   948  C CG  . GLN A 1 133 ? -15.599 16.632  -5.578  1.00 19.04  ? 703 GLN A CG  1 
ATOM   949  C CD  . GLN A 1 133 ? -14.723 17.357  -6.552  1.00 20.10  ? 703 GLN A CD  1 
ATOM   950  O OE1 . GLN A 1 133 ? -15.165 18.283  -7.236  1.00 23.26  ? 703 GLN A OE1 1 
ATOM   951  N NE2 . GLN A 1 133 ? -13.464 16.961  -6.612  1.00 17.47  ? 703 GLN A NE2 1 
ATOM   952  N N   . LEU A 1 134 ? -16.566 14.176  -3.382  1.00 17.38  ? 704 LEU A N   1 
ATOM   953  C CA  . LEU A 1 134 ? -16.098 12.799  -3.311  1.00 16.59  ? 704 LEU A CA  1 
ATOM   954  C C   . LEU A 1 134 ? -15.401 12.311  -4.568  1.00 16.50  ? 704 LEU A C   1 
ATOM   955  O O   . LEU A 1 134 ? -15.713 12.740  -5.676  1.00 14.96  ? 704 LEU A O   1 
ATOM   956  C CB  . LEU A 1 134 ? -17.273 11.878  -3.030  1.00 16.00  ? 704 LEU A CB  1 
ATOM   957  C CG  . LEU A 1 134 ? -18.110 12.229  -1.815  1.00 14.64  ? 704 LEU A CG  1 
ATOM   958  C CD1 . LEU A 1 134 ? -19.217 11.205  -1.697  1.00 15.45  ? 704 LEU A CD1 1 
ATOM   959  C CD2 . LEU A 1 134 ? -17.233 12.235  -0.562  1.00 14.92  ? 704 LEU A CD2 1 
ATOM   960  N N   . SER A 1 135 ? -14.454 11.401  -4.371  1.00 17.02  ? 705 SER A N   1 
ATOM   961  C CA  . SER A 1 135 ? -13.709 10.791  -5.461  1.00 16.66  ? 705 SER A CA  1 
ATOM   962  C C   . SER A 1 135 ? -13.537 9.300   -5.168  1.00 17.52  ? 705 SER A C   1 
ATOM   963  O O   . SER A 1 135 ? -13.333 8.887   -4.027  1.00 15.63  ? 705 SER A O   1 
ATOM   964  C CB  . SER A 1 135 ? -12.334 11.446  -5.624  1.00 17.43  ? 705 SER A CB  1 
ATOM   965  O OG  . SER A 1 135 ? -12.436 12.732  -6.212  1.00 17.42  ? 705 SER A OG  1 
ATOM   966  N N   . THR A 1 136 ? -13.649 8.495   -6.212  1.00 16.68  ? 706 THR A N   1 
ATOM   967  C CA  . THR A 1 136 ? -13.494 7.061   -6.089  1.00 17.84  ? 706 THR A CA  1 
ATOM   968  C C   . THR A 1 136 ? -12.602 6.661   -7.243  1.00 18.78  ? 706 THR A C   1 
ATOM   969  O O   . THR A 1 136 ? -12.926 6.920   -8.400  1.00 21.07  ? 706 THR A O   1 
ATOM   970  C CB  . THR A 1 136 ? -14.851 6.331   -6.202  1.00 17.55  ? 706 THR A CB  1 
ATOM   971  O OG1 . THR A 1 136 ? -15.639 6.604   -5.033  1.00 18.22  ? 706 THR A OG1 1 
ATOM   972  C CG2 . THR A 1 136 ? -14.644 4.826   -6.332  1.00 14.13  ? 706 THR A CG2 1 
ATOM   973  N N   . GLU A 1 137 ? -11.462 6.062   -6.928  1.00 18.36  ? 707 GLU A N   1 
ATOM   974  C CA  . GLU A 1 137 ? -10.526 5.635   -7.956  1.00 19.18  ? 707 GLU A CA  1 
ATOM   975  C C   . GLU A 1 137 ? -10.229 4.161   -7.782  1.00 19.63  ? 707 GLU A C   1 
ATOM   976  O O   . GLU A 1 137 ? -9.895  3.713   -6.683  1.00 18.87  ? 707 GLU A O   1 
ATOM   977  C CB  . GLU A 1 137 ? -9.220  6.424   -7.859  1.00 19.44  ? 707 GLU A CB  1 
ATOM   978  C CG  . GLU A 1 137 ? -9.340  7.915   -8.133  1.00 21.49  ? 707 GLU A CG  1 
ATOM   979  C CD  . GLU A 1 137 ? -9.636  8.223   -9.584  1.00 21.05  ? 707 GLU A CD  1 
ATOM   980  O OE1 . GLU A 1 137 ? -9.182  7.466   -10.460 1.00 22.74  ? 707 GLU A OE1 1 
ATOM   981  O OE2 . GLU A 1 137 ? -10.309 9.231   -9.854  1.00 26.24  ? 707 GLU A OE2 1 
ATOM   982  N N   . VAL A 1 138 ? -10.355 3.415   -8.875  1.00 19.41  ? 708 VAL A N   1 
ATOM   983  C CA  . VAL A 1 138 ? -10.098 1.986   -8.869  1.00 20.43  ? 708 VAL A CA  1 
ATOM   984  C C   . VAL A 1 138 ? -8.952  1.636   -9.818  1.00 20.73  ? 708 VAL A C   1 
ATOM   985  O O   . VAL A 1 138 ? -8.712  2.335   -10.805 1.00 20.07  ? 708 VAL A O   1 
ATOM   986  C CB  . VAL A 1 138 ? -11.361 1.193   -9.278  1.00 20.31  ? 708 VAL A CB  1 
ATOM   987  C CG1 . VAL A 1 138 ? -11.029 -0.288  -9.404  1.00 21.42  ? 708 VAL A CG1 1 
ATOM   988  C CG2 . VAL A 1 138 ? -12.453 1.386   -8.235  1.00 19.06  ? 708 VAL A CG2 1 
ATOM   989  N N   . GLY A 1 139 ? -8.236  0.560   -9.504  1.00 21.06  ? 709 GLY A N   1 
ATOM   990  C CA  . GLY A 1 139 ? -7.136  0.147   -10.351 1.00 19.87  ? 709 GLY A CA  1 
ATOM   991  C C   . GLY A 1 139 ? -6.598  -1.233  -10.044 1.00 19.92  ? 709 GLY A C   1 
ATOM   992  O O   . GLY A 1 139 ? -7.049  -1.902  -9.120  1.00 18.47  ? 709 GLY A O   1 
ATOM   993  N N   . GLU A 1 140 ? -5.625  -1.652  -10.845 1.00 22.55  ? 710 GLU A N   1 
ATOM   994  C CA  . GLU A 1 140 ? -4.972  -2.944  -10.702 1.00 24.15  ? 710 GLU A CA  1 
ATOM   995  C C   . GLU A 1 140 ? -3.474  -2.753  -10.842 1.00 24.25  ? 710 GLU A C   1 
ATOM   996  O O   . GLU A 1 140 ? -3.014  -2.090  -11.771 1.00 24.39  ? 710 GLU A O   1 
ATOM   997  C CB  . GLU A 1 140 ? -5.425  -3.915  -11.788 1.00 25.51  ? 710 GLU A CB  1 
ATOM   998  C CG  . GLU A 1 140 ? -6.619  -4.767  -11.449 1.00 28.64  ? 710 GLU A CG  1 
ATOM   999  C CD  . GLU A 1 140 ? -6.463  -6.184  -11.977 1.00 29.51  ? 710 GLU A CD  1 
ATOM   1000 O OE1 . GLU A 1 140 ? -7.460  -6.935  -11.966 1.00 33.18  ? 710 GLU A OE1 1 
ATOM   1001 O OE2 . GLU A 1 140 ? -5.340  -6.549  -12.390 1.00 27.26  ? 710 GLU A OE2 1 
ATOM   1002 N N   . VAL A 1 141 ? -2.724  -3.340  -9.918  1.00 23.28  ? 711 VAL A N   1 
ATOM   1003 C CA  . VAL A 1 141 ? -1.270  -3.267  -9.939  1.00 23.81  ? 711 VAL A CA  1 
ATOM   1004 C C   . VAL A 1 141 ? -0.741  -4.689  -10.095 1.00 22.27  ? 711 VAL A C   1 
ATOM   1005 O O   . VAL A 1 141 ? -1.278  -5.620  -9.505  1.00 21.46  ? 711 VAL A O   1 
ATOM   1006 C CB  . VAL A 1 141 ? -0.724  -2.674  -8.626  1.00 24.47  ? 711 VAL A CB  1 
ATOM   1007 C CG1 . VAL A 1 141 ? 0.803   -2.701  -8.630  1.00 26.24  ? 711 VAL A CG1 1 
ATOM   1008 C CG2 . VAL A 1 141 ? -1.234  -1.259  -8.459  1.00 27.82  ? 711 VAL A CG2 1 
ATOM   1009 N N   . ASP A 1 142 ? 0.299   -4.858  -10.899 1.00 21.56  ? 712 ASP A N   1 
ATOM   1010 C CA  . ASP A 1 142 ? 0.872   -6.179  -11.102 1.00 22.35  ? 712 ASP A CA  1 
ATOM   1011 C C   . ASP A 1 142 ? 2.394   -6.091  -11.205 1.00 21.82  ? 712 ASP A C   1 
ATOM   1012 O O   . ASP A 1 142 ? 3.021   -6.883  -11.896 1.00 20.10  ? 712 ASP A O   1 
ATOM   1013 C CB  . ASP A 1 142 ? 0.289   -6.818  -12.368 1.00 23.27  ? 712 ASP A CB  1 
ATOM   1014 C CG  . ASP A 1 142 ? 0.830   -6.199  -13.650 1.00 25.70  ? 712 ASP A CG  1 
ATOM   1015 O OD1 . ASP A 1 142 ? 1.546   -5.174  -13.593 1.00 26.57  ? 712 ASP A OD1 1 
ATOM   1016 O OD2 . ASP A 1 142 ? 0.531   -6.749  -14.729 1.00 27.77  ? 712 ASP A OD2 1 
ATOM   1017 N N   . GLN A 1 143 ? 2.981   -5.122  -10.512 1.00 20.66  ? 713 GLN A N   1 
ATOM   1018 C CA  . GLN A 1 143 ? 4.424   -4.943  -10.536 1.00 23.17  ? 713 GLN A CA  1 
ATOM   1019 C C   . GLN A 1 143 ? 4.973   -5.274  -9.149  1.00 20.98  ? 713 GLN A C   1 
ATOM   1020 O O   . GLN A 1 143 ? 5.084   -4.405  -8.292  1.00 20.16  ? 713 GLN A O   1 
ATOM   1021 C CB  . GLN A 1 143 ? 4.757   -3.496  -10.912 1.00 27.43  ? 713 GLN A CB  1 
ATOM   1022 C CG  . GLN A 1 143 ? 6.053   -3.332  -11.691 1.00 34.12  ? 713 GLN A CG  1 
ATOM   1023 C CD  . GLN A 1 143 ? 5.966   -3.889  -13.107 1.00 38.44  ? 713 GLN A CD  1 
ATOM   1024 O OE1 . GLN A 1 143 ? 5.638   -5.064  -13.314 1.00 40.28  ? 713 GLN A OE1 1 
ATOM   1025 N NE2 . GLN A 1 143 ? 6.270   -3.046  -14.090 1.00 39.52  ? 713 GLN A NE2 1 
ATOM   1026 N N   . PHE A 1 144 ? 5.307   -6.539  -8.932  1.00 19.13  ? 714 PHE A N   1 
ATOM   1027 C CA  . PHE A 1 144 ? 5.808   -6.974  -7.639  1.00 18.36  ? 714 PHE A CA  1 
ATOM   1028 C C   . PHE A 1 144 ? 7.130   -7.686  -7.757  1.00 17.36  ? 714 PHE A C   1 
ATOM   1029 O O   . PHE A 1 144 ? 7.510   -8.116  -8.834  1.00 19.36  ? 714 PHE A O   1 
ATOM   1030 C CB  . PHE A 1 144 ? 4.791   -7.903  -6.961  1.00 17.18  ? 714 PHE A CB  1 
ATOM   1031 C CG  . PHE A 1 144 ? 3.505   -7.225  -6.610  1.00 17.64  ? 714 PHE A CG  1 
ATOM   1032 C CD1 . PHE A 1 144 ? 2.491   -7.089  -7.558  1.00 16.90  ? 714 PHE A CD1 1 
ATOM   1033 C CD2 . PHE A 1 144 ? 3.333   -6.647  -5.355  1.00 16.40  ? 714 PHE A CD2 1 
ATOM   1034 C CE1 . PHE A 1 144 ? 1.334   -6.381  -7.258  1.00 16.33  ? 714 PHE A CE1 1 
ATOM   1035 C CE2 . PHE A 1 144 ? 2.180   -5.938  -5.049  1.00 15.60  ? 714 PHE A CE2 1 
ATOM   1036 C CZ  . PHE A 1 144 ? 1.180   -5.802  -6.002  1.00 16.38  ? 714 PHE A CZ  1 
ATOM   1037 N N   . PRO A 1 145 ? 7.862   -7.808  -6.643  1.00 18.08  ? 715 PRO A N   1 
ATOM   1038 C CA  . PRO A 1 145 ? 9.157   -8.491  -6.678  1.00 18.64  ? 715 PRO A CA  1 
ATOM   1039 C C   . PRO A 1 145 ? 8.920   -9.983  -6.850  1.00 18.64  ? 715 PRO A C   1 
ATOM   1040 O O   . PRO A 1 145 ? 7.875   -10.493 -6.457  1.00 19.35  ? 715 PRO A O   1 
ATOM   1041 C CB  . PRO A 1 145 ? 9.759   -8.178  -5.307  1.00 17.17  ? 715 PRO A CB  1 
ATOM   1042 C CG  . PRO A 1 145 ? 9.046   -6.927  -4.880  1.00 18.91  ? 715 PRO A CG  1 
ATOM   1043 C CD  . PRO A 1 145 ? 7.641   -7.173  -5.334  1.00 17.72  ? 715 PRO A CD  1 
ATOM   1044 N N   . PRO A 1 146 ? 9.879   -10.697 -7.454  1.00 20.03  ? 716 PRO A N   1 
ATOM   1045 C CA  . PRO A 1 146 ? 9.735   -12.141 -7.654  1.00 19.63  ? 716 PRO A CA  1 
ATOM   1046 C C   . PRO A 1 146 ? 9.528   -12.823 -6.302  1.00 20.06  ? 716 PRO A C   1 
ATOM   1047 O O   . PRO A 1 146 ? 10.359  -12.689 -5.404  1.00 20.19  ? 716 PRO A O   1 
ATOM   1048 C CB  . PRO A 1 146 ? 11.063  -12.530 -8.293  1.00 21.43  ? 716 PRO A CB  1 
ATOM   1049 C CG  . PRO A 1 146 ? 11.430  -11.298 -9.074  1.00 21.46  ? 716 PRO A CG  1 
ATOM   1050 C CD  . PRO A 1 146 ? 11.107  -10.193 -8.097  1.00 19.97  ? 716 PRO A CD  1 
ATOM   1051 N N   . VAL A 1 147 ? 8.417   -13.543 -6.161  1.00 20.79  ? 717 VAL A N   1 
ATOM   1052 C CA  . VAL A 1 147 ? 8.081   -14.241 -4.921  1.00 21.39  ? 717 VAL A CA  1 
ATOM   1053 C C   . VAL A 1 147 ? 9.271   -15.001 -4.343  1.00 21.58  ? 717 VAL A C   1 
ATOM   1054 O O   . VAL A 1 147 ? 9.424   -15.121 -3.121  1.00 20.42  ? 717 VAL A O   1 
ATOM   1055 C CB  . VAL A 1 147 ? 6.922   -15.232 -5.149  1.00 23.88  ? 717 VAL A CB  1 
ATOM   1056 C CG1 . VAL A 1 147 ? 6.557   -15.932 -3.838  1.00 25.07  ? 717 VAL A CG1 1 
ATOM   1057 C CG2 . VAL A 1 147 ? 5.716   -14.485 -5.707  1.00 27.72  ? 717 VAL A CG2 1 
ATOM   1058 N N   . GLU A 1 148 ? 10.122  -15.501 -5.227  1.00 20.23  ? 718 GLU A N   1 
ATOM   1059 C CA  . GLU A 1 148 ? 11.297  -16.249 -4.806  1.00 23.38  ? 718 GLU A CA  1 
ATOM   1060 C C   . GLU A 1 148 ? 12.274  -15.402 -3.990  1.00 21.44  ? 718 GLU A C   1 
ATOM   1061 O O   . GLU A 1 148 ? 13.033  -15.926 -3.180  1.00 21.07  ? 718 GLU A O   1 
ATOM   1062 C CB  . GLU A 1 148 ? 12.017  -16.820 -6.033  1.00 27.09  ? 718 GLU A CB  1 
ATOM   1063 C CG  . GLU A 1 148 ? 11.114  -17.627 -6.968  1.00 33.26  ? 718 GLU A CG  1 
ATOM   1064 C CD  . GLU A 1 148 ? 10.504  -16.783 -8.081  1.00 36.13  ? 718 GLU A CD  1 
ATOM   1065 O OE1 . GLU A 1 148 ? 9.889   -15.741 -7.779  1.00 38.26  ? 718 GLU A OE1 1 
ATOM   1066 O OE2 . GLU A 1 148 ? 10.638  -17.167 -9.265  1.00 39.43  ? 718 GLU A OE2 1 
ATOM   1067 N N   . GLN A 1 149 ? 12.251  -14.093 -4.198  1.00 21.11  ? 719 GLN A N   1 
ATOM   1068 C CA  . GLN A 1 149 ? 13.163  -13.205 -3.492  1.00 21.46  ? 719 GLN A CA  1 
ATOM   1069 C C   . GLN A 1 149 ? 12.608  -12.589 -2.219  1.00 19.52  ? 719 GLN A C   1 
ATOM   1070 O O   . GLN A 1 149 ? 13.341  -11.933 -1.483  1.00 19.09  ? 719 GLN A O   1 
ATOM   1071 C CB  . GLN A 1 149 ? 13.623  -12.090 -4.426  1.00 23.71  ? 719 GLN A CB  1 
ATOM   1072 C CG  . GLN A 1 149 ? 14.527  -12.555 -5.544  1.00 27.90  ? 719 GLN A CG  1 
ATOM   1073 C CD  . GLN A 1 149 ? 14.421  -11.670 -6.768  1.00 30.25  ? 719 GLN A CD  1 
ATOM   1074 O OE1 . GLN A 1 149 ? 14.404  -10.441 -6.666  1.00 31.74  ? 719 GLN A OE1 1 
ATOM   1075 N NE2 . GLN A 1 149 ? 14.355  -12.291 -7.937  1.00 33.81  ? 719 GLN A NE2 1 
ATOM   1076 N N   . TRP A 1 150 ? 11.319  -12.788 -1.961  1.00 19.23  ? 720 TRP A N   1 
ATOM   1077 C CA  . TRP A 1 150 ? 10.696  -12.228 -0.763  1.00 16.23  ? 720 TRP A CA  1 
ATOM   1078 C C   . TRP A 1 150 ? 11.460  -12.651 0.496   1.00 16.34  ? 720 TRP A C   1 
ATOM   1079 O O   . TRP A 1 150 ? 11.833  -13.814 0.640   1.00 16.72  ? 720 TRP A O   1 
ATOM   1080 C CB  . TRP A 1 150 ? 9.240   -12.693 -0.665  1.00 14.61  ? 720 TRP A CB  1 
ATOM   1081 C CG  . TRP A 1 150 ? 8.346   -12.160 -1.746  1.00 13.97  ? 720 TRP A CG  1 
ATOM   1082 C CD1 . TRP A 1 150 ? 8.728   -11.500 -2.878  1.00 14.62  ? 720 TRP A CD1 1 
ATOM   1083 C CD2 . TRP A 1 150 ? 6.917   -12.269 -1.810  1.00 13.65  ? 720 TRP A CD2 1 
ATOM   1084 N NE1 . TRP A 1 150 ? 7.626   -11.191 -3.643  1.00 13.50  ? 720 TRP A NE1 1 
ATOM   1085 C CE2 . TRP A 1 150 ? 6.502   -11.654 -3.011  1.00 13.52  ? 720 TRP A CE2 1 
ATOM   1086 C CE3 . TRP A 1 150 ? 5.945   -12.830 -0.968  1.00 13.72  ? 720 TRP A CE3 1 
ATOM   1087 C CZ2 . TRP A 1 150 ? 5.158   -11.582 -3.392  1.00 12.37  ? 720 TRP A CZ2 1 
ATOM   1088 C CZ3 . TRP A 1 150 ? 4.611   -12.758 -1.348  1.00 12.20  ? 720 TRP A CZ3 1 
ATOM   1089 C CH2 . TRP A 1 150 ? 4.231   -12.140 -2.549  1.00 11.47  ? 720 TRP A CH2 1 
ATOM   1090 N N   . GLY A 1 151 ? 11.709  -11.707 1.399   1.00 15.47  ? 721 GLY A N   1 
ATOM   1091 C CA  . GLY A 1 151 ? 12.413  -12.043 2.626   1.00 14.89  ? 721 GLY A CA  1 
ATOM   1092 C C   . GLY A 1 151 ? 13.875  -11.656 2.615   1.00 14.94  ? 721 GLY A C   1 
ATOM   1093 O O   . GLY A 1 151 ? 14.507  -11.573 3.666   1.00 13.46  ? 721 GLY A O   1 
ATOM   1094 N N   . ASN A 1 152 ? 14.408  -11.429 1.419   1.00 15.38  ? 722 ASN A N   1 
ATOM   1095 C CA  . ASN A 1 152 ? 15.795  -11.022 1.232   1.00 16.36  ? 722 ASN A CA  1 
ATOM   1096 C C   . ASN A 1 152 ? 15.804  -10.083 0.027   1.00 16.63  ? 722 ASN A C   1 
ATOM   1097 O O   . ASN A 1 152 ? 16.552  -10.273 -0.929  1.00 15.64  ? 722 ASN A O   1 
ATOM   1098 C CB  . ASN A 1 152 ? 16.667  -12.253 0.971   1.00 18.39  ? 722 ASN A CB  1 
ATOM   1099 C CG  . ASN A 1 152 ? 18.125  -11.901 0.702   1.00 20.10  ? 722 ASN A CG  1 
ATOM   1100 O OD1 . ASN A 1 152 ? 18.720  -11.066 1.390   1.00 22.24  ? 722 ASN A OD1 1 
ATOM   1101 N ND2 . ASN A 1 152 ? 18.713  -12.556 -0.291  1.00 21.18  ? 722 ASN A ND2 1 
ATOM   1102 N N   . LEU A 1 153 ? 14.953  -9.062  0.091   1.00 17.41  ? 723 LEU A N   1 
ATOM   1103 C CA  . LEU A 1 153 ? 14.807  -8.086  -0.988  1.00 17.10  ? 723 LEU A CA  1 
ATOM   1104 C C   . LEU A 1 153 ? 15.789  -6.918  -0.879  1.00 19.56  ? 723 LEU A C   1 
ATOM   1105 O O   . LEU A 1 153 ? 16.078  -6.292  -1.926  1.00 19.65  ? 723 LEU A O   1 
ATOM   1106 C CB  . LEU A 1 153 ? 13.368  -7.568  -1.000  1.00 17.49  ? 723 LEU A CB  1 
ATOM   1107 C CG  . LEU A 1 153 ? 12.457  -7.830  -2.204  1.00 18.41  ? 723 LEU A CG  1 
ATOM   1108 C CD1 . LEU A 1 153 ? 12.783  -9.147  -2.879  1.00 16.84  ? 723 LEU A CD1 1 
ATOM   1109 C CD2 . LEU A 1 153 ? 11.013  -7.804  -1.726  1.00 17.46  ? 723 LEU A CD2 1 
ATOM   1110 O OXT . LEU A 1 153 ? 16.247  -6.627  0.250   1.00 21.62  ? 723 LEU A OXT 1 
ATOM   1111 N N   . ASP B 2 4   ? -9.879  -14.462 -10.487 1.00 20.67  ? -1  ASP B N   1 
ATOM   1112 C CA  . ASP B 2 4   ? -10.748 -14.696 -9.293  1.00 20.07  ? -1  ASP B CA  1 
ATOM   1113 C C   . ASP B 2 4   ? -10.084 -14.033 -8.089  1.00 18.83  ? -1  ASP B C   1 
ATOM   1114 O O   . ASP B 2 4   ? -9.081  -14.529 -7.573  1.00 16.73  ? -1  ASP B O   1 
ATOM   1115 C CB  . ASP B 2 4   ? -10.931 -16.210 -9.062  1.00 20.59  ? -1  ASP B CB  1 
ATOM   1116 C CG  . ASP B 2 4   ? -12.037 -16.536 -8.046  1.00 23.64  ? -1  ASP B CG  1 
ATOM   1117 O OD1 . ASP B 2 4   ? -12.790 -15.626 -7.633  1.00 24.26  ? -1  ASP B OD1 1 
ATOM   1118 O OD2 . ASP B 2 4   ? -12.163 -17.719 -7.663  1.00 23.96  ? -1  ASP B OD2 1 
ATOM   1119 N N   . PHE B 2 5   ? -10.643 -12.898 -7.669  1.00 17.55  ? 0   PHE B N   1 
ATOM   1120 C CA  . PHE B 2 5   ? -10.131 -12.130 -6.536  1.00 19.40  ? 0   PHE B CA  1 
ATOM   1121 C C   . PHE B 2 5   ? -10.988 -12.275 -5.288  1.00 19.83  ? 0   PHE B C   1 
ATOM   1122 O O   . PHE B 2 5   ? -12.140 -12.698 -5.352  1.00 21.55  ? 0   PHE B O   1 
ATOM   1123 C CB  . PHE B 2 5   ? -10.064 -10.640 -6.873  1.00 17.80  ? 0   PHE B CB  1 
ATOM   1124 C CG  . PHE B 2 5   ? -8.880  -10.255 -7.701  1.00 20.65  ? 0   PHE B CG  1 
ATOM   1125 C CD1 . PHE B 2 5   ? -8.803  -10.613 -9.040  1.00 20.70  ? 0   PHE B CD1 1 
ATOM   1126 C CD2 . PHE B 2 5   ? -7.834  -9.525  -7.136  1.00 20.26  ? 0   PHE B CD2 1 
ATOM   1127 C CE1 . PHE B 2 5   ? -7.699  -10.251 -9.812  1.00 22.45  ? 0   PHE B CE1 1 
ATOM   1128 C CE2 . PHE B 2 5   ? -6.728  -9.159  -7.896  1.00 21.93  ? 0   PHE B CE2 1 
ATOM   1129 C CZ  . PHE B 2 5   ? -6.660  -9.523  -9.239  1.00 23.77  ? 0   PHE B CZ  1 
ATOM   1130 N N   . GLY B 2 6   ? -10.413 -11.918 -4.145  1.00 20.13  ? 1   GLY B N   1 
ATOM   1131 C CA  . GLY B 2 6   ? -11.156 -11.981 -2.903  1.00 21.11  ? 1   GLY B CA  1 
ATOM   1132 C C   . GLY B 2 6   ? -11.873 -10.653 -2.761  1.00 22.03  ? 1   GLY B C   1 
ATOM   1133 O O   . GLY B 2 6   ? -11.853 -9.845  -3.691  1.00 20.81  ? 1   GLY B O   1 
ATOM   1134 N N   . PRO B 2 7   ? -12.505 -10.380 -1.614  1.00 23.54  ? 2   PRO B N   1 
ATOM   1135 C CA  . PRO B 2 7   ? -13.212 -9.105  -1.440  1.00 22.87  ? 2   PRO B CA  1 
ATOM   1136 C C   . PRO B 2 7   ? -12.254 -7.950  -1.160  1.00 22.01  ? 2   PRO B C   1 
ATOM   1137 O O   . PRO B 2 7   ? -11.070 -8.161  -0.884  1.00 19.55  ? 2   PRO B O   1 
ATOM   1138 C CB  . PRO B 2 7   ? -14.103 -9.382  -0.243  1.00 23.18  ? 2   PRO B CB  1 
ATOM   1139 C CG  . PRO B 2 7   ? -13.186 -10.223 0.617   1.00 24.61  ? 2   PRO B CG  1 
ATOM   1140 C CD  . PRO B 2 7   ? -12.592 -11.200 -0.392  1.00 24.40  ? 2   PRO B CD  1 
ATOM   1141 N N   . LEU B 2 8   ? -12.770 -6.727  -1.244  1.00 20.26  ? 3   LEU B N   1 
ATOM   1142 C CA  . LEU B 2 8   ? -11.955 -5.565  -0.935  1.00 20.49  ? 3   LEU B CA  1 
ATOM   1143 C C   . LEU B 2 8   ? -11.682 -5.667  0.558   1.00 20.58  ? 3   LEU B C   1 
ATOM   1144 O O   . LEU B 2 8   ? -12.544 -6.108  1.325   1.00 20.90  ? 3   LEU B O   1 
ATOM   1145 C CB  . LEU B 2 8   ? -12.721 -4.269  -1.199  1.00 20.80  ? 3   LEU B CB  1 
ATOM   1146 C CG  . LEU B 2 8   ? -12.502 -3.518  -2.510  1.00 19.20  ? 3   LEU B CG  1 
ATOM   1147 C CD1 . LEU B 2 8   ? -13.355 -2.244  -2.498  1.00 16.52  ? 3   LEU B CD1 1 
ATOM   1148 C CD2 . LEU B 2 8   ? -11.030 -3.173  -2.663  1.00 16.44  ? 3   LEU B CD2 1 
ATOM   1149 N N   . VAL B 2 9   ? -10.484 -5.275  0.967   1.00 20.20  ? 4   VAL B N   1 
ATOM   1150 C CA  . VAL B 2 9   ? -10.118 -5.313  2.372   1.00 20.91  ? 4   VAL B CA  1 
ATOM   1151 C C   . VAL B 2 9   ? -9.581  -3.958  2.784   1.00 20.70  ? 4   VAL B C   1 
ATOM   1152 O O   . VAL B 2 9   ? -8.828  -3.325  2.044   1.00 21.26  ? 4   VAL B O   1 
ATOM   1153 C CB  . VAL B 2 9   ? -9.060  -6.411  2.640   1.00 22.48  ? 4   VAL B CB  1 
ATOM   1154 C CG1 . VAL B 2 9   ? -8.305  -6.133  3.927   1.00 23.00  ? 4   VAL B CG1 1 
ATOM   1155 C CG2 . VAL B 2 9   ? -9.752  -7.754  2.748   1.00 21.95  ? 4   VAL B CG2 1 
ATOM   1156 N N   . GLY B 2 10  ? -9.984  -3.510  3.967   1.00 21.75  ? 5   GLY B N   1 
ATOM   1157 C CA  . GLY B 2 10  ? -9.528  -2.226  4.458   1.00 20.49  ? 5   GLY B CA  1 
ATOM   1158 C C   . GLY B 2 10  ? -8.951  -2.398  5.841   1.00 20.69  ? 5   GLY B C   1 
ATOM   1159 O O   . GLY B 2 10  ? -9.025  -3.479  6.417   1.00 22.04  ? 5   GLY B O   1 
ATOM   1160 N N   . ALA B 2 11  ? -8.372  -1.341  6.386   1.00 21.54  ? 6   ALA B N   1 
ATOM   1161 C CA  . ALA B 2 11  ? -7.792  -1.435  7.717   1.00 22.93  ? 6   ALA B CA  1 
ATOM   1162 C C   . ALA B 2 11  ? -8.917  -1.607  8.740   1.00 23.14  ? 6   ALA B C   1 
ATOM   1163 O O   . ALA B 2 11  ? -10.087 -1.344  8.375   1.00 23.21  ? 6   ALA B O   1 
ATOM   1164 C CB  . ALA B 2 11  ? -6.976  -0.182  8.020   1.00 19.43  ? 6   ALA B CB  1 
HETATM 1165 O O   . HOH C 3 .   ? 5.295   10.094  -4.417  1.00 10.38  ? 1   HOH A O   1 
HETATM 1166 O O   . HOH C 3 .   ? 10.703  -9.118  1.173   1.00 14.97  ? 2   HOH A O   1 
HETATM 1167 O O   . HOH C 3 .   ? -0.676  13.216  -11.152 1.00 9.46   ? 3   HOH A O   1 
HETATM 1168 O O   . HOH C 3 .   ? -0.819  -18.118 -2.827  1.00 11.57  ? 4   HOH A O   1 
HETATM 1169 O O   . HOH C 3 .   ? 1.772   22.390  -6.230  1.00 6.55   ? 5   HOH A O   1 
HETATM 1170 O O   . HOH C 3 .   ? 3.895   8.469   -2.570  1.00 11.45  ? 6   HOH A O   1 
HETATM 1171 O O   . HOH C 3 .   ? -12.964 14.793  -4.687  1.00 16.77  ? 7   HOH A O   1 
HETATM 1172 O O   . HOH C 3 .   ? 12.965  -12.004 5.835   1.00 11.93  ? 8   HOH A O   1 
HETATM 1173 O O   . HOH C 3 .   ? 11.938  -5.281  6.382   1.00 12.38  ? 9   HOH A O   1 
HETATM 1174 O O   . HOH C 3 .   ? -9.847  12.941  7.073   1.00 19.26  ? 10  HOH A O   1 
HETATM 1175 O O   . HOH C 3 .   ? -3.957  15.946  -5.092  1.00 8.99   ? 11  HOH A O   1 
HETATM 1176 O O   . HOH C 3 .   ? 3.277   0.981   12.532  1.00 13.08  ? 12  HOH A O   1 
HETATM 1177 O O   . HOH C 3 .   ? 10.197  -0.939  -3.400  1.00 11.26  ? 13  HOH A O   1 
HETATM 1178 O O   . HOH C 3 .   ? -11.598 3.008   -0.554  1.00 12.71  ? 14  HOH A O   1 
HETATM 1179 O O   . HOH C 3 .   ? -5.956  4.271   3.684   1.00 10.08  ? 15  HOH A O   1 
HETATM 1180 O O   . HOH C 3 .   ? 4.761   20.575  1.206   1.00 21.30  ? 16  HOH A O   1 
HETATM 1181 O O   . HOH C 3 .   ? 9.434   -6.366  6.751   1.00 15.29  ? 17  HOH A O   1 
HETATM 1182 O O   . HOH C 3 .   ? 0.399   1.217   8.627   1.00 15.57  ? 18  HOH A O   1 
HETATM 1183 O O   . HOH C 3 .   ? -7.795  -12.828 -1.243  1.00 12.71  ? 19  HOH A O   1 
HETATM 1184 O O   . HOH C 3 .   ? -5.439  6.830   4.783   1.00 15.61  ? 21  HOH A O   1 
HETATM 1185 O O   . HOH C 3 .   ? 0.909   -0.010  11.229  1.00 17.98  ? 22  HOH A O   1 
HETATM 1186 O O   . HOH C 3 .   ? 16.873  -10.715 4.770   1.00 18.76  ? 23  HOH A O   1 
HETATM 1187 O O   . HOH C 3 .   ? 5.971   1.816   -11.297 1.00 15.12  ? 24  HOH A O   1 
HETATM 1188 O O   . HOH C 3 .   ? 0.844   -10.927 16.671  1.00 14.33  ? 25  HOH A O   1 
HETATM 1189 O O   . HOH C 3 .   ? 5.982   1.779   14.114  1.00 23.97  ? 26  HOH A O   1 
HETATM 1190 O O   . HOH C 3 .   ? 1.415   -17.415 -11.427 1.00 19.46  ? 27  HOH A O   1 
HETATM 1191 O O   . HOH C 3 .   ? -18.611 14.776  1.536   1.00 13.73  ? 28  HOH A O   1 
HETATM 1192 O O   . HOH C 3 .   ? 1.691   18.083  0.617   1.00 23.65  ? 29  HOH A O   1 
HETATM 1193 O O   . HOH C 3 .   ? 2.189   3.583   8.844   1.00 17.27  ? 30  HOH A O   1 
HETATM 1194 O O   . HOH C 3 .   ? -14.236 4.330   1.182   1.00 19.04  ? 31  HOH A O   1 
HETATM 1195 O O   . HOH C 3 .   ? 10.773  4.109   -8.247  1.00 20.29  ? 32  HOH A O   1 
HETATM 1196 O O   . HOH C 3 .   ? -5.845  -8.735  11.551  1.00 20.05  ? 33  HOH A O   1 
HETATM 1197 O O   . HOH C 3 .   ? -7.478  -11.012 0.953   1.00 21.82  ? 34  HOH A O   1 
HETATM 1198 O O   . HOH C 3 .   ? -8.700  0.817   4.545   1.00 19.54  ? 36  HOH A O   1 
HETATM 1199 O O   . HOH C 3 .   ? -17.112 4.789   -3.727  1.00 22.56  ? 37  HOH A O   1 
HETATM 1200 O O   . HOH C 3 .   ? -14.497 9.744   0.533   1.00 20.78  ? 38  HOH A O   1 
HETATM 1201 O O   . HOH C 3 .   ? 7.285   4.618   -9.010  1.00 19.92  ? 39  HOH A O   1 
HETATM 1202 O O   . HOH C 3 .   ? -6.225  12.223  -7.139  1.00 13.65  ? 40  HOH A O   1 
HETATM 1203 O O   . HOH C 3 .   ? 2.582   13.275  -5.557  1.00 18.43  ? 41  HOH A O   1 
HETATM 1204 O O   . HOH C 3 .   ? 2.579   -0.119  14.900  1.00 33.55  ? 42  HOH A O   1 
HETATM 1205 O O   . HOH C 3 .   ? -12.041 17.298  3.228   1.00 22.32  ? 44  HOH A O   1 
HETATM 1206 O O   . HOH C 3 .   ? -13.886 -19.621 -4.635  1.00 18.89  ? 45  HOH A O   1 
HETATM 1207 O O   . HOH C 3 .   ? 18.387  -4.911  0.380   1.00 24.69  ? 46  HOH A O   1 
HETATM 1208 O O   . HOH C 3 .   ? 3.107   -21.162 -8.071  1.00 26.32  ? 47  HOH A O   1 
HETATM 1209 O O   . HOH C 3 .   ? -15.672 9.104   -1.885  1.00 27.03  ? 48  HOH A O   1 
HETATM 1210 O O   . HOH C 3 .   ? 8.333   -8.853  2.670   1.00 19.40  ? 49  HOH A O   1 
HETATM 1211 O O   . HOH C 3 .   ? -19.010 14.556  -4.937  1.00 22.41  ? 50  HOH A O   1 
HETATM 1212 O O   . HOH C 3 .   ? -10.879 4.706   -11.657 1.00 18.21  ? 51  HOH A O   1 
HETATM 1213 O O   . HOH C 3 .   ? 13.967  -2.124  -8.688  1.00 25.18  ? 52  HOH A O   1 
HETATM 1214 O O   . HOH C 3 .   ? 0.311   10.826  8.109   1.00 24.18  ? 53  HOH A O   1 
HETATM 1215 O O   . HOH C 3 .   ? 2.951   -9.360  -11.085 1.00 34.87  ? 54  HOH A O   1 
HETATM 1216 O O   . HOH C 3 .   ? 10.321  -16.007 1.412   1.00 19.92  ? 55  HOH A O   1 
HETATM 1217 O O   . HOH C 3 .   ? 12.048  0.408   -1.740  1.00 22.72  ? 56  HOH A O   1 
HETATM 1218 O O   . HOH C 3 .   ? -3.468  13.708  -13.599 1.00 29.61  ? 58  HOH A O   1 
HETATM 1219 O O   . HOH C 3 .   ? -11.973 -7.871  -7.393  1.00 20.89  ? 59  HOH A O   1 
HETATM 1220 O O   . HOH C 3 .   ? -10.037 18.748  1.705   1.00 31.66  ? 60  HOH A O   1 
HETATM 1221 O O   . HOH C 3 .   ? -7.194  2.790   5.504   1.00 23.50  ? 61  HOH A O   1 
HETATM 1222 O O   . HOH C 3 .   ? 1.967   13.247  -8.420  1.00 15.50  ? 62  HOH A O   1 
HETATM 1223 O O   . HOH C 3 .   ? 0.674   -16.626 11.459  1.00 25.90  ? 63  HOH A O   1 
HETATM 1224 O O   . HOH C 3 .   ? -6.180  -3.289  10.040  1.00 30.61  ? 64  HOH A O   1 
HETATM 1225 O O   . HOH C 3 .   ? 7.793   11.700  -5.159  1.00 28.91  ? 65  HOH A O   1 
HETATM 1226 O O   . HOH C 3 .   ? 5.363   -16.712 -9.369  1.00 32.87  ? 66  HOH A O   1 
HETATM 1227 O O   . HOH C 3 .   ? -3.046  6.391   -11.690 1.00 17.74  ? 67  HOH A O   1 
HETATM 1228 O O   . HOH C 3 .   ? -8.077  -21.085 7.011   1.00 41.30  ? 68  HOH A O   1 
HETATM 1229 O O   . HOH C 3 .   ? 4.868   26.170  3.661   1.00 102.92 ? 69  HOH A O   1 
HETATM 1230 O O   . HOH C 3 .   ? -1.886  -14.908 10.857  1.00 21.64  ? 70  HOH A O   1 
HETATM 1231 O O   . HOH C 3 .   ? 10.929  1.891   8.650   1.00 23.16  ? 72  HOH A O   1 
HETATM 1232 O O   . HOH C 3 .   ? 4.759   7.847   -11.257 1.00 32.20  ? 73  HOH A O   1 
HETATM 1233 O O   . HOH C 3 .   ? 1.086   -2.291  -12.103 1.00 21.11  ? 74  HOH A O   1 
HETATM 1234 O O   . HOH C 3 .   ? -10.216 8.610   6.007   1.00 30.16  ? 75  HOH A O   1 
HETATM 1235 O O   . HOH C 3 .   ? 5.116   -0.423  -12.343 1.00 49.80  ? 76  HOH A O   1 
HETATM 1236 O O   . HOH C 3 .   ? 7.398   -14.306 0.429   1.00 69.74  ? 78  HOH A O   1 
HETATM 1237 O O   . HOH C 3 .   ? 10.601  -2.852  -7.557  1.00 30.27  ? 79  HOH A O   1 
HETATM 1238 O O   . HOH C 3 .   ? -5.001  12.290  9.426   1.00 24.95  ? 80  HOH A O   1 
HETATM 1239 O O   . HOH C 3 .   ? -9.499  -2.525  -11.129 1.00 40.89  ? 81  HOH A O   1 
HETATM 1240 O O   . HOH C 3 .   ? 4.162   -11.068 -9.300  1.00 32.38  ? 82  HOH A O   1 
HETATM 1241 O O   . HOH C 3 .   ? 14.107  -11.184 8.399   1.00 26.27  ? 83  HOH A O   1 
HETATM 1242 O O   . HOH C 3 .   ? 4.944   14.522  5.743   1.00 65.24  ? 84  HOH A O   1 
HETATM 1243 O O   . HOH C 3 .   ? -5.358  0.010   -13.331 1.00 27.43  ? 85  HOH A O   1 
HETATM 1244 O O   . HOH C 3 .   ? 9.138   1.490   -10.254 1.00 43.96  ? 86  HOH A O   1 
HETATM 1245 O O   . HOH C 3 .   ? -5.696  18.260  -4.599  1.00 40.04  ? 87  HOH A O   1 
HETATM 1246 O O   . HOH C 3 .   ? -7.136  4.547   -10.805 1.00 34.27  ? 88  HOH A O   1 
HETATM 1247 O O   . HOH C 3 .   ? 5.628   -17.927 -0.659  1.00 30.05  ? 89  HOH A O   1 
HETATM 1248 O O   . HOH C 3 .   ? 12.222  -0.532  0.967   1.00 23.80  ? 90  HOH A O   1 
HETATM 1249 O O   . HOH C 3 .   ? 5.255   -19.831 11.608  1.00 38.49  ? 91  HOH A O   1 
HETATM 1250 O O   . HOH C 3 .   ? 2.114   11.374  -13.394 1.00 35.18  ? 92  HOH A O   1 
HETATM 1251 O O   . HOH C 3 .   ? 20.746  -6.395  -3.419  1.00 26.32  ? 93  HOH A O   1 
HETATM 1252 O O   . HOH C 3 .   ? -3.158  -5.525  12.800  1.00 30.98  ? 94  HOH A O   1 
HETATM 1253 O O   . HOH C 3 .   ? 17.934  -7.237  8.207   1.00 60.51  ? 95  HOH A O   1 
HETATM 1254 O O   . HOH C 3 .   ? 8.815   -22.098 0.556   1.00 33.63  ? 97  HOH A O   1 
HETATM 1255 O O   . HOH C 3 .   ? -18.387 15.692  5.715   1.00 27.50  ? 98  HOH A O   1 
HETATM 1256 O O   . HOH C 3 .   ? 7.637   -10.826 -9.538  1.00 41.91  ? 99  HOH A O   1 
HETATM 1257 O O   . HOH C 3 .   ? -6.452  -9.970  8.248   1.00 34.67  ? 100 HOH A O   1 
HETATM 1258 O O   . HOH C 3 .   ? 4.792   7.714   8.630   1.00 34.83  ? 101 HOH A O   1 
HETATM 1259 O O   . HOH C 3 .   ? 0.965   -19.259 5.092   1.00 37.09  ? 102 HOH A O   1 
HETATM 1260 O O   . HOH C 3 .   ? 9.049   21.260  -0.356  1.00 21.05  ? 105 HOH A O   1 
HETATM 1261 O O   . HOH C 3 .   ? -0.344  -8.835  -14.788 1.00 76.48  ? 106 HOH A O   1 
HETATM 1262 O O   . HOH C 3 .   ? 3.218   -2.872  -13.413 1.00 103.71 ? 107 HOH A O   1 
HETATM 1263 O O   . HOH C 3 .   ? 6.887   -13.947 -8.566  1.00 33.55  ? 108 HOH A O   1 
HETATM 1264 O O   . HOH C 3 .   ? -13.907 13.165  -8.444  1.00 42.80  ? 109 HOH A O   1 
HETATM 1265 O O   . HOH C 3 .   ? 10.051  1.324   18.569  1.00 35.96  ? 110 HOH A O   1 
HETATM 1266 O O   . HOH C 3 .   ? -3.696  -16.181 -8.562  1.00 27.38  ? 111 HOH A O   1 
HETATM 1267 O O   . HOH C 3 .   ? 13.801  -18.471 -2.881  1.00 46.93  ? 112 HOH A O   1 
HETATM 1268 O O   . HOH C 3 .   ? -13.341 -9.329  -11.743 1.00 33.82  ? 113 HOH A O   1 
HETATM 1269 O O   . HOH C 3 .   ? -12.330 0.143   -1.454  1.00 122.06 ? 114 HOH A O   1 
HETATM 1270 O O   . HOH C 3 .   ? -1.925  -18.729 7.432   1.00 37.07  ? 115 HOH A O   1 
HETATM 1271 O O   . HOH C 3 .   ? -5.032  24.532  -0.587  1.00 32.20  ? 116 HOH A O   1 
HETATM 1272 O O   . HOH C 3 .   ? 5.613   -8.760  12.650  1.00 34.87  ? 117 HOH A O   1 
HETATM 1273 O O   . HOH C 3 .   ? 5.102   -11.700 -14.064 1.00 63.73  ? 118 HOH A O   1 
HETATM 1274 O O   . HOH C 3 .   ? 19.118  -8.629  -1.380  1.00 41.81  ? 119 HOH A O   1 
HETATM 1275 O O   . HOH C 3 .   ? 2.843   -0.639  -10.427 1.00 26.81  ? 120 HOH A O   1 
HETATM 1276 O O   . HOH C 3 .   ? -4.713  0.851   2.179   1.00 132.23 ? 121 HOH A O   1 
HETATM 1277 O O   . HOH C 3 .   ? -1.985  12.431  7.578   1.00 23.01  ? 122 HOH A O   1 
HETATM 1278 O O   . HOH C 3 .   ? -9.308  -4.337  -13.135 1.00 36.60  ? 123 HOH A O   1 
HETATM 1279 O O   . HOH C 3 .   ? 18.374  0.512   -5.022  1.00 37.69  ? 124 HOH A O   1 
HETATM 1280 O O   . HOH C 3 .   ? -7.607  17.865  -12.719 1.00 44.16  ? 125 HOH A O   1 
HETATM 1281 O O   . HOH C 3 .   ? -10.666 13.780  -8.014  1.00 34.48  ? 126 HOH A O   1 
HETATM 1282 O O   . HOH C 3 .   ? 1.197   2.628   -4.295  1.00 154.20 ? 127 HOH A O   1 
HETATM 1283 O O   . HOH C 3 .   ? -8.058  15.589  -7.474  1.00 38.00  ? 128 HOH A O   1 
HETATM 1284 O O   . HOH C 3 .   ? -12.305 11.053  -9.522  1.00 38.64  ? 129 HOH A O   1 
HETATM 1285 O O   . HOH C 3 .   ? -0.662  3.327   11.554  1.00 40.69  ? 130 HOH A O   1 
HETATM 1286 O O   . HOH C 3 .   ? -11.820 17.078  -8.834  1.00 44.04  ? 131 HOH A O   1 
HETATM 1287 O O   . HOH C 3 .   ? 14.619  -8.345  12.243  1.00 58.68  ? 132 HOH A O   1 
HETATM 1288 O O   . HOH C 3 .   ? 3.269   -3.163  -7.236  1.00 93.66  ? 133 HOH A O   1 
HETATM 1289 O O   . HOH C 3 .   ? 9.182   -7.880  9.076   1.00 27.51  ? 134 HOH A O   1 
HETATM 1290 O O   . HOH C 3 .   ? 15.114  -6.316  -4.417  1.00 27.08  ? 135 HOH A O   1 
HETATM 1291 O O   . HOH C 3 .   ? 16.517  -5.131  -6.561  1.00 42.08  ? 136 HOH A O   1 
HETATM 1292 O O   . HOH C 3 .   ? 7.925   -17.751 -9.430  1.00 42.35  ? 137 HOH A O   1 
HETATM 1293 O O   . HOH C 3 .   ? 1.209   9.334   12.736  1.00 41.93  ? 138 HOH A O   1 
HETATM 1294 O O   . HOH C 3 .   ? -7.595  -9.920  -13.711 1.00 41.94  ? 139 HOH A O   1 
HETATM 1295 O O   . HOH C 3 .   ? -15.553 15.581  3.655   1.00 32.80  ? 140 HOH A O   1 
HETATM 1296 O O   . HOH C 3 .   ? 18.016  -8.486  1.180   1.00 33.24  ? 141 HOH A O   1 
HETATM 1297 O O   . HOH C 3 .   ? -13.011 15.346  4.810   1.00 42.56  ? 142 HOH A O   1 
HETATM 1298 O O   . HOH C 3 .   ? 4.639   -19.688 5.944   1.00 51.27  ? 143 HOH A O   1 
HETATM 1299 O O   . HOH C 3 .   ? -2.781  2.566   -11.699 1.00 46.86  ? 144 HOH A O   1 
HETATM 1300 O O   . HOH C 3 .   ? 5.485   -8.425  -11.204 1.00 43.89  ? 145 HOH A O   1 
HETATM 1301 O O   . HOH C 3 .   ? -13.142 4.749   -3.977  1.00 102.75 ? 146 HOH A O   1 
HETATM 1302 O O   . HOH C 3 .   ? 11.075  22.272  3.443   1.00 39.61  ? 148 HOH A O   1 
HETATM 1303 O O   . HOH C 3 .   ? -15.901 2.477   0.259   1.00 37.72  ? 149 HOH A O   1 
HETATM 1304 O O   . HOH C 3 .   ? -13.269 11.231  6.497   1.00 57.91  ? 150 HOH A O   1 
HETATM 1305 O O   . HOH C 3 .   ? 18.472  -0.079  0.670   1.00 31.78  ? 151 HOH A O   1 
HETATM 1306 O O   . HOH C 3 .   ? -0.140  6.936   13.307  1.00 51.83  ? 153 HOH A O   1 
HETATM 1307 O O   . HOH C 3 .   ? -15.408 -1.304  0.124   1.00 34.25  ? 154 HOH A O   1 
HETATM 1308 O O   . HOH C 3 .   ? 21.052  -5.638  2.937   1.00 55.32  ? 155 HOH A O   1 
HETATM 1309 O O   . HOH C 3 .   ? 8.732   -16.991 -0.922  1.00 40.73  ? 156 HOH A O   1 
HETATM 1310 O O   . HOH C 3 .   ? 20.403  -9.505  5.930   1.00 42.62  ? 157 HOH A O   1 
HETATM 1311 O O   . HOH C 3 .   ? 1.794   24.482  -4.373  1.00 23.86  ? 158 HOH A O   1 
HETATM 1312 O O   . HOH C 3 .   ? -10.283 20.932  -2.795  1.00 52.22  ? 159 HOH A O   1 
HETATM 1313 O O   . HOH C 3 .   ? 10.992  -20.238 -2.864  1.00 52.60  ? 160 HOH A O   1 
HETATM 1314 O O   . HOH C 3 .   ? 6.172   25.665  8.404   1.00 47.13  ? 161 HOH A O   1 
HETATM 1315 O O   . HOH C 3 .   ? -2.427  -12.199 -9.030  1.00 55.91  ? 162 HOH A O   1 
HETATM 1316 O O   . HOH C 3 .   ? -3.557  -20.179 -0.519  1.00 24.64  ? 163 HOH A O   1 
HETATM 1317 O O   . HOH C 3 .   ? 13.284  -1.103  14.590  1.00 51.39  ? 164 HOH A O   1 
HETATM 1318 O O   . HOH C 3 .   ? 6.821   3.684   -6.391  1.00 183.09 ? 165 HOH A O   1 
HETATM 1319 O O   . HOH C 3 .   ? -5.237  18.441  4.775   1.00 46.08  ? 166 HOH A O   1 
HETATM 1320 O O   . HOH C 3 .   ? -8.231  -17.685 7.628   1.00 49.46  ? 167 HOH A O   1 
HETATM 1321 O O   . HOH C 3 .   ? -13.591 -3.586  3.224   1.00 35.74  ? 168 HOH A O   1 
HETATM 1322 O O   . HOH C 3 .   ? 1.923   -13.949 14.459  1.00 44.27  ? 169 HOH A O   1 
HETATM 1323 O O   . HOH C 3 .   ? 0.009   23.998  3.156   1.00 45.04  ? 171 HOH A O   1 
HETATM 1324 O O   . HOH C 3 .   ? -7.915  -15.128 6.589   1.00 83.74  ? 172 HOH A O   1 
HETATM 1325 O O   . HOH C 3 .   ? 11.001  -10.617 -4.441  1.00 102.75 ? 173 HOH A O   1 
HETATM 1326 O O   . HOH C 3 .   ? 4.701   -5.749  -16.359 1.00 55.75  ? 174 HOH A O   1 
HETATM 1327 O O   . HOH C 3 .   ? -13.791 5.619   -10.631 1.00 38.19  ? 175 HOH A O   1 
HETATM 1328 O O   . HOH C 3 .   ? -0.763  16.450  5.782   1.00 45.97  ? 176 HOH A O   1 
HETATM 1329 O O   . HOH C 3 .   ? -2.336  -14.539 -10.017 1.00 38.45  ? 177 HOH A O   1 
HETATM 1330 O O   . HOH C 3 .   ? -8.680  1.870   -13.482 1.00 46.52  ? 178 HOH A O   1 
HETATM 1331 O O   . HOH C 3 .   ? 2.063   -2.255  -15.658 1.00 59.55  ? 179 HOH A O   1 
HETATM 1332 O O   . HOH C 3 .   ? 12.112  0.812   5.254   1.00 46.20  ? 180 HOH A O   1 
HETATM 1333 O O   . HOH C 3 .   ? -3.169  15.353  -0.457  1.00 114.19 ? 181 HOH A O   1 
HETATM 1334 O O   . HOH C 3 .   ? -7.543  -21.113 3.286   1.00 49.11  ? 182 HOH A O   1 
HETATM 1335 O O   . HOH C 3 .   ? 5.106   -12.616 12.343  1.00 38.62  ? 183 HOH A O   1 
HETATM 1336 O O   . HOH C 3 .   ? 11.476  -11.529 10.301  1.00 43.11  ? 184 HOH A O   1 
HETATM 1337 O O   . HOH C 3 .   ? -1.970  8.688   -5.006  1.00 160.07 ? 185 HOH A O   1 
HETATM 1338 O O   . HOH C 3 .   ? 8.506   -8.820  -2.956  1.00 140.09 ? 186 HOH A O   1 
HETATM 1339 O O   . HOH C 3 .   ? 9.383   -8.800  -10.527 1.00 94.44  ? 187 HOH A O   1 
HETATM 1340 O O   . HOH C 3 .   ? 6.760   -5.579  -0.254  1.00 135.22 ? 188 HOH A O   1 
HETATM 1341 O O   . HOH C 3 .   ? -4.706  -11.893 -15.717 1.00 49.91  ? 189 HOH A O   1 
HETATM 1342 O O   . HOH C 3 .   ? -6.833  -16.648 0.842   1.00 45.49  ? 190 HOH A O   1 
HETATM 1343 O O   . HOH C 3 .   ? -10.212 -17.479 -0.754  1.00 42.66  ? 191 HOH A O   1 
HETATM 1344 O O   . HOH C 3 .   ? 14.313  -8.563  -8.675  1.00 45.45  ? 192 HOH A O   1 
HETATM 1345 O O   . HOH C 3 .   ? -8.323  -18.457 4.083   1.00 49.61  ? 193 HOH A O   1 
HETATM 1346 O O   . HOH C 3 .   ? 13.497  1.062   10.274  1.00 68.62  ? 194 HOH A O   1 
HETATM 1347 O O   . HOH C 3 .   ? 1.637   -12.484 -1.200  1.00 120.66 ? 195 HOH A O   1 
HETATM 1348 O O   . HOH C 3 .   ? 2.642   20.463  4.022   1.00 67.20  ? 196 HOH A O   1 
HETATM 1349 O O   . HOH C 3 .   ? -2.862  -14.998 4.892   1.00 100.08 ? 197 HOH A O   1 
HETATM 1350 O O   . HOH C 3 .   ? -0.069  -4.678  6.859   1.00 153.61 ? 198 HOH A O   1 
HETATM 1351 O O   . HOH C 3 .   ? 18.180  -7.368  -3.706  1.00 48.04  ? 199 HOH A O   1 
HETATM 1352 O O   . HOH C 3 .   ? -8.773  10.134  10.801  1.00 45.72  ? 200 HOH A O   1 
HETATM 1353 O O   . HOH C 3 .   ? -9.300  14.928  -12.741 1.00 39.36  ? 201 HOH A O   1 
HETATM 1354 O O   . HOH C 3 .   ? -8.600  12.557  -9.135  1.00 48.86  ? 202 HOH A O   1 
HETATM 1355 O O   . HOH C 3 .   ? 2.400   -13.739 -16.051 1.00 53.91  ? 203 HOH A O   1 
HETATM 1356 O O   . HOH C 3 .   ? -7.996  17.997  10.051  1.00 57.02  ? 204 HOH A O   1 
HETATM 1357 O O   . HOH C 3 .   ? -10.230 10.479  -12.262 1.00 43.24  ? 205 HOH A O   1 
HETATM 1358 O O   . HOH C 3 .   ? -7.363  1.302   -3.414  1.00 178.56 ? 206 HOH A O   1 
HETATM 1359 O O   . HOH C 3 .   ? 0.305   2.021   -12.527 1.00 56.81  ? 207 HOH A O   1 
HETATM 1360 O O   . HOH C 3 .   ? -8.578  8.829   -14.220 1.00 55.30  ? 208 HOH A O   1 
HETATM 1361 O O   . HOH C 3 .   ? 13.669  -5.100  12.924  1.00 44.09  ? 209 HOH A O   1 
HETATM 1362 O O   . HOH D 3 .   ? -6.941  -5.313  6.567   1.00 15.18  ? 20  HOH B O   1 
HETATM 1363 O O   . HOH D 3 .   ? -8.914  -9.834  -1.329  1.00 15.84  ? 35  HOH B O   1 
HETATM 1364 O O   . HOH D 3 .   ? -9.359  -1.175  12.352  1.00 33.07  ? 43  HOH B O   1 
HETATM 1365 O O   . HOH D 3 .   ? -7.829  -13.737 -12.373 1.00 34.56  ? 57  HOH B O   1 
HETATM 1366 O O   . HOH D 3 .   ? -9.630  -3.954  11.481  1.00 44.02  ? 71  HOH B O   1 
HETATM 1367 O O   . HOH D 3 .   ? -6.842  -15.856 -9.420  1.00 23.52  ? 77  HOH B O   1 
HETATM 1368 O O   . HOH D 3 .   ? -12.906 -7.713  -4.950  1.00 38.27  ? 96  HOH B O   1 
HETATM 1369 O O   . HOH D 3 .   ? -15.160 -5.809  1.788   1.00 35.72  ? 103 HOH B O   1 
HETATM 1370 O O   . HOH D 3 .   ? -13.013 -8.114  3.419   1.00 32.32  ? 104 HOH B O   1 
HETATM 1371 O O   . HOH D 3 .   ? -11.950 0.695   8.933   1.00 48.87  ? 147 HOH B O   1 
HETATM 1372 O O   . HOH D 3 .   ? -10.464 -5.037  8.071   1.00 39.02  ? 152 HOH B O   1 
HETATM 1373 O O   . HOH D 3 .   ? -9.796  1.203   7.216   1.00 69.56  ? 170 HOH B O   1 
# 
